data_2V1L
# 
_entry.id   2V1L 
# 
_audit_conform.dict_name       mmcif_pdbx.dic 
_audit_conform.dict_version    5.391 
_audit_conform.dict_location   http://mmcif.pdb.org/dictionaries/ascii/mmcif_pdbx.dic 
# 
loop_
_database_2.database_id 
_database_2.database_code 
_database_2.pdbx_database_accession 
_database_2.pdbx_DOI 
PDB   2V1L         pdb_00002v1l 10.2210/pdb2v1l/pdb 
PDBE  EBI-32671    ?            ?                   
WWPDB D_1290032671 ?            ?                   
# 
loop_
_pdbx_audit_revision_history.ordinal 
_pdbx_audit_revision_history.data_content_type 
_pdbx_audit_revision_history.major_revision 
_pdbx_audit_revision_history.minor_revision 
_pdbx_audit_revision_history.revision_date 
1 'Structure model' 1 0 2007-07-24 
2 'Structure model' 1 1 2011-05-08 
3 'Structure model' 1 2 2011-07-13 
4 'Structure model' 1 3 2024-05-08 
# 
_pdbx_audit_revision_details.ordinal             1 
_pdbx_audit_revision_details.revision_ordinal    1 
_pdbx_audit_revision_details.data_content_type   'Structure model' 
_pdbx_audit_revision_details.provider            repository 
_pdbx_audit_revision_details.type                'Initial release' 
_pdbx_audit_revision_details.description         ? 
_pdbx_audit_revision_details.details             ? 
# 
loop_
_pdbx_audit_revision_group.ordinal 
_pdbx_audit_revision_group.revision_ordinal 
_pdbx_audit_revision_group.data_content_type 
_pdbx_audit_revision_group.group 
1 2 'Structure model' 'Version format compliance' 
2 3 'Structure model' 'Version format compliance' 
3 4 'Structure model' 'Data collection'           
4 4 'Structure model' 'Database references'       
5 4 'Structure model' Other                       
# 
loop_
_pdbx_audit_revision_category.ordinal 
_pdbx_audit_revision_category.revision_ordinal 
_pdbx_audit_revision_category.data_content_type 
_pdbx_audit_revision_category.category 
1 4 'Structure model' chem_comp_atom       
2 4 'Structure model' chem_comp_bond       
3 4 'Structure model' database_2           
4 4 'Structure model' pdbx_database_status 
# 
loop_
_pdbx_audit_revision_item.ordinal 
_pdbx_audit_revision_item.revision_ordinal 
_pdbx_audit_revision_item.data_content_type 
_pdbx_audit_revision_item.item 
1 4 'Structure model' '_database_2.pdbx_DOI'                 
2 4 'Structure model' '_database_2.pdbx_database_accession'  
3 4 'Structure model' '_pdbx_database_status.status_code_sf' 
# 
_pdbx_database_status.status_code                     REL 
_pdbx_database_status.entry_id                        2V1L 
_pdbx_database_status.deposit_site                    PDBE 
_pdbx_database_status.process_site                    PDBE 
_pdbx_database_status.SG_entry                        . 
_pdbx_database_status.recvd_initial_deposition_date   2007-05-25 
_pdbx_database_status.pdb_format_compatible           Y 
_pdbx_database_status.status_code_sf                  REL 
_pdbx_database_status.status_code_mr                  ? 
_pdbx_database_status.status_code_cs                  ? 
_pdbx_database_status.methods_development_category    ? 
_pdbx_database_status.status_code_nmr_data            ? 
# 
loop_
_audit_author.name 
_audit_author.pdbx_ordinal 
'Sheikh, M.A.'  1 
'Potter, J.A.'  2 
'Johnson, K.A.' 3 
'Boyd, E.F.'    4 
'Taylor, G.L.'  5 
# 
_citation.id                        primary 
_citation.title                     
;Crystal Structure of Vc1805, a Conserved Hypothetical Protein from a Vibrio Cholerae Pathogenicity Island, Reveals Homology to Human P32.
;
_citation.journal_abbrev            Proteins 
_citation.journal_volume            71 
_citation.page_first                1563 
_citation.page_last                 ? 
_citation.year                      2008 
_citation.journal_id_ASTM           PSFGEY 
_citation.country                   US 
_citation.journal_id_ISSN           0887-3585 
_citation.journal_id_CSD            0867 
_citation.book_publisher            ? 
_citation.pdbx_database_id_PubMed   18300248 
_citation.pdbx_database_id_DOI      10.1002/PROT.21993 
# 
loop_
_citation_author.citation_id 
_citation_author.name 
_citation_author.ordinal 
_citation_author.identifier_ORCID 
primary 'Sheikh, M.A.'  1 ? 
primary 'Potter, J.A.'  2 ? 
primary 'Johnson, K.A.' 3 ? 
primary 'Sim, R.B.'     4 ? 
primary 'Boyd, E.F.'    5 ? 
primary 'Taylor, G.L.'  6 ? 
# 
loop_
_entity.id 
_entity.type 
_entity.src_method 
_entity.pdbx_description 
_entity.formula_weight 
_entity.pdbx_number_of_molecules 
_entity.pdbx_ec 
_entity.pdbx_mutation 
_entity.pdbx_fragment 
_entity.details 
1 polymer man 'HYPOTHETICAL PROTEIN' 16846.613 1  ? ? ? ? 
2 water   nat water                  18.015    35 ? ? ? ? 
# 
_entity_name_com.entity_id   1 
_entity_name_com.name        'HYPOTHETICAL PROTEIN VC1805' 
# 
_entity_poly.entity_id                      1 
_entity_poly.type                           'polypeptide(L)' 
_entity_poly.nstd_linkage                   no 
_entity_poly.nstd_monomer                   no 
_entity_poly.pdbx_seq_one_letter_code       
;MSNILFKPTHLPISKPFHALLANILSEHQAKSEVQATSKEVVMNFRDSSYSAEDGGFHPVEIALSQSSDGQWCIEYITDF
AYVGNHFPELERCLDFDFQRGDFFTAYHGWNPIVGNRDARELYQLWESNFLAYVATEAFDDISLTSAP
;
_entity_poly.pdbx_seq_one_letter_code_can   
;MSNILFKPTHLPISKPFHALLANILSEHQAKSEVQATSKEVVMNFRDSSYSAEDGGFHPVEIALSQSSDGQWCIEYITDF
AYVGNHFPELERCLDFDFQRGDFFTAYHGWNPIVGNRDARELYQLWESNFLAYVATEAFDDISLTSAP
;
_entity_poly.pdbx_strand_id                 A 
_entity_poly.pdbx_target_identifier         ? 
# 
_pdbx_entity_nonpoly.entity_id   2 
_pdbx_entity_nonpoly.name        water 
_pdbx_entity_nonpoly.comp_id     HOH 
# 
loop_
_entity_poly_seq.entity_id 
_entity_poly_seq.num 
_entity_poly_seq.mon_id 
_entity_poly_seq.hetero 
1 1   MET n 
1 2   SER n 
1 3   ASN n 
1 4   ILE n 
1 5   LEU n 
1 6   PHE n 
1 7   LYS n 
1 8   PRO n 
1 9   THR n 
1 10  HIS n 
1 11  LEU n 
1 12  PRO n 
1 13  ILE n 
1 14  SER n 
1 15  LYS n 
1 16  PRO n 
1 17  PHE n 
1 18  HIS n 
1 19  ALA n 
1 20  LEU n 
1 21  LEU n 
1 22  ALA n 
1 23  ASN n 
1 24  ILE n 
1 25  LEU n 
1 26  SER n 
1 27  GLU n 
1 28  HIS n 
1 29  GLN n 
1 30  ALA n 
1 31  LYS n 
1 32  SER n 
1 33  GLU n 
1 34  VAL n 
1 35  GLN n 
1 36  ALA n 
1 37  THR n 
1 38  SER n 
1 39  LYS n 
1 40  GLU n 
1 41  VAL n 
1 42  VAL n 
1 43  MET n 
1 44  ASN n 
1 45  PHE n 
1 46  ARG n 
1 47  ASP n 
1 48  SER n 
1 49  SER n 
1 50  TYR n 
1 51  SER n 
1 52  ALA n 
1 53  GLU n 
1 54  ASP n 
1 55  GLY n 
1 56  GLY n 
1 57  PHE n 
1 58  HIS n 
1 59  PRO n 
1 60  VAL n 
1 61  GLU n 
1 62  ILE n 
1 63  ALA n 
1 64  LEU n 
1 65  SER n 
1 66  GLN n 
1 67  SER n 
1 68  SER n 
1 69  ASP n 
1 70  GLY n 
1 71  GLN n 
1 72  TRP n 
1 73  CYS n 
1 74  ILE n 
1 75  GLU n 
1 76  TYR n 
1 77  ILE n 
1 78  THR n 
1 79  ASP n 
1 80  PHE n 
1 81  ALA n 
1 82  TYR n 
1 83  VAL n 
1 84  GLY n 
1 85  ASN n 
1 86  HIS n 
1 87  PHE n 
1 88  PRO n 
1 89  GLU n 
1 90  LEU n 
1 91  GLU n 
1 92  ARG n 
1 93  CYS n 
1 94  LEU n 
1 95  ASP n 
1 96  PHE n 
1 97  ASP n 
1 98  PHE n 
1 99  GLN n 
1 100 ARG n 
1 101 GLY n 
1 102 ASP n 
1 103 PHE n 
1 104 PHE n 
1 105 THR n 
1 106 ALA n 
1 107 TYR n 
1 108 HIS n 
1 109 GLY n 
1 110 TRP n 
1 111 ASN n 
1 112 PRO n 
1 113 ILE n 
1 114 VAL n 
1 115 GLY n 
1 116 ASN n 
1 117 ARG n 
1 118 ASP n 
1 119 ALA n 
1 120 ARG n 
1 121 GLU n 
1 122 LEU n 
1 123 TYR n 
1 124 GLN n 
1 125 LEU n 
1 126 TRP n 
1 127 GLU n 
1 128 SER n 
1 129 ASN n 
1 130 PHE n 
1 131 LEU n 
1 132 ALA n 
1 133 TYR n 
1 134 VAL n 
1 135 ALA n 
1 136 THR n 
1 137 GLU n 
1 138 ALA n 
1 139 PHE n 
1 140 ASP n 
1 141 ASP n 
1 142 ILE n 
1 143 SER n 
1 144 LEU n 
1 145 THR n 
1 146 SER n 
1 147 ALA n 
1 148 PRO n 
# 
_entity_src_gen.entity_id                          1 
_entity_src_gen.pdbx_src_id                        1 
_entity_src_gen.pdbx_alt_source_flag               sample 
_entity_src_gen.pdbx_seq_type                      ? 
_entity_src_gen.pdbx_beg_seq_num                   ? 
_entity_src_gen.pdbx_end_seq_num                   ? 
_entity_src_gen.gene_src_common_name               ? 
_entity_src_gen.gene_src_genus                     ? 
_entity_src_gen.pdbx_gene_src_gene                 ? 
_entity_src_gen.gene_src_species                   ? 
_entity_src_gen.gene_src_strain                    O1 
_entity_src_gen.gene_src_tissue                    ? 
_entity_src_gen.gene_src_tissue_fraction           ? 
_entity_src_gen.gene_src_details                   ? 
_entity_src_gen.pdbx_gene_src_fragment             ? 
_entity_src_gen.pdbx_gene_src_scientific_name      'VIBRIO CHOLERAE' 
_entity_src_gen.pdbx_gene_src_ncbi_taxonomy_id     127906 
_entity_src_gen.pdbx_gene_src_variant              'BIOVAR ELTOR STR. N16961' 
_entity_src_gen.pdbx_gene_src_cell_line            ? 
_entity_src_gen.pdbx_gene_src_atcc                 ? 
_entity_src_gen.pdbx_gene_src_organ                ? 
_entity_src_gen.pdbx_gene_src_organelle            ? 
_entity_src_gen.pdbx_gene_src_cell                 ? 
_entity_src_gen.pdbx_gene_src_cellular_location    ? 
_entity_src_gen.host_org_common_name               ? 
_entity_src_gen.pdbx_host_org_scientific_name      'ESCHERICHIA COLI' 
_entity_src_gen.pdbx_host_org_ncbi_taxonomy_id     469008 
_entity_src_gen.host_org_genus                     ? 
_entity_src_gen.pdbx_host_org_gene                 ? 
_entity_src_gen.pdbx_host_org_organ                ? 
_entity_src_gen.host_org_species                   ? 
_entity_src_gen.pdbx_host_org_tissue               ? 
_entity_src_gen.pdbx_host_org_tissue_fraction      ? 
_entity_src_gen.pdbx_host_org_strain               'BL21 (DE3)' 
_entity_src_gen.pdbx_host_org_variant              ? 
_entity_src_gen.pdbx_host_org_cell_line            ? 
_entity_src_gen.pdbx_host_org_atcc                 ? 
_entity_src_gen.pdbx_host_org_culture_collection   ? 
_entity_src_gen.pdbx_host_org_cell                 ? 
_entity_src_gen.pdbx_host_org_organelle            ? 
_entity_src_gen.pdbx_host_org_cellular_location    ? 
_entity_src_gen.pdbx_host_org_vector_type          ? 
_entity_src_gen.pdbx_host_org_vector               ? 
_entity_src_gen.host_org_details                   ? 
_entity_src_gen.expression_system_id               ? 
_entity_src_gen.plasmid_name                       ? 
_entity_src_gen.plasmid_details                    ? 
_entity_src_gen.pdbx_description                   ? 
# 
loop_
_chem_comp.id 
_chem_comp.type 
_chem_comp.mon_nstd_flag 
_chem_comp.name 
_chem_comp.pdbx_synonyms 
_chem_comp.formula 
_chem_comp.formula_weight 
ALA 'L-peptide linking' y ALANINE         ? 'C3 H7 N O2'     89.093  
ARG 'L-peptide linking' y ARGININE        ? 'C6 H15 N4 O2 1' 175.209 
ASN 'L-peptide linking' y ASPARAGINE      ? 'C4 H8 N2 O3'    132.118 
ASP 'L-peptide linking' y 'ASPARTIC ACID' ? 'C4 H7 N O4'     133.103 
CYS 'L-peptide linking' y CYSTEINE        ? 'C3 H7 N O2 S'   121.158 
GLN 'L-peptide linking' y GLUTAMINE       ? 'C5 H10 N2 O3'   146.144 
GLU 'L-peptide linking' y 'GLUTAMIC ACID' ? 'C5 H9 N O4'     147.129 
GLY 'peptide linking'   y GLYCINE         ? 'C2 H5 N O2'     75.067  
HIS 'L-peptide linking' y HISTIDINE       ? 'C6 H10 N3 O2 1' 156.162 
HOH non-polymer         . WATER           ? 'H2 O'           18.015  
ILE 'L-peptide linking' y ISOLEUCINE      ? 'C6 H13 N O2'    131.173 
LEU 'L-peptide linking' y LEUCINE         ? 'C6 H13 N O2'    131.173 
LYS 'L-peptide linking' y LYSINE          ? 'C6 H15 N2 O2 1' 147.195 
MET 'L-peptide linking' y METHIONINE      ? 'C5 H11 N O2 S'  149.211 
PHE 'L-peptide linking' y PHENYLALANINE   ? 'C9 H11 N O2'    165.189 
PRO 'L-peptide linking' y PROLINE         ? 'C5 H9 N O2'     115.130 
SER 'L-peptide linking' y SERINE          ? 'C3 H7 N O3'     105.093 
THR 'L-peptide linking' y THREONINE       ? 'C4 H9 N O3'     119.119 
TRP 'L-peptide linking' y TRYPTOPHAN      ? 'C11 H12 N2 O2'  204.225 
TYR 'L-peptide linking' y TYROSINE        ? 'C9 H11 N O3'    181.189 
VAL 'L-peptide linking' y VALINE          ? 'C5 H11 N O2'    117.146 
# 
loop_
_pdbx_poly_seq_scheme.asym_id 
_pdbx_poly_seq_scheme.entity_id 
_pdbx_poly_seq_scheme.seq_id 
_pdbx_poly_seq_scheme.mon_id 
_pdbx_poly_seq_scheme.ndb_seq_num 
_pdbx_poly_seq_scheme.pdb_seq_num 
_pdbx_poly_seq_scheme.auth_seq_num 
_pdbx_poly_seq_scheme.pdb_mon_id 
_pdbx_poly_seq_scheme.auth_mon_id 
_pdbx_poly_seq_scheme.pdb_strand_id 
_pdbx_poly_seq_scheme.pdb_ins_code 
_pdbx_poly_seq_scheme.hetero 
A 1 1   MET 1   1   ?   ?   ?   A . n 
A 1 2   SER 2   2   ?   ?   ?   A . n 
A 1 3   ASN 3   3   ?   ?   ?   A . n 
A 1 4   ILE 4   4   ?   ?   ?   A . n 
A 1 5   LEU 5   5   5   LEU LEU A . n 
A 1 6   PHE 6   6   6   PHE PHE A . n 
A 1 7   LYS 7   7   7   LYS LYS A . n 
A 1 8   PRO 8   8   8   PRO PRO A . n 
A 1 9   THR 9   9   9   THR THR A . n 
A 1 10  HIS 10  10  10  HIS HIS A . n 
A 1 11  LEU 11  11  11  LEU LEU A . n 
A 1 12  PRO 12  12  12  PRO PRO A . n 
A 1 13  ILE 13  13  13  ILE ILE A . n 
A 1 14  SER 14  14  14  SER SER A . n 
A 1 15  LYS 15  15  15  LYS LYS A . n 
A 1 16  PRO 16  16  16  PRO PRO A . n 
A 1 17  PHE 17  17  17  PHE PHE A . n 
A 1 18  HIS 18  18  18  HIS HIS A . n 
A 1 19  ALA 19  19  19  ALA ALA A . n 
A 1 20  LEU 20  20  20  LEU LEU A . n 
A 1 21  LEU 21  21  21  LEU LEU A . n 
A 1 22  ALA 22  22  22  ALA ALA A . n 
A 1 23  ASN 23  23  23  ASN ASN A . n 
A 1 24  ILE 24  24  24  ILE ILE A . n 
A 1 25  LEU 25  25  25  LEU LEU A . n 
A 1 26  SER 26  26  26  SER SER A . n 
A 1 27  GLU 27  27  27  GLU GLU A . n 
A 1 28  HIS 28  28  28  HIS HIS A . n 
A 1 29  GLN 29  29  29  GLN GLN A . n 
A 1 30  ALA 30  30  30  ALA ALA A . n 
A 1 31  LYS 31  31  ?   ?   ?   A . n 
A 1 32  SER 32  32  ?   ?   ?   A . n 
A 1 33  GLU 33  33  ?   ?   ?   A . n 
A 1 34  VAL 34  34  ?   ?   ?   A . n 
A 1 35  GLN 35  35  ?   ?   ?   A . n 
A 1 36  ALA 36  36  ?   ?   ?   A . n 
A 1 37  THR 37  37  ?   ?   ?   A . n 
A 1 38  SER 38  38  ?   ?   ?   A . n 
A 1 39  LYS 39  39  ?   ?   ?   A . n 
A 1 40  GLU 40  40  40  GLU GLU A . n 
A 1 41  VAL 41  41  41  VAL VAL A . n 
A 1 42  VAL 42  42  42  VAL VAL A . n 
A 1 43  MET 43  43  43  MET MET A . n 
A 1 44  ASN 44  44  44  ASN ASN A . n 
A 1 45  PHE 45  45  45  PHE PHE A . n 
A 1 46  ARG 46  46  46  ARG ARG A . n 
A 1 47  ASP 47  47  47  ASP ASP A . n 
A 1 48  SER 48  48  48  SER SER A . n 
A 1 49  SER 49  49  49  SER SER A . n 
A 1 50  TYR 50  50  50  TYR TYR A . n 
A 1 51  SER 51  51  51  SER SER A . n 
A 1 52  ALA 52  52  52  ALA ALA A . n 
A 1 53  GLU 53  53  53  GLU GLU A . n 
A 1 54  ASP 54  54  54  ASP ASP A . n 
A 1 55  GLY 55  55  55  GLY GLY A . n 
A 1 56  GLY 56  56  56  GLY GLY A . n 
A 1 57  PHE 57  57  57  PHE PHE A . n 
A 1 58  HIS 58  58  58  HIS HIS A . n 
A 1 59  PRO 59  59  59  PRO PRO A . n 
A 1 60  VAL 60  60  60  VAL VAL A . n 
A 1 61  GLU 61  61  61  GLU GLU A . n 
A 1 62  ILE 62  62  62  ILE ILE A . n 
A 1 63  ALA 63  63  63  ALA ALA A . n 
A 1 64  LEU 64  64  64  LEU LEU A . n 
A 1 65  SER 65  65  65  SER SER A . n 
A 1 66  GLN 66  66  66  GLN GLN A . n 
A 1 67  SER 67  67  67  SER SER A . n 
A 1 68  SER 68  68  68  SER SER A . n 
A 1 69  ASP 69  69  69  ASP ASP A . n 
A 1 70  GLY 70  70  70  GLY GLY A . n 
A 1 71  GLN 71  71  71  GLN GLN A . n 
A 1 72  TRP 72  72  72  TRP TRP A . n 
A 1 73  CYS 73  73  73  CYS CYS A . n 
A 1 74  ILE 74  74  74  ILE ILE A . n 
A 1 75  GLU 75  75  75  GLU GLU A . n 
A 1 76  TYR 76  76  76  TYR TYR A . n 
A 1 77  ILE 77  77  77  ILE ILE A . n 
A 1 78  THR 78  78  78  THR THR A . n 
A 1 79  ASP 79  79  79  ASP ASP A . n 
A 1 80  PHE 80  80  80  PHE PHE A . n 
A 1 81  ALA 81  81  81  ALA ALA A . n 
A 1 82  TYR 82  82  82  TYR TYR A . n 
A 1 83  VAL 83  83  83  VAL VAL A . n 
A 1 84  GLY 84  84  ?   ?   ?   A . n 
A 1 85  ASN 85  85  ?   ?   ?   A . n 
A 1 86  HIS 86  86  ?   ?   ?   A . n 
A 1 87  PHE 87  87  87  PHE PHE A . n 
A 1 88  PRO 88  88  88  PRO PRO A . n 
A 1 89  GLU 89  89  89  GLU GLU A . n 
A 1 90  LEU 90  90  90  LEU LEU A . n 
A 1 91  GLU 91  91  91  GLU GLU A . n 
A 1 92  ARG 92  92  92  ARG ARG A . n 
A 1 93  CYS 93  93  93  CYS CYS A . n 
A 1 94  LEU 94  94  94  LEU LEU A . n 
A 1 95  ASP 95  95  95  ASP ASP A . n 
A 1 96  PHE 96  96  96  PHE PHE A . n 
A 1 97  ASP 97  97  97  ASP ASP A . n 
A 1 98  PHE 98  98  98  PHE PHE A . n 
A 1 99  GLN 99  99  99  GLN GLN A . n 
A 1 100 ARG 100 100 100 ARG ARG A . n 
A 1 101 GLY 101 101 101 GLY GLY A . n 
A 1 102 ASP 102 102 102 ASP ASP A . n 
A 1 103 PHE 103 103 103 PHE PHE A . n 
A 1 104 PHE 104 104 104 PHE PHE A . n 
A 1 105 THR 105 105 105 THR THR A . n 
A 1 106 ALA 106 106 106 ALA ALA A . n 
A 1 107 TYR 107 107 107 TYR TYR A . n 
A 1 108 HIS 108 108 108 HIS HIS A . n 
A 1 109 GLY 109 109 109 GLY GLY A . n 
A 1 110 TRP 110 110 110 TRP TRP A . n 
A 1 111 ASN 111 111 111 ASN ASN A . n 
A 1 112 PRO 112 112 112 PRO PRO A . n 
A 1 113 ILE 113 113 113 ILE ILE A . n 
A 1 114 VAL 114 114 114 VAL VAL A . n 
A 1 115 GLY 115 115 115 GLY GLY A . n 
A 1 116 ASN 116 116 116 ASN ASN A . n 
A 1 117 ARG 117 117 117 ARG ARG A . n 
A 1 118 ASP 118 118 118 ASP ASP A . n 
A 1 119 ALA 119 119 119 ALA ALA A . n 
A 1 120 ARG 120 120 120 ARG ARG A . n 
A 1 121 GLU 121 121 121 GLU GLU A . n 
A 1 122 LEU 122 122 122 LEU LEU A . n 
A 1 123 TYR 123 123 123 TYR TYR A . n 
A 1 124 GLN 124 124 124 GLN GLN A . n 
A 1 125 LEU 125 125 125 LEU LEU A . n 
A 1 126 TRP 126 126 126 TRP TRP A . n 
A 1 127 GLU 127 127 127 GLU GLU A . n 
A 1 128 SER 128 128 128 SER SER A . n 
A 1 129 ASN 129 129 129 ASN ASN A . n 
A 1 130 PHE 130 130 130 PHE PHE A . n 
A 1 131 LEU 131 131 131 LEU LEU A . n 
A 1 132 ALA 132 132 132 ALA ALA A . n 
A 1 133 TYR 133 133 133 TYR TYR A . n 
A 1 134 VAL 134 134 134 VAL VAL A . n 
A 1 135 ALA 135 135 135 ALA ALA A . n 
A 1 136 THR 136 136 136 THR THR A . n 
A 1 137 GLU 137 137 137 GLU GLU A . n 
A 1 138 ALA 138 138 138 ALA ALA A . n 
A 1 139 PHE 139 139 139 PHE PHE A . n 
A 1 140 ASP 140 140 140 ASP ASP A . n 
A 1 141 ASP 141 141 141 ASP ASP A . n 
A 1 142 ILE 142 142 142 ILE ILE A . n 
A 1 143 SER 143 143 143 SER SER A . n 
A 1 144 LEU 144 144 144 LEU LEU A . n 
A 1 145 THR 145 145 145 THR THR A . n 
A 1 146 SER 146 146 ?   ?   ?   A . n 
A 1 147 ALA 147 147 ?   ?   ?   A . n 
A 1 148 PRO 148 148 ?   ?   ?   A . n 
# 
loop_
_pdbx_nonpoly_scheme.asym_id 
_pdbx_nonpoly_scheme.entity_id 
_pdbx_nonpoly_scheme.mon_id 
_pdbx_nonpoly_scheme.ndb_seq_num 
_pdbx_nonpoly_scheme.pdb_seq_num 
_pdbx_nonpoly_scheme.auth_seq_num 
_pdbx_nonpoly_scheme.pdb_mon_id 
_pdbx_nonpoly_scheme.auth_mon_id 
_pdbx_nonpoly_scheme.pdb_strand_id 
_pdbx_nonpoly_scheme.pdb_ins_code 
B 2 HOH 1  2001 2001 HOH HOH A . 
B 2 HOH 2  2002 2002 HOH HOH A . 
B 2 HOH 3  2003 2003 HOH HOH A . 
B 2 HOH 4  2004 2004 HOH HOH A . 
B 2 HOH 5  2005 2005 HOH HOH A . 
B 2 HOH 6  2006 2006 HOH HOH A . 
B 2 HOH 7  2007 2007 HOH HOH A . 
B 2 HOH 8  2008 2008 HOH HOH A . 
B 2 HOH 9  2009 2009 HOH HOH A . 
B 2 HOH 10 2010 2010 HOH HOH A . 
B 2 HOH 11 2011 2011 HOH HOH A . 
B 2 HOH 12 2012 2012 HOH HOH A . 
B 2 HOH 13 2013 2013 HOH HOH A . 
B 2 HOH 14 2014 2014 HOH HOH A . 
B 2 HOH 15 2015 2015 HOH HOH A . 
B 2 HOH 16 2016 2016 HOH HOH A . 
B 2 HOH 17 2017 2017 HOH HOH A . 
B 2 HOH 18 2018 2018 HOH HOH A . 
B 2 HOH 19 2019 2019 HOH HOH A . 
B 2 HOH 20 2020 2020 HOH HOH A . 
B 2 HOH 21 2021 2021 HOH HOH A . 
B 2 HOH 22 2022 2022 HOH HOH A . 
B 2 HOH 23 2023 2023 HOH HOH A . 
B 2 HOH 24 2024 2024 HOH HOH A . 
B 2 HOH 25 2025 2025 HOH HOH A . 
B 2 HOH 26 2026 2026 HOH HOH A . 
B 2 HOH 27 2027 2027 HOH HOH A . 
B 2 HOH 28 2028 2028 HOH HOH A . 
B 2 HOH 29 2029 2029 HOH HOH A . 
B 2 HOH 30 2030 2030 HOH HOH A . 
B 2 HOH 31 2031 2031 HOH HOH A . 
B 2 HOH 32 2032 2032 HOH HOH A . 
B 2 HOH 33 2033 2033 HOH HOH A . 
B 2 HOH 34 2034 2034 HOH HOH A . 
B 2 HOH 35 2035 2035 HOH HOH A . 
# 
loop_
_software.name 
_software.classification 
_software.version 
_software.citation_id 
_software.pdbx_ordinal 
REFMAC        refinement       5.2.0019 ? 1 
MOSFLM        'data reduction' .        ? 2 
SCALA         'data scaling'   .        ? 3 
SOLVE/RESOLVE phasing          .        ? 4 
# 
_cell.entry_id           2V1L 
_cell.length_a           78.312 
_cell.length_b           78.312 
_cell.length_c           42.288 
_cell.angle_alpha        90.00 
_cell.angle_beta         90.00 
_cell.angle_gamma        120.00 
_cell.Z_PDB              6 
_cell.pdbx_unique_axis   ? 
# 
_symmetry.entry_id                         2V1L 
_symmetry.space_group_name_H-M             'P 31 2 1' 
_symmetry.pdbx_full_space_group_name_H-M   ? 
_symmetry.cell_setting                     ? 
_symmetry.Int_Tables_number                152 
# 
_exptl.entry_id          2V1L 
_exptl.method            'X-RAY DIFFRACTION' 
_exptl.crystals_number   ? 
# 
_exptl_crystal.id                    1 
_exptl_crystal.density_meas          ? 
_exptl_crystal.density_Matthews      2.46 
_exptl_crystal.density_percent_sol   44 
_exptl_crystal.description           NONE 
# 
_exptl_crystal_grow.crystal_id      1 
_exptl_crystal_grow.method          ? 
_exptl_crystal_grow.temp            ? 
_exptl_crystal_grow.temp_details    ? 
_exptl_crystal_grow.pH              7.5 
_exptl_crystal_grow.pdbx_pH_range   ? 
_exptl_crystal_grow.pdbx_details    'pH 7.5' 
# 
_diffrn.id                     1 
_diffrn.ambient_temp           100 
_diffrn.ambient_temp_details   ? 
_diffrn.crystal_id             1 
# 
_diffrn_detector.diffrn_id              1 
_diffrn_detector.detector               CCD 
_diffrn_detector.type                   'ADSC CCD' 
_diffrn_detector.pdbx_collection_date   ? 
_diffrn_detector.details                ? 
# 
_diffrn_radiation.diffrn_id                        1 
_diffrn_radiation.wavelength_id                    1 
_diffrn_radiation.pdbx_monochromatic_or_laue_m_l   M 
_diffrn_radiation.monochromator                    ? 
_diffrn_radiation.pdbx_diffrn_protocol             'SINGLE WAVELENGTH' 
_diffrn_radiation.pdbx_scattering_type             x-ray 
# 
_diffrn_radiation_wavelength.id           1 
_diffrn_radiation_wavelength.wavelength   0.934 
_diffrn_radiation_wavelength.wt           1.0 
# 
_diffrn_source.diffrn_id                   1 
_diffrn_source.source                      SYNCHROTRON 
_diffrn_source.type                        'ESRF BEAMLINE ID14-1' 
_diffrn_source.pdbx_synchrotron_site       ESRF 
_diffrn_source.pdbx_synchrotron_beamline   ID14-1 
_diffrn_source.pdbx_wavelength             0.934 
_diffrn_source.pdbx_wavelength_list        ? 
# 
_reflns.pdbx_diffrn_id               1 
_reflns.pdbx_ordinal                 1 
_reflns.entry_id                     2V1L 
_reflns.observed_criterion_sigma_I   2.0 
_reflns.observed_criterion_sigma_F   ? 
_reflns.d_resolution_low             39.16 
_reflns.d_resolution_high            2.13 
_reflns.number_obs                   8131 
_reflns.number_all                   ? 
_reflns.percent_possible_obs         99.0 
_reflns.pdbx_Rmerge_I_obs            0.06 
_reflns.pdbx_Rsym_value              ? 
_reflns.pdbx_netI_over_sigmaI        23.00 
_reflns.B_iso_Wilson_estimate        ? 
_reflns.pdbx_redundancy              8.8 
# 
_reflns_shell.pdbx_diffrn_id         1 
_reflns_shell.pdbx_ordinal           1 
_reflns_shell.d_res_high             2.13 
_reflns_shell.d_res_low              2.25 
_reflns_shell.percent_possible_all   99.0 
_reflns_shell.Rmerge_I_obs           0.38 
_reflns_shell.pdbx_Rsym_value        ? 
_reflns_shell.meanI_over_sigI_obs    6.40 
_reflns_shell.pdbx_redundancy        9 
# 
_refine.pdbx_refine_id                           'X-RAY DIFFRACTION' 
_refine.entry_id                                 2V1L 
_refine.pdbx_diffrn_id                           1 
_refine.pdbx_TLS_residual_ADP_flag               ? 
_refine.ls_number_reflns_obs                     8131 
_refine.ls_number_reflns_all                     ? 
_refine.pdbx_ls_sigma_I                          ? 
_refine.pdbx_ls_sigma_F                          ? 
_refine.pdbx_data_cutoff_high_absF               ? 
_refine.pdbx_data_cutoff_low_absF                ? 
_refine.pdbx_data_cutoff_high_rms_absF           ? 
_refine.ls_d_res_low                             39.16 
_refine.ls_d_res_high                            2.13 
_refine.ls_percent_reflns_obs                    99.3 
_refine.ls_R_factor_obs                          0.239 
_refine.ls_R_factor_all                          ? 
_refine.ls_R_factor_R_work                       0.235 
_refine.ls_R_factor_R_free                       0.316 
_refine.ls_R_factor_R_free_error                 ? 
_refine.ls_R_factor_R_free_error_details         ? 
_refine.ls_percent_reflns_R_free                 4.800 
_refine.ls_number_reflns_R_free                  409 
_refine.ls_number_parameters                     ? 
_refine.ls_number_restraints                     ? 
_refine.occupancy_min                            ? 
_refine.occupancy_max                            ? 
_refine.correlation_coeff_Fo_to_Fc               0.924 
_refine.correlation_coeff_Fo_to_Fc_free          0.871 
_refine.B_iso_mean                               39.21 
_refine.aniso_B[1][1]                            -0.25000 
_refine.aniso_B[2][2]                            -0.25000 
_refine.aniso_B[3][3]                            0.38000 
_refine.aniso_B[1][2]                            -0.13000 
_refine.aniso_B[1][3]                            0.00000 
_refine.aniso_B[2][3]                            0.00000 
_refine.solvent_model_details                    MASK 
_refine.solvent_model_param_ksol                 ? 
_refine.solvent_model_param_bsol                 ? 
_refine.pdbx_solvent_vdw_probe_radii             1.20 
_refine.pdbx_solvent_ion_probe_radii             0.80 
_refine.pdbx_solvent_shrinkage_radii             0.80 
_refine.pdbx_ls_cross_valid_method               THROUGHOUT 
_refine.details                                  'HYDROGENS HAVE BEEN ADDED IN THE RIDING POSITIONS.' 
_refine.pdbx_starting_model                      NONE 
_refine.pdbx_method_to_determine_struct          MIRAS 
_refine.pdbx_isotropic_thermal_model             ? 
_refine.pdbx_stereochemistry_target_values       'MAXIMUM LIKELIHOOD' 
_refine.pdbx_stereochem_target_val_spec_case     ? 
_refine.pdbx_R_Free_selection_details            RANDOM 
_refine.pdbx_overall_ESU_R                       0.274 
_refine.pdbx_overall_ESU_R_Free                  0.251 
_refine.overall_SU_ML                            0.180 
_refine.pdbx_overall_phase_error                 ? 
_refine.overall_SU_B                             6.663 
_refine.overall_SU_R_Cruickshank_DPI             ? 
_refine.pdbx_overall_SU_R_free_Cruickshank_DPI   ? 
_refine.pdbx_overall_SU_R_Blow_DPI               ? 
_refine.pdbx_overall_SU_R_free_Blow_DPI          ? 
# 
_refine_hist.pdbx_refine_id                   'X-RAY DIFFRACTION' 
_refine_hist.cycle_id                         LAST 
_refine_hist.pdbx_number_atoms_protein        1054 
_refine_hist.pdbx_number_atoms_nucleic_acid   0 
_refine_hist.pdbx_number_atoms_ligand         0 
_refine_hist.number_atoms_solvent             35 
_refine_hist.number_atoms_total               1089 
_refine_hist.d_res_high                       2.13 
_refine_hist.d_res_low                        39.16 
# 
loop_
_refine_ls_restr.type 
_refine_ls_restr.dev_ideal 
_refine_ls_restr.dev_ideal_target 
_refine_ls_restr.weight 
_refine_ls_restr.number 
_refine_ls_restr.pdbx_refine_id 
_refine_ls_restr.pdbx_restraint_function 
r_bond_refined_d             0.013  0.022  ? 1086 'X-RAY DIFFRACTION' ? 
r_bond_other_d               ?      ?      ? ?    'X-RAY DIFFRACTION' ? 
r_angle_refined_deg          1.386  1.921  ? 1476 'X-RAY DIFFRACTION' ? 
r_angle_other_deg            ?      ?      ? ?    'X-RAY DIFFRACTION' ? 
r_dihedral_angle_1_deg       7.303  5.000  ? 126  'X-RAY DIFFRACTION' ? 
r_dihedral_angle_2_deg       38.612 24.098 ? 61   'X-RAY DIFFRACTION' ? 
r_dihedral_angle_3_deg       15.765 15.000 ? 158  'X-RAY DIFFRACTION' ? 
r_dihedral_angle_4_deg       15.619 15.000 ? 5    'X-RAY DIFFRACTION' ? 
r_chiral_restr               0.099  0.200  ? 153  'X-RAY DIFFRACTION' ? 
r_gen_planes_refined         0.006  0.020  ? 865  'X-RAY DIFFRACTION' ? 
r_gen_planes_other           ?      ?      ? ?    'X-RAY DIFFRACTION' ? 
r_nbd_refined                0.229  0.200  ? 420  'X-RAY DIFFRACTION' ? 
r_nbd_other                  ?      ?      ? ?    'X-RAY DIFFRACTION' ? 
r_nbtor_refined              0.311  0.200  ? 704  'X-RAY DIFFRACTION' ? 
r_nbtor_other                ?      ?      ? ?    'X-RAY DIFFRACTION' ? 
r_xyhbond_nbd_refined        0.178  0.200  ? 43   'X-RAY DIFFRACTION' ? 
r_xyhbond_nbd_other          ?      ?      ? ?    'X-RAY DIFFRACTION' ? 
r_metal_ion_refined          ?      ?      ? ?    'X-RAY DIFFRACTION' ? 
r_metal_ion_other            ?      ?      ? ?    'X-RAY DIFFRACTION' ? 
r_symmetry_vdw_refined       0.354  0.200  ? 35   'X-RAY DIFFRACTION' ? 
r_symmetry_vdw_other         ?      ?      ? ?    'X-RAY DIFFRACTION' ? 
r_symmetry_hbond_refined     0.214  0.200  ? 10   'X-RAY DIFFRACTION' ? 
r_symmetry_hbond_other       ?      ?      ? ?    'X-RAY DIFFRACTION' ? 
r_symmetry_metal_ion_refined ?      ?      ? ?    'X-RAY DIFFRACTION' ? 
r_symmetry_metal_ion_other   ?      ?      ? ?    'X-RAY DIFFRACTION' ? 
r_mcbond_it                  1.135  1.500  ? 666  'X-RAY DIFFRACTION' ? 
r_mcbond_other               ?      ?      ? ?    'X-RAY DIFFRACTION' ? 
r_mcangle_it                 1.987  2.000  ? 1030 'X-RAY DIFFRACTION' ? 
r_mcangle_other              ?      ?      ? ?    'X-RAY DIFFRACTION' ? 
r_scbond_it                  1.998  3.000  ? 496  'X-RAY DIFFRACTION' ? 
r_scbond_other               ?      ?      ? ?    'X-RAY DIFFRACTION' ? 
r_scangle_it                 2.924  4.500  ? 446  'X-RAY DIFFRACTION' ? 
r_scangle_other              ?      ?      ? ?    'X-RAY DIFFRACTION' ? 
r_long_range_B_refined       ?      ?      ? ?    'X-RAY DIFFRACTION' ? 
r_long_range_B_other         ?      ?      ? ?    'X-RAY DIFFRACTION' ? 
r_rigid_bond_restr           ?      ?      ? ?    'X-RAY DIFFRACTION' ? 
r_sphericity_free            ?      ?      ? ?    'X-RAY DIFFRACTION' ? 
r_sphericity_bonded          ?      ?      ? ?    'X-RAY DIFFRACTION' ? 
# 
_refine_ls_shell.pdbx_refine_id                   'X-RAY DIFFRACTION' 
_refine_ls_shell.pdbx_total_number_of_bins_used   20 
_refine_ls_shell.d_res_high                       2.13 
_refine_ls_shell.d_res_low                        2.19 
_refine_ls_shell.number_reflns_R_work             586 
_refine_ls_shell.R_factor_R_work                  0.2470 
_refine_ls_shell.percent_reflns_obs               ? 
_refine_ls_shell.R_factor_R_free                  0.3470 
_refine_ls_shell.R_factor_R_free_error            ? 
_refine_ls_shell.percent_reflns_R_free            ? 
_refine_ls_shell.number_reflns_R_free             32 
_refine_ls_shell.number_reflns_all                ? 
_refine_ls_shell.R_factor_all                     ? 
# 
_struct.entry_id                  2V1L 
_struct.title                     
;Structure of the conserved hypothetical protein VC1805 from pathogenicity island VPI-2 of Vibrio cholerae O1 biovar eltor str. N16961 shares structural homology with the human P32 protein
;
_struct.pdbx_model_details        ? 
_struct.pdbx_CASP_flag            ? 
_struct.pdbx_model_type_details   ? 
# 
_struct_keywords.entry_id        2V1L 
_struct_keywords.pdbx_keywords   'UNKNOWN FUNCTION' 
_struct_keywords.text            'PATHOGENICITY ISLAND, HYPOTHETICAL PROTEIN, UNKNOWN FUNCTION' 
# 
loop_
_struct_asym.id 
_struct_asym.pdbx_blank_PDB_chainid_flag 
_struct_asym.pdbx_modified 
_struct_asym.entity_id 
_struct_asym.details 
A N N 1 ? 
B N N 2 ? 
# 
_struct_ref.id                         1 
_struct_ref.db_name                    UNP 
_struct_ref.db_code                    Q9KR41_VIBCH 
_struct_ref.entity_id                  1 
_struct_ref.pdbx_seq_one_letter_code   ? 
_struct_ref.pdbx_align_begin           ? 
_struct_ref.pdbx_db_accession          Q9KR41 
_struct_ref.pdbx_db_isoform            ? 
# 
_struct_ref_seq.align_id                      1 
_struct_ref_seq.ref_id                        1 
_struct_ref_seq.pdbx_PDB_id_code              2V1L 
_struct_ref_seq.pdbx_strand_id                A 
_struct_ref_seq.seq_align_beg                 1 
_struct_ref_seq.pdbx_seq_align_beg_ins_code   ? 
_struct_ref_seq.seq_align_end                 148 
_struct_ref_seq.pdbx_seq_align_end_ins_code   ? 
_struct_ref_seq.pdbx_db_accession             Q9KR41 
_struct_ref_seq.db_align_beg                  1 
_struct_ref_seq.pdbx_db_align_beg_ins_code    ? 
_struct_ref_seq.db_align_end                  148 
_struct_ref_seq.pdbx_db_align_end_ins_code    ? 
_struct_ref_seq.pdbx_auth_seq_align_beg       1 
_struct_ref_seq.pdbx_auth_seq_align_end       148 
# 
_pdbx_struct_assembly.id                   1 
_pdbx_struct_assembly.details              author_and_software_defined_assembly 
_pdbx_struct_assembly.method_details       PQS 
_pdbx_struct_assembly.oligomeric_details   monomeric 
_pdbx_struct_assembly.oligomeric_count     1 
# 
_pdbx_struct_assembly_gen.assembly_id       1 
_pdbx_struct_assembly_gen.oper_expression   1 
_pdbx_struct_assembly_gen.asym_id_list      A,B 
# 
_pdbx_struct_oper_list.id                   1 
_pdbx_struct_oper_list.type                 'identity operation' 
_pdbx_struct_oper_list.name                 1_555 
_pdbx_struct_oper_list.symmetry_operation   x,y,z 
_pdbx_struct_oper_list.matrix[1][1]         1.0000000000 
_pdbx_struct_oper_list.matrix[1][2]         0.0000000000 
_pdbx_struct_oper_list.matrix[1][3]         0.0000000000 
_pdbx_struct_oper_list.vector[1]            0.0000000000 
_pdbx_struct_oper_list.matrix[2][1]         0.0000000000 
_pdbx_struct_oper_list.matrix[2][2]         1.0000000000 
_pdbx_struct_oper_list.matrix[2][3]         0.0000000000 
_pdbx_struct_oper_list.vector[2]            0.0000000000 
_pdbx_struct_oper_list.matrix[3][1]         0.0000000000 
_pdbx_struct_oper_list.matrix[3][2]         0.0000000000 
_pdbx_struct_oper_list.matrix[3][3]         1.0000000000 
_pdbx_struct_oper_list.vector[3]            0.0000000000 
# 
_struct_biol.id   1 
# 
loop_
_struct_conf.conf_type_id 
_struct_conf.id 
_struct_conf.pdbx_PDB_helix_id 
_struct_conf.beg_label_comp_id 
_struct_conf.beg_label_asym_id 
_struct_conf.beg_label_seq_id 
_struct_conf.pdbx_beg_PDB_ins_code 
_struct_conf.end_label_comp_id 
_struct_conf.end_label_asym_id 
_struct_conf.end_label_seq_id 
_struct_conf.pdbx_end_PDB_ins_code 
_struct_conf.beg_auth_comp_id 
_struct_conf.beg_auth_asym_id 
_struct_conf.beg_auth_seq_id 
_struct_conf.end_auth_comp_id 
_struct_conf.end_auth_asym_id 
_struct_conf.end_auth_seq_id 
_struct_conf.pdbx_PDB_helix_class 
_struct_conf.details 
_struct_conf.pdbx_PDB_helix_length 
HELX_P HELX_P1 1 SER A 14  ? ALA A 30  ? SER A 14  ALA A 30  1 ? 17 
HELX_P HELX_P2 2 ASN A 116 ? THR A 136 ? ASN A 116 THR A 136 1 ? 21 
# 
_struct_conf_type.id          HELX_P 
_struct_conf_type.criteria    ? 
_struct_conf_type.reference   ? 
# 
_struct_sheet.id               AA 
_struct_sheet.type             ? 
_struct_sheet.number_strands   7 
_struct_sheet.details          ? 
# 
loop_
_struct_sheet_order.sheet_id 
_struct_sheet_order.range_id_1 
_struct_sheet_order.range_id_2 
_struct_sheet_order.offset 
_struct_sheet_order.sense 
AA 1 2 ? anti-parallel 
AA 2 3 ? anti-parallel 
AA 3 4 ? anti-parallel 
AA 4 5 ? anti-parallel 
AA 5 6 ? anti-parallel 
AA 6 7 ? anti-parallel 
# 
loop_
_struct_sheet_range.sheet_id 
_struct_sheet_range.id 
_struct_sheet_range.beg_label_comp_id 
_struct_sheet_range.beg_label_asym_id 
_struct_sheet_range.beg_label_seq_id 
_struct_sheet_range.pdbx_beg_PDB_ins_code 
_struct_sheet_range.end_label_comp_id 
_struct_sheet_range.end_label_asym_id 
_struct_sheet_range.end_label_seq_id 
_struct_sheet_range.pdbx_end_PDB_ins_code 
_struct_sheet_range.beg_auth_comp_id 
_struct_sheet_range.beg_auth_asym_id 
_struct_sheet_range.beg_auth_seq_id 
_struct_sheet_range.end_auth_comp_id 
_struct_sheet_range.end_auth_asym_id 
_struct_sheet_range.end_auth_seq_id 
AA 1 GLY A 109 ? PRO A 112 ? GLY A 109 PRO A 112 
AA 2 ASP A 102 ? THR A 105 ? ASP A 102 THR A 105 
AA 3 GLU A 89  ? ASP A 97  ? GLU A 89  ASP A 97  
AA 4 TRP A 72  ? VAL A 83  ? TRP A 72  VAL A 83  
AA 5 VAL A 60  ? GLN A 66  ? VAL A 60  GLN A 66  
AA 6 VAL A 41  ? ARG A 46  ? VAL A 41  ARG A 46  
AA 7 ASP A 141 ? THR A 145 ? ASP A 141 THR A 145 
# 
loop_
_pdbx_struct_sheet_hbond.sheet_id 
_pdbx_struct_sheet_hbond.range_id_1 
_pdbx_struct_sheet_hbond.range_id_2 
_pdbx_struct_sheet_hbond.range_1_label_atom_id 
_pdbx_struct_sheet_hbond.range_1_label_comp_id 
_pdbx_struct_sheet_hbond.range_1_label_asym_id 
_pdbx_struct_sheet_hbond.range_1_label_seq_id 
_pdbx_struct_sheet_hbond.range_1_PDB_ins_code 
_pdbx_struct_sheet_hbond.range_1_auth_atom_id 
_pdbx_struct_sheet_hbond.range_1_auth_comp_id 
_pdbx_struct_sheet_hbond.range_1_auth_asym_id 
_pdbx_struct_sheet_hbond.range_1_auth_seq_id 
_pdbx_struct_sheet_hbond.range_2_label_atom_id 
_pdbx_struct_sheet_hbond.range_2_label_comp_id 
_pdbx_struct_sheet_hbond.range_2_label_asym_id 
_pdbx_struct_sheet_hbond.range_2_label_seq_id 
_pdbx_struct_sheet_hbond.range_2_PDB_ins_code 
_pdbx_struct_sheet_hbond.range_2_auth_atom_id 
_pdbx_struct_sheet_hbond.range_2_auth_comp_id 
_pdbx_struct_sheet_hbond.range_2_auth_asym_id 
_pdbx_struct_sheet_hbond.range_2_auth_seq_id 
AA 1 2 N ASN A 111 ? N ASN A 111 O PHE A 103 ? O PHE A 103 
AA 2 3 N PHE A 104 ? N PHE A 104 O ASP A 95  ? O ASP A 95  
AA 3 4 N PHE A 96  ? N PHE A 96  O ILE A 77  ? O ILE A 77  
AA 4 5 N THR A 78  ? N THR A 78  O GLU A 61  ? O GLU A 61  
AA 5 6 N LEU A 64  ? N LEU A 64  O VAL A 41  ? O VAL A 41  
AA 6 7 N ARG A 46  ? N ARG A 46  O ASP A 141 ? O ASP A 141 
# 
_pdbx_validate_rmsd_angle.id                         1 
_pdbx_validate_rmsd_angle.PDB_model_num              1 
_pdbx_validate_rmsd_angle.auth_atom_id_1             NE 
_pdbx_validate_rmsd_angle.auth_asym_id_1             A 
_pdbx_validate_rmsd_angle.auth_comp_id_1             ARG 
_pdbx_validate_rmsd_angle.auth_seq_id_1              100 
_pdbx_validate_rmsd_angle.PDB_ins_code_1             ? 
_pdbx_validate_rmsd_angle.label_alt_id_1             ? 
_pdbx_validate_rmsd_angle.auth_atom_id_2             CZ 
_pdbx_validate_rmsd_angle.auth_asym_id_2             A 
_pdbx_validate_rmsd_angle.auth_comp_id_2             ARG 
_pdbx_validate_rmsd_angle.auth_seq_id_2              100 
_pdbx_validate_rmsd_angle.PDB_ins_code_2             ? 
_pdbx_validate_rmsd_angle.label_alt_id_2             ? 
_pdbx_validate_rmsd_angle.auth_atom_id_3             NH2 
_pdbx_validate_rmsd_angle.auth_asym_id_3             A 
_pdbx_validate_rmsd_angle.auth_comp_id_3             ARG 
_pdbx_validate_rmsd_angle.auth_seq_id_3              100 
_pdbx_validate_rmsd_angle.PDB_ins_code_3             ? 
_pdbx_validate_rmsd_angle.label_alt_id_3             ? 
_pdbx_validate_rmsd_angle.angle_value                117.26 
_pdbx_validate_rmsd_angle.angle_target_value         120.30 
_pdbx_validate_rmsd_angle.angle_deviation            -3.04 
_pdbx_validate_rmsd_angle.angle_standard_deviation   0.50 
_pdbx_validate_rmsd_angle.linker_flag                N 
# 
_pdbx_validate_torsion.id              1 
_pdbx_validate_torsion.PDB_model_num   1 
_pdbx_validate_torsion.auth_comp_id    VAL 
_pdbx_validate_torsion.auth_asym_id    A 
_pdbx_validate_torsion.auth_seq_id     114 
_pdbx_validate_torsion.PDB_ins_code    ? 
_pdbx_validate_torsion.label_alt_id    ? 
_pdbx_validate_torsion.phi             -28.87 
_pdbx_validate_torsion.psi             -82.41 
# 
_pdbx_validate_peptide_omega.id               1 
_pdbx_validate_peptide_omega.PDB_model_num    1 
_pdbx_validate_peptide_omega.auth_comp_id_1   LYS 
_pdbx_validate_peptide_omega.auth_asym_id_1   A 
_pdbx_validate_peptide_omega.auth_seq_id_1    7 
_pdbx_validate_peptide_omega.PDB_ins_code_1   ? 
_pdbx_validate_peptide_omega.label_alt_id_1   ? 
_pdbx_validate_peptide_omega.auth_comp_id_2   PRO 
_pdbx_validate_peptide_omega.auth_asym_id_2   A 
_pdbx_validate_peptide_omega.auth_seq_id_2    8 
_pdbx_validate_peptide_omega.PDB_ins_code_2   ? 
_pdbx_validate_peptide_omega.label_alt_id_2   ? 
_pdbx_validate_peptide_omega.omega            -38.05 
# 
loop_
_pdbx_unobs_or_zero_occ_residues.id 
_pdbx_unobs_or_zero_occ_residues.PDB_model_num 
_pdbx_unobs_or_zero_occ_residues.polymer_flag 
_pdbx_unobs_or_zero_occ_residues.occupancy_flag 
_pdbx_unobs_or_zero_occ_residues.auth_asym_id 
_pdbx_unobs_or_zero_occ_residues.auth_comp_id 
_pdbx_unobs_or_zero_occ_residues.auth_seq_id 
_pdbx_unobs_or_zero_occ_residues.PDB_ins_code 
_pdbx_unobs_or_zero_occ_residues.label_asym_id 
_pdbx_unobs_or_zero_occ_residues.label_comp_id 
_pdbx_unobs_or_zero_occ_residues.label_seq_id 
1  1 Y 1 A MET 1   ? A MET 1   
2  1 Y 1 A SER 2   ? A SER 2   
3  1 Y 1 A ASN 3   ? A ASN 3   
4  1 Y 1 A ILE 4   ? A ILE 4   
5  1 Y 1 A LYS 31  ? A LYS 31  
6  1 Y 1 A SER 32  ? A SER 32  
7  1 Y 1 A GLU 33  ? A GLU 33  
8  1 Y 1 A VAL 34  ? A VAL 34  
9  1 Y 1 A GLN 35  ? A GLN 35  
10 1 Y 1 A ALA 36  ? A ALA 36  
11 1 Y 1 A THR 37  ? A THR 37  
12 1 Y 1 A SER 38  ? A SER 38  
13 1 Y 1 A LYS 39  ? A LYS 39  
14 1 Y 1 A GLY 84  ? A GLY 84  
15 1 Y 1 A ASN 85  ? A ASN 85  
16 1 Y 1 A HIS 86  ? A HIS 86  
17 1 Y 1 A SER 146 ? A SER 146 
18 1 Y 1 A ALA 147 ? A ALA 147 
19 1 Y 1 A PRO 148 ? A PRO 148 
# 
loop_
_chem_comp_atom.comp_id 
_chem_comp_atom.atom_id 
_chem_comp_atom.type_symbol 
_chem_comp_atom.pdbx_aromatic_flag 
_chem_comp_atom.pdbx_stereo_config 
_chem_comp_atom.pdbx_ordinal 
ALA N    N N N 1   
ALA CA   C N S 2   
ALA C    C N N 3   
ALA O    O N N 4   
ALA CB   C N N 5   
ALA OXT  O N N 6   
ALA H    H N N 7   
ALA H2   H N N 8   
ALA HA   H N N 9   
ALA HB1  H N N 10  
ALA HB2  H N N 11  
ALA HB3  H N N 12  
ALA HXT  H N N 13  
ARG N    N N N 14  
ARG CA   C N S 15  
ARG C    C N N 16  
ARG O    O N N 17  
ARG CB   C N N 18  
ARG CG   C N N 19  
ARG CD   C N N 20  
ARG NE   N N N 21  
ARG CZ   C N N 22  
ARG NH1  N N N 23  
ARG NH2  N N N 24  
ARG OXT  O N N 25  
ARG H    H N N 26  
ARG H2   H N N 27  
ARG HA   H N N 28  
ARG HB2  H N N 29  
ARG HB3  H N N 30  
ARG HG2  H N N 31  
ARG HG3  H N N 32  
ARG HD2  H N N 33  
ARG HD3  H N N 34  
ARG HE   H N N 35  
ARG HH11 H N N 36  
ARG HH12 H N N 37  
ARG HH21 H N N 38  
ARG HH22 H N N 39  
ARG HXT  H N N 40  
ASN N    N N N 41  
ASN CA   C N S 42  
ASN C    C N N 43  
ASN O    O N N 44  
ASN CB   C N N 45  
ASN CG   C N N 46  
ASN OD1  O N N 47  
ASN ND2  N N N 48  
ASN OXT  O N N 49  
ASN H    H N N 50  
ASN H2   H N N 51  
ASN HA   H N N 52  
ASN HB2  H N N 53  
ASN HB3  H N N 54  
ASN HD21 H N N 55  
ASN HD22 H N N 56  
ASN HXT  H N N 57  
ASP N    N N N 58  
ASP CA   C N S 59  
ASP C    C N N 60  
ASP O    O N N 61  
ASP CB   C N N 62  
ASP CG   C N N 63  
ASP OD1  O N N 64  
ASP OD2  O N N 65  
ASP OXT  O N N 66  
ASP H    H N N 67  
ASP H2   H N N 68  
ASP HA   H N N 69  
ASP HB2  H N N 70  
ASP HB3  H N N 71  
ASP HD2  H N N 72  
ASP HXT  H N N 73  
CYS N    N N N 74  
CYS CA   C N R 75  
CYS C    C N N 76  
CYS O    O N N 77  
CYS CB   C N N 78  
CYS SG   S N N 79  
CYS OXT  O N N 80  
CYS H    H N N 81  
CYS H2   H N N 82  
CYS HA   H N N 83  
CYS HB2  H N N 84  
CYS HB3  H N N 85  
CYS HG   H N N 86  
CYS HXT  H N N 87  
GLN N    N N N 88  
GLN CA   C N S 89  
GLN C    C N N 90  
GLN O    O N N 91  
GLN CB   C N N 92  
GLN CG   C N N 93  
GLN CD   C N N 94  
GLN OE1  O N N 95  
GLN NE2  N N N 96  
GLN OXT  O N N 97  
GLN H    H N N 98  
GLN H2   H N N 99  
GLN HA   H N N 100 
GLN HB2  H N N 101 
GLN HB3  H N N 102 
GLN HG2  H N N 103 
GLN HG3  H N N 104 
GLN HE21 H N N 105 
GLN HE22 H N N 106 
GLN HXT  H N N 107 
GLU N    N N N 108 
GLU CA   C N S 109 
GLU C    C N N 110 
GLU O    O N N 111 
GLU CB   C N N 112 
GLU CG   C N N 113 
GLU CD   C N N 114 
GLU OE1  O N N 115 
GLU OE2  O N N 116 
GLU OXT  O N N 117 
GLU H    H N N 118 
GLU H2   H N N 119 
GLU HA   H N N 120 
GLU HB2  H N N 121 
GLU HB3  H N N 122 
GLU HG2  H N N 123 
GLU HG3  H N N 124 
GLU HE2  H N N 125 
GLU HXT  H N N 126 
GLY N    N N N 127 
GLY CA   C N N 128 
GLY C    C N N 129 
GLY O    O N N 130 
GLY OXT  O N N 131 
GLY H    H N N 132 
GLY H2   H N N 133 
GLY HA2  H N N 134 
GLY HA3  H N N 135 
GLY HXT  H N N 136 
HIS N    N N N 137 
HIS CA   C N S 138 
HIS C    C N N 139 
HIS O    O N N 140 
HIS CB   C N N 141 
HIS CG   C Y N 142 
HIS ND1  N Y N 143 
HIS CD2  C Y N 144 
HIS CE1  C Y N 145 
HIS NE2  N Y N 146 
HIS OXT  O N N 147 
HIS H    H N N 148 
HIS H2   H N N 149 
HIS HA   H N N 150 
HIS HB2  H N N 151 
HIS HB3  H N N 152 
HIS HD1  H N N 153 
HIS HD2  H N N 154 
HIS HE1  H N N 155 
HIS HE2  H N N 156 
HIS HXT  H N N 157 
HOH O    O N N 158 
HOH H1   H N N 159 
HOH H2   H N N 160 
ILE N    N N N 161 
ILE CA   C N S 162 
ILE C    C N N 163 
ILE O    O N N 164 
ILE CB   C N S 165 
ILE CG1  C N N 166 
ILE CG2  C N N 167 
ILE CD1  C N N 168 
ILE OXT  O N N 169 
ILE H    H N N 170 
ILE H2   H N N 171 
ILE HA   H N N 172 
ILE HB   H N N 173 
ILE HG12 H N N 174 
ILE HG13 H N N 175 
ILE HG21 H N N 176 
ILE HG22 H N N 177 
ILE HG23 H N N 178 
ILE HD11 H N N 179 
ILE HD12 H N N 180 
ILE HD13 H N N 181 
ILE HXT  H N N 182 
LEU N    N N N 183 
LEU CA   C N S 184 
LEU C    C N N 185 
LEU O    O N N 186 
LEU CB   C N N 187 
LEU CG   C N N 188 
LEU CD1  C N N 189 
LEU CD2  C N N 190 
LEU OXT  O N N 191 
LEU H    H N N 192 
LEU H2   H N N 193 
LEU HA   H N N 194 
LEU HB2  H N N 195 
LEU HB3  H N N 196 
LEU HG   H N N 197 
LEU HD11 H N N 198 
LEU HD12 H N N 199 
LEU HD13 H N N 200 
LEU HD21 H N N 201 
LEU HD22 H N N 202 
LEU HD23 H N N 203 
LEU HXT  H N N 204 
LYS N    N N N 205 
LYS CA   C N S 206 
LYS C    C N N 207 
LYS O    O N N 208 
LYS CB   C N N 209 
LYS CG   C N N 210 
LYS CD   C N N 211 
LYS CE   C N N 212 
LYS NZ   N N N 213 
LYS OXT  O N N 214 
LYS H    H N N 215 
LYS H2   H N N 216 
LYS HA   H N N 217 
LYS HB2  H N N 218 
LYS HB3  H N N 219 
LYS HG2  H N N 220 
LYS HG3  H N N 221 
LYS HD2  H N N 222 
LYS HD3  H N N 223 
LYS HE2  H N N 224 
LYS HE3  H N N 225 
LYS HZ1  H N N 226 
LYS HZ2  H N N 227 
LYS HZ3  H N N 228 
LYS HXT  H N N 229 
MET N    N N N 230 
MET CA   C N S 231 
MET C    C N N 232 
MET O    O N N 233 
MET CB   C N N 234 
MET CG   C N N 235 
MET SD   S N N 236 
MET CE   C N N 237 
MET OXT  O N N 238 
MET H    H N N 239 
MET H2   H N N 240 
MET HA   H N N 241 
MET HB2  H N N 242 
MET HB3  H N N 243 
MET HG2  H N N 244 
MET HG3  H N N 245 
MET HE1  H N N 246 
MET HE2  H N N 247 
MET HE3  H N N 248 
MET HXT  H N N 249 
PHE N    N N N 250 
PHE CA   C N S 251 
PHE C    C N N 252 
PHE O    O N N 253 
PHE CB   C N N 254 
PHE CG   C Y N 255 
PHE CD1  C Y N 256 
PHE CD2  C Y N 257 
PHE CE1  C Y N 258 
PHE CE2  C Y N 259 
PHE CZ   C Y N 260 
PHE OXT  O N N 261 
PHE H    H N N 262 
PHE H2   H N N 263 
PHE HA   H N N 264 
PHE HB2  H N N 265 
PHE HB3  H N N 266 
PHE HD1  H N N 267 
PHE HD2  H N N 268 
PHE HE1  H N N 269 
PHE HE2  H N N 270 
PHE HZ   H N N 271 
PHE HXT  H N N 272 
PRO N    N N N 273 
PRO CA   C N S 274 
PRO C    C N N 275 
PRO O    O N N 276 
PRO CB   C N N 277 
PRO CG   C N N 278 
PRO CD   C N N 279 
PRO OXT  O N N 280 
PRO H    H N N 281 
PRO HA   H N N 282 
PRO HB2  H N N 283 
PRO HB3  H N N 284 
PRO HG2  H N N 285 
PRO HG3  H N N 286 
PRO HD2  H N N 287 
PRO HD3  H N N 288 
PRO HXT  H N N 289 
SER N    N N N 290 
SER CA   C N S 291 
SER C    C N N 292 
SER O    O N N 293 
SER CB   C N N 294 
SER OG   O N N 295 
SER OXT  O N N 296 
SER H    H N N 297 
SER H2   H N N 298 
SER HA   H N N 299 
SER HB2  H N N 300 
SER HB3  H N N 301 
SER HG   H N N 302 
SER HXT  H N N 303 
THR N    N N N 304 
THR CA   C N S 305 
THR C    C N N 306 
THR O    O N N 307 
THR CB   C N R 308 
THR OG1  O N N 309 
THR CG2  C N N 310 
THR OXT  O N N 311 
THR H    H N N 312 
THR H2   H N N 313 
THR HA   H N N 314 
THR HB   H N N 315 
THR HG1  H N N 316 
THR HG21 H N N 317 
THR HG22 H N N 318 
THR HG23 H N N 319 
THR HXT  H N N 320 
TRP N    N N N 321 
TRP CA   C N S 322 
TRP C    C N N 323 
TRP O    O N N 324 
TRP CB   C N N 325 
TRP CG   C Y N 326 
TRP CD1  C Y N 327 
TRP CD2  C Y N 328 
TRP NE1  N Y N 329 
TRP CE2  C Y N 330 
TRP CE3  C Y N 331 
TRP CZ2  C Y N 332 
TRP CZ3  C Y N 333 
TRP CH2  C Y N 334 
TRP OXT  O N N 335 
TRP H    H N N 336 
TRP H2   H N N 337 
TRP HA   H N N 338 
TRP HB2  H N N 339 
TRP HB3  H N N 340 
TRP HD1  H N N 341 
TRP HE1  H N N 342 
TRP HE3  H N N 343 
TRP HZ2  H N N 344 
TRP HZ3  H N N 345 
TRP HH2  H N N 346 
TRP HXT  H N N 347 
TYR N    N N N 348 
TYR CA   C N S 349 
TYR C    C N N 350 
TYR O    O N N 351 
TYR CB   C N N 352 
TYR CG   C Y N 353 
TYR CD1  C Y N 354 
TYR CD2  C Y N 355 
TYR CE1  C Y N 356 
TYR CE2  C Y N 357 
TYR CZ   C Y N 358 
TYR OH   O N N 359 
TYR OXT  O N N 360 
TYR H    H N N 361 
TYR H2   H N N 362 
TYR HA   H N N 363 
TYR HB2  H N N 364 
TYR HB3  H N N 365 
TYR HD1  H N N 366 
TYR HD2  H N N 367 
TYR HE1  H N N 368 
TYR HE2  H N N 369 
TYR HH   H N N 370 
TYR HXT  H N N 371 
VAL N    N N N 372 
VAL CA   C N S 373 
VAL C    C N N 374 
VAL O    O N N 375 
VAL CB   C N N 376 
VAL CG1  C N N 377 
VAL CG2  C N N 378 
VAL OXT  O N N 379 
VAL H    H N N 380 
VAL H2   H N N 381 
VAL HA   H N N 382 
VAL HB   H N N 383 
VAL HG11 H N N 384 
VAL HG12 H N N 385 
VAL HG13 H N N 386 
VAL HG21 H N N 387 
VAL HG22 H N N 388 
VAL HG23 H N N 389 
VAL HXT  H N N 390 
# 
loop_
_chem_comp_bond.comp_id 
_chem_comp_bond.atom_id_1 
_chem_comp_bond.atom_id_2 
_chem_comp_bond.value_order 
_chem_comp_bond.pdbx_aromatic_flag 
_chem_comp_bond.pdbx_stereo_config 
_chem_comp_bond.pdbx_ordinal 
ALA N   CA   sing N N 1   
ALA N   H    sing N N 2   
ALA N   H2   sing N N 3   
ALA CA  C    sing N N 4   
ALA CA  CB   sing N N 5   
ALA CA  HA   sing N N 6   
ALA C   O    doub N N 7   
ALA C   OXT  sing N N 8   
ALA CB  HB1  sing N N 9   
ALA CB  HB2  sing N N 10  
ALA CB  HB3  sing N N 11  
ALA OXT HXT  sing N N 12  
ARG N   CA   sing N N 13  
ARG N   H    sing N N 14  
ARG N   H2   sing N N 15  
ARG CA  C    sing N N 16  
ARG CA  CB   sing N N 17  
ARG CA  HA   sing N N 18  
ARG C   O    doub N N 19  
ARG C   OXT  sing N N 20  
ARG CB  CG   sing N N 21  
ARG CB  HB2  sing N N 22  
ARG CB  HB3  sing N N 23  
ARG CG  CD   sing N N 24  
ARG CG  HG2  sing N N 25  
ARG CG  HG3  sing N N 26  
ARG CD  NE   sing N N 27  
ARG CD  HD2  sing N N 28  
ARG CD  HD3  sing N N 29  
ARG NE  CZ   sing N N 30  
ARG NE  HE   sing N N 31  
ARG CZ  NH1  sing N N 32  
ARG CZ  NH2  doub N N 33  
ARG NH1 HH11 sing N N 34  
ARG NH1 HH12 sing N N 35  
ARG NH2 HH21 sing N N 36  
ARG NH2 HH22 sing N N 37  
ARG OXT HXT  sing N N 38  
ASN N   CA   sing N N 39  
ASN N   H    sing N N 40  
ASN N   H2   sing N N 41  
ASN CA  C    sing N N 42  
ASN CA  CB   sing N N 43  
ASN CA  HA   sing N N 44  
ASN C   O    doub N N 45  
ASN C   OXT  sing N N 46  
ASN CB  CG   sing N N 47  
ASN CB  HB2  sing N N 48  
ASN CB  HB3  sing N N 49  
ASN CG  OD1  doub N N 50  
ASN CG  ND2  sing N N 51  
ASN ND2 HD21 sing N N 52  
ASN ND2 HD22 sing N N 53  
ASN OXT HXT  sing N N 54  
ASP N   CA   sing N N 55  
ASP N   H    sing N N 56  
ASP N   H2   sing N N 57  
ASP CA  C    sing N N 58  
ASP CA  CB   sing N N 59  
ASP CA  HA   sing N N 60  
ASP C   O    doub N N 61  
ASP C   OXT  sing N N 62  
ASP CB  CG   sing N N 63  
ASP CB  HB2  sing N N 64  
ASP CB  HB3  sing N N 65  
ASP CG  OD1  doub N N 66  
ASP CG  OD2  sing N N 67  
ASP OD2 HD2  sing N N 68  
ASP OXT HXT  sing N N 69  
CYS N   CA   sing N N 70  
CYS N   H    sing N N 71  
CYS N   H2   sing N N 72  
CYS CA  C    sing N N 73  
CYS CA  CB   sing N N 74  
CYS CA  HA   sing N N 75  
CYS C   O    doub N N 76  
CYS C   OXT  sing N N 77  
CYS CB  SG   sing N N 78  
CYS CB  HB2  sing N N 79  
CYS CB  HB3  sing N N 80  
CYS SG  HG   sing N N 81  
CYS OXT HXT  sing N N 82  
GLN N   CA   sing N N 83  
GLN N   H    sing N N 84  
GLN N   H2   sing N N 85  
GLN CA  C    sing N N 86  
GLN CA  CB   sing N N 87  
GLN CA  HA   sing N N 88  
GLN C   O    doub N N 89  
GLN C   OXT  sing N N 90  
GLN CB  CG   sing N N 91  
GLN CB  HB2  sing N N 92  
GLN CB  HB3  sing N N 93  
GLN CG  CD   sing N N 94  
GLN CG  HG2  sing N N 95  
GLN CG  HG3  sing N N 96  
GLN CD  OE1  doub N N 97  
GLN CD  NE2  sing N N 98  
GLN NE2 HE21 sing N N 99  
GLN NE2 HE22 sing N N 100 
GLN OXT HXT  sing N N 101 
GLU N   CA   sing N N 102 
GLU N   H    sing N N 103 
GLU N   H2   sing N N 104 
GLU CA  C    sing N N 105 
GLU CA  CB   sing N N 106 
GLU CA  HA   sing N N 107 
GLU C   O    doub N N 108 
GLU C   OXT  sing N N 109 
GLU CB  CG   sing N N 110 
GLU CB  HB2  sing N N 111 
GLU CB  HB3  sing N N 112 
GLU CG  CD   sing N N 113 
GLU CG  HG2  sing N N 114 
GLU CG  HG3  sing N N 115 
GLU CD  OE1  doub N N 116 
GLU CD  OE2  sing N N 117 
GLU OE2 HE2  sing N N 118 
GLU OXT HXT  sing N N 119 
GLY N   CA   sing N N 120 
GLY N   H    sing N N 121 
GLY N   H2   sing N N 122 
GLY CA  C    sing N N 123 
GLY CA  HA2  sing N N 124 
GLY CA  HA3  sing N N 125 
GLY C   O    doub N N 126 
GLY C   OXT  sing N N 127 
GLY OXT HXT  sing N N 128 
HIS N   CA   sing N N 129 
HIS N   H    sing N N 130 
HIS N   H2   sing N N 131 
HIS CA  C    sing N N 132 
HIS CA  CB   sing N N 133 
HIS CA  HA   sing N N 134 
HIS C   O    doub N N 135 
HIS C   OXT  sing N N 136 
HIS CB  CG   sing N N 137 
HIS CB  HB2  sing N N 138 
HIS CB  HB3  sing N N 139 
HIS CG  ND1  sing Y N 140 
HIS CG  CD2  doub Y N 141 
HIS ND1 CE1  doub Y N 142 
HIS ND1 HD1  sing N N 143 
HIS CD2 NE2  sing Y N 144 
HIS CD2 HD2  sing N N 145 
HIS CE1 NE2  sing Y N 146 
HIS CE1 HE1  sing N N 147 
HIS NE2 HE2  sing N N 148 
HIS OXT HXT  sing N N 149 
HOH O   H1   sing N N 150 
HOH O   H2   sing N N 151 
ILE N   CA   sing N N 152 
ILE N   H    sing N N 153 
ILE N   H2   sing N N 154 
ILE CA  C    sing N N 155 
ILE CA  CB   sing N N 156 
ILE CA  HA   sing N N 157 
ILE C   O    doub N N 158 
ILE C   OXT  sing N N 159 
ILE CB  CG1  sing N N 160 
ILE CB  CG2  sing N N 161 
ILE CB  HB   sing N N 162 
ILE CG1 CD1  sing N N 163 
ILE CG1 HG12 sing N N 164 
ILE CG1 HG13 sing N N 165 
ILE CG2 HG21 sing N N 166 
ILE CG2 HG22 sing N N 167 
ILE CG2 HG23 sing N N 168 
ILE CD1 HD11 sing N N 169 
ILE CD1 HD12 sing N N 170 
ILE CD1 HD13 sing N N 171 
ILE OXT HXT  sing N N 172 
LEU N   CA   sing N N 173 
LEU N   H    sing N N 174 
LEU N   H2   sing N N 175 
LEU CA  C    sing N N 176 
LEU CA  CB   sing N N 177 
LEU CA  HA   sing N N 178 
LEU C   O    doub N N 179 
LEU C   OXT  sing N N 180 
LEU CB  CG   sing N N 181 
LEU CB  HB2  sing N N 182 
LEU CB  HB3  sing N N 183 
LEU CG  CD1  sing N N 184 
LEU CG  CD2  sing N N 185 
LEU CG  HG   sing N N 186 
LEU CD1 HD11 sing N N 187 
LEU CD1 HD12 sing N N 188 
LEU CD1 HD13 sing N N 189 
LEU CD2 HD21 sing N N 190 
LEU CD2 HD22 sing N N 191 
LEU CD2 HD23 sing N N 192 
LEU OXT HXT  sing N N 193 
LYS N   CA   sing N N 194 
LYS N   H    sing N N 195 
LYS N   H2   sing N N 196 
LYS CA  C    sing N N 197 
LYS CA  CB   sing N N 198 
LYS CA  HA   sing N N 199 
LYS C   O    doub N N 200 
LYS C   OXT  sing N N 201 
LYS CB  CG   sing N N 202 
LYS CB  HB2  sing N N 203 
LYS CB  HB3  sing N N 204 
LYS CG  CD   sing N N 205 
LYS CG  HG2  sing N N 206 
LYS CG  HG3  sing N N 207 
LYS CD  CE   sing N N 208 
LYS CD  HD2  sing N N 209 
LYS CD  HD3  sing N N 210 
LYS CE  NZ   sing N N 211 
LYS CE  HE2  sing N N 212 
LYS CE  HE3  sing N N 213 
LYS NZ  HZ1  sing N N 214 
LYS NZ  HZ2  sing N N 215 
LYS NZ  HZ3  sing N N 216 
LYS OXT HXT  sing N N 217 
MET N   CA   sing N N 218 
MET N   H    sing N N 219 
MET N   H2   sing N N 220 
MET CA  C    sing N N 221 
MET CA  CB   sing N N 222 
MET CA  HA   sing N N 223 
MET C   O    doub N N 224 
MET C   OXT  sing N N 225 
MET CB  CG   sing N N 226 
MET CB  HB2  sing N N 227 
MET CB  HB3  sing N N 228 
MET CG  SD   sing N N 229 
MET CG  HG2  sing N N 230 
MET CG  HG3  sing N N 231 
MET SD  CE   sing N N 232 
MET CE  HE1  sing N N 233 
MET CE  HE2  sing N N 234 
MET CE  HE3  sing N N 235 
MET OXT HXT  sing N N 236 
PHE N   CA   sing N N 237 
PHE N   H    sing N N 238 
PHE N   H2   sing N N 239 
PHE CA  C    sing N N 240 
PHE CA  CB   sing N N 241 
PHE CA  HA   sing N N 242 
PHE C   O    doub N N 243 
PHE C   OXT  sing N N 244 
PHE CB  CG   sing N N 245 
PHE CB  HB2  sing N N 246 
PHE CB  HB3  sing N N 247 
PHE CG  CD1  doub Y N 248 
PHE CG  CD2  sing Y N 249 
PHE CD1 CE1  sing Y N 250 
PHE CD1 HD1  sing N N 251 
PHE CD2 CE2  doub Y N 252 
PHE CD2 HD2  sing N N 253 
PHE CE1 CZ   doub Y N 254 
PHE CE1 HE1  sing N N 255 
PHE CE2 CZ   sing Y N 256 
PHE CE2 HE2  sing N N 257 
PHE CZ  HZ   sing N N 258 
PHE OXT HXT  sing N N 259 
PRO N   CA   sing N N 260 
PRO N   CD   sing N N 261 
PRO N   H    sing N N 262 
PRO CA  C    sing N N 263 
PRO CA  CB   sing N N 264 
PRO CA  HA   sing N N 265 
PRO C   O    doub N N 266 
PRO C   OXT  sing N N 267 
PRO CB  CG   sing N N 268 
PRO CB  HB2  sing N N 269 
PRO CB  HB3  sing N N 270 
PRO CG  CD   sing N N 271 
PRO CG  HG2  sing N N 272 
PRO CG  HG3  sing N N 273 
PRO CD  HD2  sing N N 274 
PRO CD  HD3  sing N N 275 
PRO OXT HXT  sing N N 276 
SER N   CA   sing N N 277 
SER N   H    sing N N 278 
SER N   H2   sing N N 279 
SER CA  C    sing N N 280 
SER CA  CB   sing N N 281 
SER CA  HA   sing N N 282 
SER C   O    doub N N 283 
SER C   OXT  sing N N 284 
SER CB  OG   sing N N 285 
SER CB  HB2  sing N N 286 
SER CB  HB3  sing N N 287 
SER OG  HG   sing N N 288 
SER OXT HXT  sing N N 289 
THR N   CA   sing N N 290 
THR N   H    sing N N 291 
THR N   H2   sing N N 292 
THR CA  C    sing N N 293 
THR CA  CB   sing N N 294 
THR CA  HA   sing N N 295 
THR C   O    doub N N 296 
THR C   OXT  sing N N 297 
THR CB  OG1  sing N N 298 
THR CB  CG2  sing N N 299 
THR CB  HB   sing N N 300 
THR OG1 HG1  sing N N 301 
THR CG2 HG21 sing N N 302 
THR CG2 HG22 sing N N 303 
THR CG2 HG23 sing N N 304 
THR OXT HXT  sing N N 305 
TRP N   CA   sing N N 306 
TRP N   H    sing N N 307 
TRP N   H2   sing N N 308 
TRP CA  C    sing N N 309 
TRP CA  CB   sing N N 310 
TRP CA  HA   sing N N 311 
TRP C   O    doub N N 312 
TRP C   OXT  sing N N 313 
TRP CB  CG   sing N N 314 
TRP CB  HB2  sing N N 315 
TRP CB  HB3  sing N N 316 
TRP CG  CD1  doub Y N 317 
TRP CG  CD2  sing Y N 318 
TRP CD1 NE1  sing Y N 319 
TRP CD1 HD1  sing N N 320 
TRP CD2 CE2  doub Y N 321 
TRP CD2 CE3  sing Y N 322 
TRP NE1 CE2  sing Y N 323 
TRP NE1 HE1  sing N N 324 
TRP CE2 CZ2  sing Y N 325 
TRP CE3 CZ3  doub Y N 326 
TRP CE3 HE3  sing N N 327 
TRP CZ2 CH2  doub Y N 328 
TRP CZ2 HZ2  sing N N 329 
TRP CZ3 CH2  sing Y N 330 
TRP CZ3 HZ3  sing N N 331 
TRP CH2 HH2  sing N N 332 
TRP OXT HXT  sing N N 333 
TYR N   CA   sing N N 334 
TYR N   H    sing N N 335 
TYR N   H2   sing N N 336 
TYR CA  C    sing N N 337 
TYR CA  CB   sing N N 338 
TYR CA  HA   sing N N 339 
TYR C   O    doub N N 340 
TYR C   OXT  sing N N 341 
TYR CB  CG   sing N N 342 
TYR CB  HB2  sing N N 343 
TYR CB  HB3  sing N N 344 
TYR CG  CD1  doub Y N 345 
TYR CG  CD2  sing Y N 346 
TYR CD1 CE1  sing Y N 347 
TYR CD1 HD1  sing N N 348 
TYR CD2 CE2  doub Y N 349 
TYR CD2 HD2  sing N N 350 
TYR CE1 CZ   doub Y N 351 
TYR CE1 HE1  sing N N 352 
TYR CE2 CZ   sing Y N 353 
TYR CE2 HE2  sing N N 354 
TYR CZ  OH   sing N N 355 
TYR OH  HH   sing N N 356 
TYR OXT HXT  sing N N 357 
VAL N   CA   sing N N 358 
VAL N   H    sing N N 359 
VAL N   H2   sing N N 360 
VAL CA  C    sing N N 361 
VAL CA  CB   sing N N 362 
VAL CA  HA   sing N N 363 
VAL C   O    doub N N 364 
VAL C   OXT  sing N N 365 
VAL CB  CG1  sing N N 366 
VAL CB  CG2  sing N N 367 
VAL CB  HB   sing N N 368 
VAL CG1 HG11 sing N N 369 
VAL CG1 HG12 sing N N 370 
VAL CG1 HG13 sing N N 371 
VAL CG2 HG21 sing N N 372 
VAL CG2 HG22 sing N N 373 
VAL CG2 HG23 sing N N 374 
VAL OXT HXT  sing N N 375 
# 
_atom_sites.entry_id                    2V1L 
_atom_sites.fract_transf_matrix[1][1]   -0.00752292 
_atom_sites.fract_transf_matrix[1][2]   -0.00145841 
_atom_sites.fract_transf_matrix[1][3]   0.01259653 
_atom_sites.fract_transf_matrix[2][1]   -0.00891060 
_atom_sites.fract_transf_matrix[2][2]   0.01082642 
_atom_sites.fract_transf_matrix[2][3]   0.00456124 
_atom_sites.fract_transf_matrix[3][1]   -0.01796361 
_atom_sites.fract_transf_matrix[3][2]   -0.00978753 
_atom_sites.fract_transf_matrix[3][3]   -0.01186144 
_atom_sites.fract_transf_vector[1]      0.464628 
_atom_sites.fract_transf_vector[2]      0.296400 
_atom_sites.fract_transf_vector[3]      0.169715 
# 
loop_
_atom_type.symbol 
C 
N 
O 
S 
# 
loop_
_atom_site.group_PDB 
_atom_site.id 
_atom_site.type_symbol 
_atom_site.label_atom_id 
_atom_site.label_alt_id 
_atom_site.label_comp_id 
_atom_site.label_asym_id 
_atom_site.label_entity_id 
_atom_site.label_seq_id 
_atom_site.pdbx_PDB_ins_code 
_atom_site.Cartn_x 
_atom_site.Cartn_y 
_atom_site.Cartn_z 
_atom_site.occupancy 
_atom_site.B_iso_or_equiv 
_atom_site.pdbx_formal_charge 
_atom_site.auth_seq_id 
_atom_site.auth_comp_id 
_atom_site.auth_asym_id 
_atom_site.auth_atom_id 
_atom_site.pdbx_PDB_model_num 
ATOM   1    N N   . LEU A 1 5   ? 13.984  -9.213  -6.372  1.00 63.61 ? 5    LEU A N   1 
ATOM   2    C CA  . LEU A 1 5   ? 13.092  -8.643  -7.428  1.00 63.45 ? 5    LEU A CA  1 
ATOM   3    C C   . LEU A 1 5   ? 12.596  -7.225  -7.073  1.00 63.48 ? 5    LEU A C   1 
ATOM   4    O O   . LEU A 1 5   ? 12.434  -6.375  -7.960  1.00 63.70 ? 5    LEU A O   1 
ATOM   5    C CB  . LEU A 1 5   ? 11.922  -9.602  -7.738  1.00 63.37 ? 5    LEU A CB  1 
ATOM   6    C CG  . LEU A 1 5   ? 11.046  -9.289  -8.964  1.00 63.40 ? 5    LEU A CG  1 
ATOM   7    C CD1 . LEU A 1 5   ? 11.873  -9.282  -10.250 1.00 63.74 ? 5    LEU A CD1 1 
ATOM   8    C CD2 . LEU A 1 5   ? 9.864   -10.235 -9.089  1.00 63.02 ? 5    LEU A CD2 1 
ATOM   9    N N   . PHE A 1 6   ? 12.348  -6.987  -5.784  1.00 63.17 ? 6    PHE A N   1 
ATOM   10   C CA  . PHE A 1 6   ? 12.072  -5.644  -5.256  1.00 62.75 ? 6    PHE A CA  1 
ATOM   11   C C   . PHE A 1 6   ? 13.171  -5.327  -4.269  1.00 62.77 ? 6    PHE A C   1 
ATOM   12   O O   . PHE A 1 6   ? 13.467  -6.147  -3.400  1.00 62.97 ? 6    PHE A O   1 
ATOM   13   C CB  . PHE A 1 6   ? 10.751  -5.586  -4.475  1.00 62.18 ? 6    PHE A CB  1 
ATOM   14   C CG  . PHE A 1 6   ? 9.553   -6.043  -5.241  1.00 61.37 ? 6    PHE A CG  1 
ATOM   15   C CD1 . PHE A 1 6   ? 8.841   -5.158  -6.031  1.00 60.48 ? 6    PHE A CD1 1 
ATOM   16   C CD2 . PHE A 1 6   ? 9.107   -7.358  -5.135  1.00 60.65 ? 6    PHE A CD2 1 
ATOM   17   C CE1 . PHE A 1 6   ? 7.727   -5.581  -6.736  1.00 60.53 ? 6    PHE A CE1 1 
ATOM   18   C CE2 . PHE A 1 6   ? 7.988   -7.787  -5.835  1.00 60.31 ? 6    PHE A CE2 1 
ATOM   19   C CZ  . PHE A 1 6   ? 7.301   -6.900  -6.637  1.00 60.60 ? 6    PHE A CZ  1 
ATOM   20   N N   . LYS A 1 7   ? 13.769  -4.146  -4.377  1.00 62.92 ? 7    LYS A N   1 
ATOM   21   C CA  . LYS A 1 7   ? 14.745  -3.712  -3.374  1.00 63.16 ? 7    LYS A CA  1 
ATOM   22   C C   . LYS A 1 7   ? 15.129  -2.234  -3.451  1.00 62.58 ? 7    LYS A C   1 
ATOM   23   O O   . LYS A 1 7   ? 15.050  -1.615  -4.526  1.00 62.38 ? 7    LYS A O   1 
ATOM   24   C CB  . LYS A 1 7   ? 16.043  -4.541  -3.460  1.00 63.40 ? 7    LYS A CB  1 
ATOM   25   C CG  . LYS A 1 7   ? 16.028  -5.877  -2.722  1.00 64.15 ? 7    LYS A CG  1 
ATOM   26   C CD  . LYS A 1 7   ? 17.353  -6.618  -2.890  1.00 64.15 ? 7    LYS A CD  1 
ATOM   27   C CE  . LYS A 1 7   ? 17.111  -8.105  -3.122  1.00 65.65 ? 7    LYS A CE  1 
ATOM   28   N NZ  . LYS A 1 7   ? 18.316  -8.925  -2.817  1.00 66.03 ? 7    LYS A NZ  1 
ATOM   29   N N   . PRO A 1 8   ? 15.517  -1.658  -2.292  1.00 61.91 ? 8    PRO A N   1 
ATOM   30   C CA  . PRO A 1 8   ? 15.019  -1.836  -0.929  1.00 60.89 ? 8    PRO A CA  1 
ATOM   31   C C   . PRO A 1 8   ? 14.462  -0.495  -0.397  1.00 59.70 ? 8    PRO A C   1 
ATOM   32   O O   . PRO A 1 8   ? 14.537  0.519   -1.099  1.00 59.87 ? 8    PRO A O   1 
ATOM   33   C CB  . PRO A 1 8   ? 16.291  -2.225  -0.175  1.00 60.91 ? 8    PRO A CB  1 
ATOM   34   C CG  . PRO A 1 8   ? 17.444  -1.526  -0.996  1.00 61.61 ? 8    PRO A CG  1 
ATOM   35   C CD  . PRO A 1 8   ? 16.803  -0.941  -2.257  1.00 62.04 ? 8    PRO A CD  1 
ATOM   36   N N   . THR A 1 9   ? 13.889  -0.490  0.808   1.00 58.03 ? 9    THR A N   1 
ATOM   37   C CA  . THR A 1 9   ? 13.376  0.742   1.429   1.00 55.87 ? 9    THR A CA  1 
ATOM   38   C C   . THR A 1 9   ? 13.714  0.755   2.917   1.00 54.60 ? 9    THR A C   1 
ATOM   39   O O   . THR A 1 9   ? 14.206  -0.244  3.457   1.00 54.60 ? 9    THR A O   1 
ATOM   40   C CB  . THR A 1 9   ? 11.838  0.929   1.249   1.00 56.13 ? 9    THR A CB  1 
ATOM   41   O OG1 . THR A 1 9   ? 11.127  0.150   2.220   1.00 55.67 ? 9    THR A OG1 1 
ATOM   42   C CG2 . THR A 1 9   ? 11.375  0.544   -0.145  1.00 55.88 ? 9    THR A CG2 1 
ATOM   43   N N   . HIS A 1 10  ? 13.430  1.882   3.572   1.00 52.70 ? 10   HIS A N   1 
ATOM   44   C CA  . HIS A 1 10  ? 13.762  2.098   4.988   1.00 50.80 ? 10   HIS A CA  1 
ATOM   45   C C   . HIS A 1 10  ? 12.672  1.617   5.944   1.00 48.65 ? 10   HIS A C   1 
ATOM   46   O O   . HIS A 1 10  ? 12.775  1.799   7.159   1.00 48.66 ? 10   HIS A O   1 
ATOM   47   C CB  . HIS A 1 10  ? 14.088  3.582   5.244   1.00 51.32 ? 10   HIS A CB  1 
ATOM   48   C CG  . HIS A 1 10  ? 15.321  4.061   4.533   1.00 53.12 ? 10   HIS A CG  1 
ATOM   49   N ND1 . HIS A 1 10  ? 16.493  4.359   5.195   1.00 54.81 ? 10   HIS A ND1 1 
ATOM   50   C CD2 . HIS A 1 10  ? 15.571  4.260   3.216   1.00 54.15 ? 10   HIS A CD2 1 
ATOM   51   C CE1 . HIS A 1 10  ? 17.408  4.737   4.319   1.00 55.91 ? 10   HIS A CE1 1 
ATOM   52   N NE2 . HIS A 1 10  ? 16.876  4.679   3.110   1.00 56.70 ? 10   HIS A NE2 1 
ATOM   53   N N   . LEU A 1 11  ? 11.630  1.010   5.385   1.00 45.77 ? 11   LEU A N   1 
ATOM   54   C CA  . LEU A 1 11  ? 10.578  0.369   6.173   1.00 42.75 ? 11   LEU A CA  1 
ATOM   55   C C   . LEU A 1 11  ? 10.678  -1.153  6.025   1.00 41.19 ? 11   LEU A C   1 
ATOM   56   O O   . LEU A 1 11  ? 11.052  -1.640  4.964   1.00 40.95 ? 11   LEU A O   1 
ATOM   57   C CB  . LEU A 1 11  ? 9.201   0.887   5.742   1.00 42.16 ? 11   LEU A CB  1 
ATOM   58   C CG  . LEU A 1 11  ? 8.872   2.310   6.216   1.00 41.14 ? 11   LEU A CG  1 
ATOM   59   C CD1 . LEU A 1 11  ? 7.511   2.722   5.728   1.00 38.29 ? 11   LEU A CD1 1 
ATOM   60   C CD2 . LEU A 1 11  ? 8.978   2.445   7.735   1.00 37.17 ? 11   LEU A CD2 1 
ATOM   61   N N   . PRO A 1 12  ? 10.343  -1.911  7.086   1.00 39.63 ? 12   PRO A N   1 
ATOM   62   C CA  . PRO A 1 12  ? 10.520  -3.357  7.025   1.00 38.68 ? 12   PRO A CA  1 
ATOM   63   C C   . PRO A 1 12  ? 9.438   -4.068  6.197   1.00 38.13 ? 12   PRO A C   1 
ATOM   64   O O   . PRO A 1 12  ? 8.615   -4.816  6.754   1.00 37.99 ? 12   PRO A O   1 
ATOM   65   C CB  . PRO A 1 12  ? 10.454  -3.763  8.494   1.00 38.20 ? 12   PRO A CB  1 
ATOM   66   C CG  . PRO A 1 12  ? 9.568   -2.772  9.112   1.00 39.05 ? 12   PRO A CG  1 
ATOM   67   C CD  . PRO A 1 12  ? 9.783   -1.485  8.382   1.00 39.09 ? 12   PRO A CD  1 
ATOM   68   N N   . ILE A 1 13  ? 9.449   -3.824  4.882   1.00 37.03 ? 13   ILE A N   1 
ATOM   69   C CA  . ILE A 1 13  ? 8.558   -4.503  3.955   1.00 36.33 ? 13   ILE A CA  1 
ATOM   70   C C   . ILE A 1 13  ? 8.876   -5.999  4.020   1.00 36.48 ? 13   ILE A C   1 
ATOM   71   O O   . ILE A 1 13  ? 10.049  -6.401  3.940   1.00 35.71 ? 13   ILE A O   1 
ATOM   72   C CB  . ILE A 1 13  ? 8.672   -3.949  2.504   1.00 36.47 ? 13   ILE A CB  1 
ATOM   73   C CG1 . ILE A 1 13  ? 8.327   -2.443  2.476   1.00 36.70 ? 13   ILE A CG1 1 
ATOM   74   C CG2 . ILE A 1 13  ? 7.718   -4.667  1.552   1.00 34.95 ? 13   ILE A CG2 1 
ATOM   75   C CD1 . ILE A 1 13  ? 8.555   -1.772  1.136   1.00 36.03 ? 13   ILE A CD1 1 
ATOM   76   N N   . SER A 1 14  ? 7.820   -6.799  4.190   1.00 35.67 ? 14   SER A N   1 
ATOM   77   C CA  . SER A 1 14  ? 7.914   -8.249  4.373   1.00 34.83 ? 14   SER A CA  1 
ATOM   78   C C   . SER A 1 14  ? 8.082   -9.024  3.103   1.00 34.21 ? 14   SER A C   1 
ATOM   79   O O   . SER A 1 14  ? 7.598   -8.618  2.026   1.00 33.87 ? 14   SER A O   1 
ATOM   80   C CB  . SER A 1 14  ? 6.633   -8.771  5.026   1.00 34.98 ? 14   SER A CB  1 
ATOM   81   O OG  . SER A 1 14  ? 6.675   -8.496  6.408   1.00 37.65 ? 14   SER A OG  1 
ATOM   82   N N   . LYS A 1 15  ? 8.717   -10.188 3.254   1.00 33.76 ? 15   LYS A N   1 
ATOM   83   C CA  . LYS A 1 15  ? 8.721   -11.214 2.210   1.00 33.05 ? 15   LYS A CA  1 
ATOM   84   C C   . LYS A 1 15  ? 7.314   -11.595 1.725   1.00 31.13 ? 15   LYS A C   1 
ATOM   85   O O   . LYS A 1 15  ? 7.075   -11.614 0.522   1.00 31.19 ? 15   LYS A O   1 
ATOM   86   C CB  . LYS A 1 15  ? 9.529   -12.438 2.662   1.00 34.33 ? 15   LYS A CB  1 
ATOM   87   C CG  . LYS A 1 15  ? 11.015  -12.154 2.642   1.00 36.89 ? 15   LYS A CG  1 
ATOM   88   C CD  . LYS A 1 15  ? 11.786  -13.298 3.243   1.00 42.73 ? 15   LYS A CD  1 
ATOM   89   C CE  . LYS A 1 15  ? 13.165  -13.362 2.637   1.00 42.72 ? 15   LYS A CE  1 
ATOM   90   N NZ  . LYS A 1 15  ? 13.039  -13.779 1.208   1.00 44.82 ? 15   LYS A NZ  1 
ATOM   91   N N   . PRO A 1 16  ? 6.367   -11.855 2.643   1.00 29.94 ? 16   PRO A N   1 
ATOM   92   C CA  . PRO A 1 16  ? 5.000   -12.081 2.166   1.00 29.98 ? 16   PRO A CA  1 
ATOM   93   C C   . PRO A 1 16  ? 4.413   -10.915 1.344   1.00 29.90 ? 16   PRO A C   1 
ATOM   94   O O   . PRO A 1 16  ? 3.631   -11.147 0.424   1.00 30.23 ? 16   PRO A O   1 
ATOM   95   C CB  . PRO A 1 16  ? 4.216   -12.268 3.464   1.00 30.24 ? 16   PRO A CB  1 
ATOM   96   C CG  . PRO A 1 16  ? 5.227   -12.756 4.428   1.00 29.39 ? 16   PRO A CG  1 
ATOM   97   C CD  . PRO A 1 16  ? 6.456   -12.021 4.103   1.00 29.21 ? 16   PRO A CD  1 
ATOM   98   N N   . PHE A 1 17  ? 4.803   -9.681  1.657   1.00 29.78 ? 17   PHE A N   1 
ATOM   99   C CA  . PHE A 1 17  ? 4.315   -8.521  0.901   1.00 30.15 ? 17   PHE A CA  1 
ATOM   100  C C   . PHE A 1 17  ? 4.969   -8.526  -0.481  1.00 30.36 ? 17   PHE A C   1 
ATOM   101  O O   . PHE A 1 17  ? 4.311   -8.309  -1.462  1.00 29.88 ? 17   PHE A O   1 
ATOM   102  C CB  . PHE A 1 17  ? 4.588   -7.223  1.649   1.00 29.25 ? 17   PHE A CB  1 
ATOM   103  C CG  . PHE A 1 17  ? 3.901   -6.009  1.053   1.00 31.09 ? 17   PHE A CG  1 
ATOM   104  C CD1 . PHE A 1 17  ? 2.565   -5.745  1.324   1.00 28.98 ? 17   PHE A CD1 1 
ATOM   105  C CD2 . PHE A 1 17  ? 4.613   -5.106  0.263   1.00 30.99 ? 17   PHE A CD2 1 
ATOM   106  C CE1 . PHE A 1 17  ? 1.945   -4.613  0.791   1.00 31.63 ? 17   PHE A CE1 1 
ATOM   107  C CE2 . PHE A 1 17  ? 3.993   -3.969  -0.279  1.00 31.90 ? 17   PHE A CE2 1 
ATOM   108  C CZ  . PHE A 1 17  ? 2.655   -3.724  -0.021  1.00 28.42 ? 17   PHE A CZ  1 
ATOM   109  N N   . HIS A 1 18  ? 6.255   -8.826  -0.560  1.00 32.23 ? 18   HIS A N   1 
ATOM   110  C CA  . HIS A 1 18  ? 6.913   -8.930  -1.886  1.00 33.92 ? 18   HIS A CA  1 
ATOM   111  C C   . HIS A 1 18  ? 6.320   -10.024 -2.755  1.00 34.30 ? 18   HIS A C   1 
ATOM   112  O O   . HIS A 1 18  ? 6.076   -9.814  -3.949  1.00 35.31 ? 18   HIS A O   1 
ATOM   113  C CB  . HIS A 1 18  ? 8.417   -9.096  -1.741  1.00 34.20 ? 18   HIS A CB  1 
ATOM   114  C CG  . HIS A 1 18  ? 9.106   -7.867  -1.228  1.00 35.23 ? 18   HIS A CG  1 
ATOM   115  N ND1 . HIS A 1 18  ? 10.041  -7.901  -0.217  1.00 36.03 ? 18   HIS A ND1 1 
ATOM   116  C CD2 . HIS A 1 18  ? 8.992   -6.566  -1.591  1.00 35.58 ? 18   HIS A CD2 1 
ATOM   117  C CE1 . HIS A 1 18  ? 10.480  -6.677  0.020   1.00 35.48 ? 18   HIS A CE1 1 
ATOM   118  N NE2 . HIS A 1 18  ? 9.867   -5.851  -0.808  1.00 36.62 ? 18   HIS A NE2 1 
ATOM   119  N N   . ALA A 1 19  ? 6.065   -11.174 -2.137  1.00 34.73 ? 19   ALA A N   1 
ATOM   120  C CA  . ALA A 1 19  ? 5.367   -12.303 -2.759  1.00 34.77 ? 19   ALA A CA  1 
ATOM   121  C C   . ALA A 1 19  ? 3.970   -11.953 -3.265  1.00 35.19 ? 19   ALA A C   1 
ATOM   122  O O   . ALA A 1 19  ? 3.580   -12.416 -4.332  1.00 35.47 ? 19   ALA A O   1 
ATOM   123  C CB  . ALA A 1 19  ? 5.298   -13.508 -1.778  1.00 34.28 ? 19   ALA A CB  1 
ATOM   124  N N   . LEU A 1 20  ? 3.196   -11.180 -2.500  1.00 36.08 ? 20   LEU A N   1 
ATOM   125  C CA  . LEU A 1 20  ? 1.919   -10.664 -3.020  1.00 37.28 ? 20   LEU A CA  1 
ATOM   126  C C   . LEU A 1 20  ? 2.134   -9.792  -4.256  1.00 38.51 ? 20   LEU A C   1 
ATOM   127  O O   . LEU A 1 20  ? 1.468   -9.988  -5.283  1.00 38.48 ? 20   LEU A O   1 
ATOM   128  C CB  . LEU A 1 20  ? 1.123   -9.894  -1.955  1.00 37.54 ? 20   LEU A CB  1 
ATOM   129  C CG  . LEU A 1 20  ? -0.134  -9.144  -2.433  1.00 37.01 ? 20   LEU A CG  1 
ATOM   130  C CD1 . LEU A 1 20  ? -1.219  -10.075 -3.030  1.00 37.05 ? 20   LEU A CD1 1 
ATOM   131  C CD2 . LEU A 1 20  ? -0.718  -8.332  -1.322  1.00 36.82 ? 20   LEU A CD2 1 
ATOM   132  N N   . LEU A 1 21  ? 3.075   -8.851  -4.160  1.00 40.00 ? 21   LEU A N   1 
ATOM   133  C CA  . LEU A 1 21  ? 3.390   -7.938  -5.270  1.00 41.55 ? 21   LEU A CA  1 
ATOM   134  C C   . LEU A 1 21  ? 3.895   -8.706  -6.478  1.00 43.44 ? 21   LEU A C   1 
ATOM   135  O O   . LEU A 1 21  ? 3.391   -8.521  -7.584  1.00 43.86 ? 21   LEU A O   1 
ATOM   136  C CB  . LEU A 1 21  ? 4.445   -6.910  -4.870  1.00 40.62 ? 21   LEU A CB  1 
ATOM   137  C CG  . LEU A 1 21  ? 4.148   -5.827  -3.825  1.00 40.64 ? 21   LEU A CG  1 
ATOM   138  C CD1 . LEU A 1 21  ? 5.379   -4.950  -3.628  1.00 38.37 ? 21   LEU A CD1 1 
ATOM   139  C CD2 . LEU A 1 21  ? 2.955   -4.984  -4.201  1.00 36.97 ? 21   LEU A CD2 1 
ATOM   140  N N   . ALA A 1 22  ? 4.895   -9.558  -6.257  1.00 45.30 ? 22   ALA A N   1 
ATOM   141  C CA  . ALA A 1 22  ? 5.465   -10.402 -7.313  1.00 47.75 ? 22   ALA A CA  1 
ATOM   142  C C   . ALA A 1 22  ? 4.383   -11.210 -8.021  1.00 49.15 ? 22   ALA A C   1 
ATOM   143  O O   . ALA A 1 22  ? 4.360   -11.281 -9.251  1.00 49.73 ? 22   ALA A O   1 
ATOM   144  C CB  . ALA A 1 22  ? 6.551   -11.330 -6.738  1.00 47.49 ? 22   ALA A CB  1 
ATOM   145  N N   . ASN A 1 23  ? 3.475   -11.792 -7.243  1.00 50.84 ? 23   ASN A N   1 
ATOM   146  C CA  . ASN A 1 23  ? 2.419   -12.617 -7.798  1.00 52.79 ? 23   ASN A CA  1 
ATOM   147  C C   . ASN A 1 23  ? 1.526   -11.845 -8.749  1.00 53.55 ? 23   ASN A C   1 
ATOM   148  O O   . ASN A 1 23  ? 1.213   -12.321 -9.840  1.00 53.58 ? 23   ASN A O   1 
ATOM   149  C CB  . ASN A 1 23  ? 1.572   -13.260 -6.690  1.00 53.27 ? 23   ASN A CB  1 
ATOM   150  C CG  . ASN A 1 23  ? 0.842   -14.504 -7.164  1.00 55.03 ? 23   ASN A CG  1 
ATOM   151  O OD1 . ASN A 1 23  ? -0.384  -14.600 -7.060  1.00 56.69 ? 23   ASN A OD1 1 
ATOM   152  N ND2 . ASN A 1 23  ? 1.599   -15.468 -7.702  1.00 56.37 ? 23   ASN A ND2 1 
ATOM   153  N N   . ILE A 1 24  ? 1.117   -10.652 -8.331  1.00 54.77 ? 24   ILE A N   1 
ATOM   154  C CA  . ILE A 1 24  ? 0.192   -9.841  -9.120  1.00 55.91 ? 24   ILE A CA  1 
ATOM   155  C C   . ILE A 1 24  ? 0.831   -9.308  -10.406 1.00 57.06 ? 24   ILE A C   1 
ATOM   156  O O   . ILE A 1 24  ? 0.162   -9.198  -11.433 1.00 57.18 ? 24   ILE A O   1 
ATOM   157  C CB  . ILE A 1 24  ? -0.456  -8.733  -8.272  1.00 55.73 ? 24   ILE A CB  1 
ATOM   158  C CG1 . ILE A 1 24  ? -1.468  -9.366  -7.309  1.00 55.41 ? 24   ILE A CG1 1 
ATOM   159  C CG2 . ILE A 1 24  ? -1.143  -7.700  -9.154  1.00 55.33 ? 24   ILE A CG2 1 
ATOM   160  C CD1 . ILE A 1 24  ? -1.997  -8.425  -6.257  1.00 55.87 ? 24   ILE A CD1 1 
ATOM   161  N N   . LEU A 1 25  ? 2.129   -9.016  -10.359 1.00 58.63 ? 25   LEU A N   1 
ATOM   162  C CA  . LEU A 1 25  ? 2.852   -8.605  -11.559 1.00 60.39 ? 25   LEU A CA  1 
ATOM   163  C C   . LEU A 1 25  ? 2.774   -9.688  -12.638 1.00 61.98 ? 25   LEU A C   1 
ATOM   164  O O   . LEU A 1 25  ? 2.143   -9.476  -13.676 1.00 62.56 ? 25   LEU A O   1 
ATOM   165  C CB  . LEU A 1 25  ? 4.312   -8.253  -11.247 1.00 60.02 ? 25   LEU A CB  1 
ATOM   166  C CG  . LEU A 1 25  ? 4.627   -6.955  -10.508 1.00 59.28 ? 25   LEU A CG  1 
ATOM   167  C CD1 . LEU A 1 25  ? 6.124   -6.746  -10.489 1.00 59.18 ? 25   LEU A CD1 1 
ATOM   168  C CD2 . LEU A 1 25  ? 3.947   -5.784  -11.168 1.00 59.27 ? 25   LEU A CD2 1 
ATOM   169  N N   . SER A 1 26  ? 3.371   -10.850 -12.371 1.00 63.78 ? 26   SER A N   1 
ATOM   170  C CA  . SER A 1 26  ? 3.460   -11.918 -13.370 1.00 65.52 ? 26   SER A CA  1 
ATOM   171  C C   . SER A 1 26  ? 2.105   -12.522 -13.768 1.00 66.78 ? 26   SER A C   1 
ATOM   172  O O   . SER A 1 26  ? 1.941   -12.958 -14.913 1.00 67.03 ? 26   SER A O   1 
ATOM   173  C CB  . SER A 1 26  ? 4.467   -13.001 -12.954 1.00 65.41 ? 26   SER A CB  1 
ATOM   174  O OG  . SER A 1 26  ? 4.177   -13.526 -11.671 1.00 65.71 ? 26   SER A OG  1 
ATOM   175  N N   . GLU A 1 27  ? 1.142   -12.523 -12.839 1.00 68.21 ? 27   GLU A N   1 
ATOM   176  C CA  . GLU A 1 27  ? -0.244  -12.909 -13.135 1.00 69.68 ? 27   GLU A CA  1 
ATOM   177  C C   . GLU A 1 27  ? -0.873  -12.052 -14.227 1.00 70.57 ? 27   GLU A C   1 
ATOM   178  O O   . GLU A 1 27  ? -1.764  -12.513 -14.945 1.00 70.77 ? 27   GLU A O   1 
ATOM   179  C CB  . GLU A 1 27  ? -1.123  -12.812 -11.891 1.00 69.67 ? 27   GLU A CB  1 
ATOM   180  C CG  . GLU A 1 27  ? -1.376  -14.130 -11.170 1.00 70.13 ? 27   GLU A CG  1 
ATOM   181  C CD  . GLU A 1 27  ? -2.597  -14.073 -10.244 1.00 70.27 ? 27   GLU A CD  1 
ATOM   182  O OE1 . GLU A 1 27  ? -2.806  -13.034 -9.573  1.00 70.19 ? 27   GLU A OE1 1 
ATOM   183  O OE2 . GLU A 1 27  ? -3.351  -15.073 -10.191 1.00 71.02 ? 27   GLU A OE2 1 
ATOM   184  N N   . HIS A 1 28  ? -0.418  -10.802 -14.327 1.00 71.83 ? 28   HIS A N   1 
ATOM   185  C CA  . HIS A 1 28  ? -0.919  -9.836  -15.304 1.00 72.78 ? 28   HIS A CA  1 
ATOM   186  C C   . HIS A 1 28  ? 0.006   -9.753  -16.525 1.00 73.53 ? 28   HIS A C   1 
ATOM   187  O O   . HIS A 1 28  ? -0.460  -9.670  -17.669 1.00 73.66 ? 28   HIS A O   1 
ATOM   188  C CB  . HIS A 1 28  ? -1.059  -8.464  -14.645 1.00 72.88 ? 28   HIS A CB  1 
ATOM   189  C CG  . HIS A 1 28  ? -2.162  -7.625  -15.215 1.00 73.60 ? 28   HIS A CG  1 
ATOM   190  N ND1 . HIS A 1 28  ? -1.927  -6.535  -16.028 1.00 74.26 ? 28   HIS A ND1 1 
ATOM   191  C CD2 . HIS A 1 28  ? -3.506  -7.711  -15.083 1.00 74.00 ? 28   HIS A CD2 1 
ATOM   192  C CE1 . HIS A 1 28  ? -3.080  -5.989  -16.375 1.00 74.38 ? 28   HIS A CE1 1 
ATOM   193  N NE2 . HIS A 1 28  ? -4.054  -6.684  -15.815 1.00 74.44 ? 28   HIS A NE2 1 
ATOM   194  N N   . GLN A 1 29  ? 1.316   -9.783  -16.262 1.00 74.28 ? 29   GLN A N   1 
ATOM   195  C CA  . GLN A 1 29  ? 2.376   -9.742  -17.277 1.00 74.83 ? 29   GLN A CA  1 
ATOM   196  C C   . GLN A 1 29  ? 2.228   -10.856 -18.322 1.00 75.10 ? 29   GLN A C   1 
ATOM   197  O O   . GLN A 1 29  ? 2.670   -10.718 -19.467 1.00 75.15 ? 29   GLN A O   1 
ATOM   198  C CB  . GLN A 1 29  ? 3.739   -9.842  -16.578 1.00 75.05 ? 29   GLN A CB  1 
ATOM   199  C CG  . GLN A 1 29  ? 4.962   -9.640  -17.463 1.00 74.86 ? 29   GLN A CG  1 
ATOM   200  C CD  . GLN A 1 29  ? 6.239   -9.489  -16.655 1.00 74.80 ? 29   GLN A CD  1 
ATOM   201  O OE1 . GLN A 1 29  ? 6.261   -8.816  -15.620 1.00 74.49 ? 29   GLN A OE1 1 
ATOM   202  N NE2 . GLN A 1 29  ? 7.314   -10.110 -17.128 1.00 74.78 ? 29   GLN A NE2 1 
ATOM   203  N N   . ALA A 1 30  ? 1.619   -11.960 -17.900 1.00 75.40 ? 30   ALA A N   1 
ATOM   204  C CA  . ALA A 1 30  ? 1.225   -13.037 -18.797 1.00 75.55 ? 30   ALA A CA  1 
ATOM   205  C C   . ALA A 1 30  ? -0.217  -12.810 -19.253 1.00 75.53 ? 30   ALA A C   1 
ATOM   206  O O   . ALA A 1 30  ? -1.078  -12.427 -18.458 1.00 75.38 ? 30   ALA A O   1 
ATOM   207  C CB  . ALA A 1 30  ? 1.361   -14.384 -18.094 1.00 75.60 ? 30   ALA A CB  1 
ATOM   208  N N   . GLU A 1 40  ? 6.575   1.194   -15.093 1.00 52.34 ? 40   GLU A N   1 
ATOM   209  C CA  . GLU A 1 40  ? 5.682   1.979   -14.228 1.00 52.47 ? 40   GLU A CA  1 
ATOM   210  C C   . GLU A 1 40  ? 4.285   1.375   -14.163 1.00 51.38 ? 40   GLU A C   1 
ATOM   211  O O   . GLU A 1 40  ? 3.586   1.348   -15.172 1.00 51.71 ? 40   GLU A O   1 
ATOM   212  C CB  . GLU A 1 40  ? 5.607   3.434   -14.706 1.00 53.17 ? 40   GLU A CB  1 
ATOM   213  C CG  . GLU A 1 40  ? 4.690   4.340   -13.884 1.00 55.65 ? 40   GLU A CG  1 
ATOM   214  C CD  . GLU A 1 40  ? 4.044   5.448   -14.724 1.00 59.26 ? 40   GLU A CD  1 
ATOM   215  O OE1 . GLU A 1 40  ? 4.789   6.229   -15.372 1.00 59.15 ? 40   GLU A OE1 1 
ATOM   216  O OE2 . GLU A 1 40  ? 2.788   5.533   -14.726 1.00 59.85 ? 40   GLU A OE2 1 
ATOM   217  N N   . VAL A 1 41  ? 3.884   0.921   -12.969 1.00 49.72 ? 41   VAL A N   1 
ATOM   218  C CA  . VAL A 1 41  ? 2.609   0.219   -12.759 1.00 48.17 ? 41   VAL A CA  1 
ATOM   219  C C   . VAL A 1 41  ? 1.858   0.644   -11.465 1.00 46.84 ? 41   VAL A C   1 
ATOM   220  O O   . VAL A 1 41  ? 2.472   1.001   -10.459 1.00 46.48 ? 41   VAL A O   1 
ATOM   221  C CB  . VAL A 1 41  ? 2.829   -1.336  -12.793 1.00 48.52 ? 41   VAL A CB  1 
ATOM   222  C CG1 . VAL A 1 41  ? 3.184   -1.905  -11.427 1.00 47.99 ? 41   VAL A CG1 1 
ATOM   223  C CG2 . VAL A 1 41  ? 1.625   -2.037  -13.335 1.00 48.79 ? 41   VAL A CG2 1 
ATOM   224  N N   . VAL A 1 42  ? 0.531   0.598   -11.518 1.00 44.94 ? 42   VAL A N   1 
ATOM   225  C CA  . VAL A 1 42  ? -0.314  0.940   -10.383 1.00 43.75 ? 42   VAL A CA  1 
ATOM   226  C C   . VAL A 1 42  ? -1.311  -0.185  -10.071 1.00 42.78 ? 42   VAL A C   1 
ATOM   227  O O   . VAL A 1 42  ? -2.112  -0.575  -10.919 1.00 42.40 ? 42   VAL A O   1 
ATOM   228  C CB  . VAL A 1 42  ? -1.067  2.299   -10.609 1.00 43.44 ? 42   VAL A CB  1 
ATOM   229  C CG1 . VAL A 1 42  ? -2.113  2.535   -9.540  1.00 43.64 ? 42   VAL A CG1 1 
ATOM   230  C CG2 . VAL A 1 42  ? -0.085  3.457   -10.629 1.00 42.85 ? 42   VAL A CG2 1 
ATOM   231  N N   . MET A 1 43  ? -1.264  -0.682  -8.833  1.00 41.91 ? 43   MET A N   1 
ATOM   232  C CA  . MET A 1 43  ? -2.206  -1.698  -8.347  1.00 40.82 ? 43   MET A CA  1 
ATOM   233  C C   . MET A 1 43  ? -3.271  -1.036  -7.457  1.00 39.71 ? 43   MET A C   1 
ATOM   234  O O   . MET A 1 43  ? -2.947  -0.191  -6.615  1.00 39.18 ? 43   MET A O   1 
ATOM   235  C CB  . MET A 1 43  ? -1.467  -2.773  -7.533  1.00 40.84 ? 43   MET A CB  1 
ATOM   236  C CG  . MET A 1 43  ? -0.387  -3.562  -8.255  1.00 41.62 ? 43   MET A CG  1 
ATOM   237  S SD  . MET A 1 43  ? 0.424   -4.780  -7.174  1.00 42.21 ? 43   MET A SD  1 
ATOM   238  C CE  . MET A 1 43  ? 1.692   -5.433  -8.250  1.00 40.50 ? 43   MET A CE  1 
ATOM   239  N N   . ASN A 1 44  ? -4.525  -1.428  -7.630  1.00 38.02 ? 44   ASN A N   1 
ATOM   240  C CA  . ASN A 1 44  ? -5.602  -0.984  -6.751  1.00 37.69 ? 44   ASN A CA  1 
ATOM   241  C C   . ASN A 1 44  ? -6.313  -2.179  -6.119  1.00 36.94 ? 44   ASN A C   1 
ATOM   242  O O   . ASN A 1 44  ? -6.611  -3.152  -6.812  1.00 36.67 ? 44   ASN A O   1 
ATOM   243  C CB  . ASN A 1 44  ? -6.623  -0.120  -7.494  1.00 37.71 ? 44   ASN A CB  1 
ATOM   244  C CG  . ASN A 1 44  ? -6.073  1.245   -7.846  1.00 39.75 ? 44   ASN A CG  1 
ATOM   245  O OD1 . ASN A 1 44  ? -5.402  1.402   -8.866  1.00 40.93 ? 44   ASN A OD1 1 
ATOM   246  N ND2 . ASN A 1 44  ? -6.333  2.234   -6.991  1.00 37.99 ? 44   ASN A ND2 1 
ATOM   247  N N   . PHE A 1 45  ? -6.567  -2.097  -4.813  1.00 35.18 ? 45   PHE A N   1 
ATOM   248  C CA  . PHE A 1 45  ? -7.297  -3.136  -4.086  1.00 33.57 ? 45   PHE A CA  1 
ATOM   249  C C   . PHE A 1 45  ? -8.547  -2.447  -3.573  1.00 33.83 ? 45   PHE A C   1 
ATOM   250  O O   . PHE A 1 45  ? -8.444  -1.446  -2.835  1.00 33.03 ? 45   PHE A O   1 
ATOM   251  C CB  . PHE A 1 45  ? -6.450  -3.711  -2.915  1.00 32.02 ? 45   PHE A CB  1 
ATOM   252  C CG  . PHE A 1 45  ? -5.142  -4.323  -3.336  1.00 30.65 ? 45   PHE A CG  1 
ATOM   253  C CD1 . PHE A 1 45  ? -4.961  -5.710  -3.289  1.00 28.88 ? 45   PHE A CD1 1 
ATOM   254  C CD2 . PHE A 1 45  ? -4.081  -3.530  -3.780  1.00 28.55 ? 45   PHE A CD2 1 
ATOM   255  C CE1 . PHE A 1 45  ? -3.766  -6.277  -3.666  1.00 24.90 ? 45   PHE A CE1 1 
ATOM   256  C CE2 . PHE A 1 45  ? -2.877  -4.094  -4.188  1.00 26.93 ? 45   PHE A CE2 1 
ATOM   257  C CZ  . PHE A 1 45  ? -2.714  -5.470  -4.141  1.00 28.73 ? 45   PHE A CZ  1 
ATOM   258  N N   . ARG A 1 46  ? -9.721  -2.945  -3.975  1.00 34.44 ? 46   ARG A N   1 
ATOM   259  C CA  . ARG A 1 46  ? -10.994 -2.363  -3.537  1.00 36.17 ? 46   ARG A CA  1 
ATOM   260  C C   . ARG A 1 46  ? -12.013 -3.393  -3.016  1.00 35.76 ? 46   ARG A C   1 
ATOM   261  O O   . ARG A 1 46  ? -12.178 -4.452  -3.596  1.00 35.10 ? 46   ARG A O   1 
ATOM   262  C CB  . ARG A 1 46  ? -11.623 -1.492  -4.647  1.00 36.31 ? 46   ARG A CB  1 
ATOM   263  C CG  . ARG A 1 46  ? -10.830 -0.190  -4.976  1.00 38.56 ? 46   ARG A CG  1 
ATOM   264  C CD  . ARG A 1 46  ? -11.529 0.697   -6.056  1.00 39.65 ? 46   ARG A CD  1 
ATOM   265  N NE  . ARG A 1 46  ? -11.071 0.359   -7.414  1.00 46.99 ? 46   ARG A NE  1 
ATOM   266  C CZ  . ARG A 1 46  ? -10.243 1.094   -8.161  1.00 48.99 ? 46   ARG A CZ  1 
ATOM   267  N NH1 . ARG A 1 46  ? -9.781  2.255   -7.717  1.00 51.23 ? 46   ARG A NH1 1 
ATOM   268  N NH2 . ARG A 1 46  ? -9.876  0.667   -9.370  1.00 49.17 ? 46   ARG A NH2 1 
ATOM   269  N N   . ASP A 1 47  ? -12.650 -3.055  -1.896  1.00 35.84 ? 47   ASP A N   1 
ATOM   270  C CA  . ASP A 1 47  ? -13.830 -3.726  -1.392  1.00 36.52 ? 47   ASP A CA  1 
ATOM   271  C C   . ASP A 1 47  ? -15.041 -2.946  -1.953  1.00 37.44 ? 47   ASP A C   1 
ATOM   272  O O   . ASP A 1 47  ? -15.349 -1.835  -1.515  1.00 36.98 ? 47   ASP A O   1 
ATOM   273  C CB  . ASP A 1 47  ? -13.815 -3.765  0.156   1.00 35.73 ? 47   ASP A CB  1 
ATOM   274  C CG  . ASP A 1 47  ? -15.194 -4.037  0.768   1.00 35.67 ? 47   ASP A CG  1 
ATOM   275  O OD1 . ASP A 1 47  ? -16.124 -4.393  0.025   1.00 36.41 ? 47   ASP A OD1 1 
ATOM   276  O OD2 . ASP A 1 47  ? -15.382 -3.875  2.000   1.00 32.36 ? 47   ASP A OD2 1 
ATOM   277  N N   . SER A 1 48  ? -15.737 -3.537  -2.924  1.00 38.71 ? 48   SER A N   1 
ATOM   278  C CA  . SER A 1 48  ? -16.846 -2.833  -3.589  1.00 39.44 ? 48   SER A CA  1 
ATOM   279  C C   . SER A 1 48  ? -17.965 -2.445  -2.621  1.00 39.28 ? 48   SER A C   1 
ATOM   280  O O   . SER A 1 48  ? -18.760 -1.567  -2.936  1.00 40.31 ? 48   SER A O   1 
ATOM   281  C CB  . SER A 1 48  ? -17.398 -3.658  -4.744  1.00 39.98 ? 48   SER A CB  1 
ATOM   282  O OG  . SER A 1 48  ? -18.346 -4.603  -4.255  1.00 42.75 ? 48   SER A OG  1 
ATOM   283  N N   . SER A 1 49  ? -18.009 -3.062  -1.437  1.00 38.79 ? 49   SER A N   1 
ATOM   284  C CA  . SER A 1 49  ? -19.037 -2.732  -0.438  1.00 38.29 ? 49   SER A CA  1 
ATOM   285  C C   . SER A 1 49  ? -18.702 -1.549  0.503   1.00 38.15 ? 49   SER A C   1 
ATOM   286  O O   . SER A 1 49  ? -19.589 -1.052  1.208   1.00 37.58 ? 49   SER A O   1 
ATOM   287  C CB  . SER A 1 49  ? -19.408 -3.982  0.396   1.00 39.06 ? 49   SER A CB  1 
ATOM   288  O OG  . SER A 1 49  ? -18.341 -4.381  1.257   1.00 37.71 ? 49   SER A OG  1 
ATOM   289  N N   . TYR A 1 50  ? -17.437 -1.106  0.506   1.00 38.40 ? 50   TYR A N   1 
ATOM   290  C CA  . TYR A 1 50  ? -16.957 -0.097  1.463   1.00 38.48 ? 50   TYR A CA  1 
ATOM   291  C C   . TYR A 1 50  ? -17.722 1.204   1.332   1.00 39.59 ? 50   TYR A C   1 
ATOM   292  O O   . TYR A 1 50  ? -17.734 1.804   0.267   1.00 39.79 ? 50   TYR A O   1 
ATOM   293  C CB  . TYR A 1 50  ? -15.439 0.158   1.312   1.00 37.36 ? 50   TYR A CB  1 
ATOM   294  C CG  . TYR A 1 50  ? -14.899 1.238   2.234   1.00 35.35 ? 50   TYR A CG  1 
ATOM   295  C CD1 . TYR A 1 50  ? -15.006 1.120   3.615   1.00 34.22 ? 50   TYR A CD1 1 
ATOM   296  C CD2 . TYR A 1 50  ? -14.285 2.377   1.717   1.00 35.00 ? 50   TYR A CD2 1 
ATOM   297  C CE1 . TYR A 1 50  ? -14.520 2.111   4.460   1.00 34.52 ? 50   TYR A CE1 1 
ATOM   298  C CE2 . TYR A 1 50  ? -13.790 3.382   2.560   1.00 32.77 ? 50   TYR A CE2 1 
ATOM   299  C CZ  . TYR A 1 50  ? -13.916 3.241   3.917   1.00 34.67 ? 50   TYR A CZ  1 
ATOM   300  O OH  . TYR A 1 50  ? -13.437 4.228   4.746   1.00 34.53 ? 50   TYR A OH  1 
ATOM   301  N N   . SER A 1 51  ? -18.360 1.634   2.413   1.00 41.02 ? 51   SER A N   1 
ATOM   302  C CA  . SER A 1 51  ? -19.118 2.878   2.392   1.00 43.09 ? 51   SER A CA  1 
ATOM   303  C C   . SER A 1 51  ? -18.788 3.722   3.614   1.00 44.48 ? 51   SER A C   1 
ATOM   304  O O   . SER A 1 51  ? -18.170 3.235   4.568   1.00 44.95 ? 51   SER A O   1 
ATOM   305  C CB  . SER A 1 51  ? -20.630 2.600   2.314   1.00 43.15 ? 51   SER A CB  1 
ATOM   306  O OG  . SER A 1 51  ? -21.204 2.519   3.619   1.00 43.92 ? 51   SER A OG  1 
ATOM   307  N N   . ALA A 1 52  ? -19.210 4.982   3.584   1.00 46.63 ? 52   ALA A N   1 
ATOM   308  C CA  . ALA A 1 52  ? -18.888 5.952   4.633   1.00 48.60 ? 52   ALA A CA  1 
ATOM   309  C C   . ALA A 1 52  ? -19.460 5.617   6.016   1.00 50.00 ? 52   ALA A C   1 
ATOM   310  O O   . ALA A 1 52  ? -18.825 5.905   7.035   1.00 50.78 ? 52   ALA A O   1 
ATOM   311  C CB  . ALA A 1 52  ? -19.302 7.363   4.197   1.00 48.94 ? 52   ALA A CB  1 
ATOM   312  N N   . GLU A 1 53  ? -20.644 5.017   6.075   1.00 51.07 ? 53   GLU A N   1 
ATOM   313  C CA  . GLU A 1 53  ? -21.176 4.585   7.382   1.00 52.36 ? 53   GLU A CA  1 
ATOM   314  C C   . GLU A 1 53  ? -21.761 3.164   7.412   1.00 51.57 ? 53   GLU A C   1 
ATOM   315  O O   . GLU A 1 53  ? -22.683 2.887   8.180   1.00 51.92 ? 53   GLU A O   1 
ATOM   316  C CB  . GLU A 1 53  ? -22.147 5.620   7.988   1.00 52.78 ? 53   GLU A CB  1 
ATOM   317  C CG  . GLU A 1 53  ? -21.440 6.725   8.805   1.00 53.58 ? 53   GLU A CG  1 
ATOM   318  C CD  . GLU A 1 53  ? -22.408 7.731   9.393   1.00 54.49 ? 53   GLU A CD  1 
ATOM   319  O OE1 . GLU A 1 53  ? -22.889 7.489   10.529  1.00 57.02 ? 53   GLU A OE1 1 
ATOM   320  O OE2 . GLU A 1 53  ? -22.676 8.770   8.728   1.00 56.58 ? 53   GLU A OE2 1 
ATOM   321  N N   . ASP A 1 54  ? -21.213 2.293   6.564   1.00 50.60 ? 54   ASP A N   1 
ATOM   322  C CA  . ASP A 1 54  ? -21.366 0.839   6.698   1.00 49.61 ? 54   ASP A CA  1 
ATOM   323  C C   . ASP A 1 54  ? -20.024 0.196   7.064   1.00 47.97 ? 54   ASP A C   1 
ATOM   324  O O   . ASP A 1 54  ? -19.976 -0.937  7.553   1.00 48.96 ? 54   ASP A O   1 
ATOM   325  C CB  . ASP A 1 54  ? -21.902 0.201   5.400   1.00 49.70 ? 54   ASP A CB  1 
ATOM   326  C CG  . ASP A 1 54  ? -23.324 0.628   5.076   1.00 50.78 ? 54   ASP A CG  1 
ATOM   327  O OD1 . ASP A 1 54  ? -24.140 0.705   6.020   1.00 50.83 ? 54   ASP A OD1 1 
ATOM   328  O OD2 . ASP A 1 54  ? -23.624 0.878   3.877   1.00 52.22 ? 54   ASP A OD2 1 
ATOM   329  N N   . GLY A 1 55  ? -18.930 0.913   6.832   1.00 45.48 ? 55   GLY A N   1 
ATOM   330  C CA  . GLY A 1 55  ? -17.617 0.301   6.965   1.00 42.13 ? 55   GLY A CA  1 
ATOM   331  C C   . GLY A 1 55  ? -17.338 -0.593  5.772   1.00 39.78 ? 55   GLY A C   1 
ATOM   332  O O   . GLY A 1 55  ? -17.885 -0.387  4.685   1.00 39.34 ? 55   GLY A O   1 
ATOM   333  N N   . GLY A 1 56  ? -16.512 -1.613  5.987   1.00 37.55 ? 56   GLY A N   1 
ATOM   334  C CA  . GLY A 1 56  ? -15.873 -2.330  4.897   1.00 34.33 ? 56   GLY A CA  1 
ATOM   335  C C   . GLY A 1 56  ? -14.381 -2.055  4.959   1.00 32.52 ? 56   GLY A C   1 
ATOM   336  O O   . GLY A 1 56  ? -13.889 -1.426  5.900   1.00 32.05 ? 56   GLY A O   1 
ATOM   337  N N   . PHE A 1 57  ? -13.659 -2.522  3.953   1.00 31.01 ? 57   PHE A N   1 
ATOM   338  C CA  . PHE A 1 57  ? -12.210 -2.434  3.933   1.00 30.02 ? 57   PHE A CA  1 
ATOM   339  C C   . PHE A 1 57  ? -11.771 -1.212  3.105   1.00 28.74 ? 57   PHE A C   1 
ATOM   340  O O   . PHE A 1 57  ? -12.348 -0.947  2.030   1.00 28.44 ? 57   PHE A O   1 
ATOM   341  C CB  . PHE A 1 57  ? -11.599 -3.740  3.405   1.00 30.09 ? 57   PHE A CB  1 
ATOM   342  C CG  . PHE A 1 57  ? -11.904 -4.961  4.276   1.00 32.25 ? 57   PHE A CG  1 
ATOM   343  C CD1 . PHE A 1 57  ? -11.072 -5.309  5.335   1.00 31.69 ? 57   PHE A CD1 1 
ATOM   344  C CD2 . PHE A 1 57  ? -13.040 -5.756  4.027   1.00 33.25 ? 57   PHE A CD2 1 
ATOM   345  C CE1 . PHE A 1 57  ? -11.352 -6.431  6.142   1.00 31.80 ? 57   PHE A CE1 1 
ATOM   346  C CE2 . PHE A 1 57  ? -13.321 -6.890  4.831   1.00 33.61 ? 57   PHE A CE2 1 
ATOM   347  C CZ  . PHE A 1 57  ? -12.474 -7.221  5.884   1.00 30.78 ? 57   PHE A CZ  1 
ATOM   348  N N   . HIS A 1 58  ? -10.775 -0.466  3.619   1.00 26.86 ? 58   HIS A N   1 
ATOM   349  C CA  . HIS A 1 58  ? -10.284 0.746   2.939   1.00 24.70 ? 58   HIS A CA  1 
ATOM   350  C C   . HIS A 1 58  ? -9.665  0.353   1.629   1.00 24.19 ? 58   HIS A C   1 
ATOM   351  O O   . HIS A 1 58  ? -8.928  -0.641  1.570   1.00 24.73 ? 58   HIS A O   1 
ATOM   352  C CB  . HIS A 1 58  ? -9.213  1.486   3.763   1.00 25.15 ? 58   HIS A CB  1 
ATOM   353  C CG  . HIS A 1 58  ? -9.682  2.036   5.074   1.00 23.19 ? 58   HIS A CG  1 
ATOM   354  N ND1 . HIS A 1 58  ? -8.819  2.633   5.972   1.00 25.41 ? 58   HIS A ND1 1 
ATOM   355  C CD2 . HIS A 1 58  ? -10.905 2.061   5.657   1.00 23.79 ? 58   HIS A CD2 1 
ATOM   356  C CE1 . HIS A 1 58  ? -9.489  3.011   7.048   1.00 23.48 ? 58   HIS A CE1 1 
ATOM   357  N NE2 . HIS A 1 58  ? -10.760 2.681   6.880   1.00 24.27 ? 58   HIS A NE2 1 
ATOM   358  N N   . PRO A 1 59  ? -9.906  1.143   0.564   1.00 23.65 ? 59   PRO A N   1 
ATOM   359  C CA  . PRO A 1 59  ? -9.181  0.877   -0.686  1.00 22.79 ? 59   PRO A CA  1 
ATOM   360  C C   . PRO A 1 59  ? -7.698  1.119   -0.509  1.00 22.83 ? 59   PRO A C   1 
ATOM   361  O O   . PRO A 1 59  ? -7.318  1.954   0.283   1.00 22.46 ? 59   PRO A O   1 
ATOM   362  C CB  . PRO A 1 59  ? -9.739  1.928   -1.674  1.00 22.60 ? 59   PRO A CB  1 
ATOM   363  C CG  . PRO A 1 59  ? -10.913 2.481   -1.033  1.00 23.11 ? 59   PRO A CG  1 
ATOM   364  C CD  . PRO A 1 59  ? -10.838 2.282   0.442   1.00 22.78 ? 59   PRO A CD  1 
ATOM   365  N N   . VAL A 1 60  ? -6.866  0.413   -1.264  1.00 22.19 ? 60   VAL A N   1 
ATOM   366  C CA  . VAL A 1 60  ? -5.443  0.596   -1.183  1.00 22.28 ? 60   VAL A CA  1 
ATOM   367  C C   . VAL A 1 60  ? -4.918  0.746   -2.594  1.00 23.48 ? 60   VAL A C   1 
ATOM   368  O O   . VAL A 1 60  ? -5.351  0.033   -3.493  1.00 23.11 ? 60   VAL A O   1 
ATOM   369  C CB  . VAL A 1 60  ? -4.753  -0.597  -0.487  1.00 22.06 ? 60   VAL A CB  1 
ATOM   370  C CG1 . VAL A 1 60  ? -3.301  -0.534  -0.656  1.00 20.58 ? 60   VAL A CG1 1 
ATOM   371  C CG2 . VAL A 1 60  ? -5.133  -0.680  1.019   1.00 21.32 ? 60   VAL A CG2 1 
ATOM   372  N N   . GLU A 1 61  ? -3.980  1.678   -2.769  1.00 25.20 ? 61   GLU A N   1 
ATOM   373  C CA  . GLU A 1 61  ? -3.218  1.861   -4.004  1.00 26.73 ? 61   GLU A CA  1 
ATOM   374  C C   . GLU A 1 61  ? -1.724  1.699   -3.766  1.00 27.74 ? 61   GLU A C   1 
ATOM   375  O O   . GLU A 1 61  ? -1.166  2.265   -2.820  1.00 28.19 ? 61   GLU A O   1 
ATOM   376  C CB  . GLU A 1 61  ? -3.511  3.249   -4.613  1.00 26.58 ? 61   GLU A CB  1 
ATOM   377  C CG  . GLU A 1 61  ? -2.816  3.490   -5.945  1.00 26.96 ? 61   GLU A CG  1 
ATOM   378  C CD  . GLU A 1 61  ? -3.206  4.806   -6.604  1.00 29.07 ? 61   GLU A CD  1 
ATOM   379  O OE1 . GLU A 1 61  ? -4.414  5.034   -6.832  1.00 30.13 ? 61   GLU A OE1 1 
ATOM   380  O OE2 . GLU A 1 61  ? -2.284  5.603   -6.921  1.00 34.67 ? 61   GLU A OE2 1 
ATOM   381  N N   . ILE A 1 62  ? -1.073  0.924   -4.627  1.00 28.91 ? 62   ILE A N   1 
ATOM   382  C CA  . ILE A 1 62  ? 0.359   0.735   -4.566  1.00 31.57 ? 62   ILE A CA  1 
ATOM   383  C C   . ILE A 1 62  ? 0.979   1.031   -5.935  1.00 33.00 ? 62   ILE A C   1 
ATOM   384  O O   . ILE A 1 62  ? 0.472   0.564   -6.948  1.00 33.82 ? 62   ILE A O   1 
ATOM   385  C CB  . ILE A 1 62  ? 0.742   -0.706  -4.111  1.00 31.27 ? 62   ILE A CB  1 
ATOM   386  C CG1 . ILE A 1 62  ? 0.149   -1.009  -2.729  1.00 32.16 ? 62   ILE A CG1 1 
ATOM   387  C CG2 . ILE A 1 62  ? 2.280   -0.858  -4.120  1.00 30.94 ? 62   ILE A CG2 1 
ATOM   388  C CD1 . ILE A 1 62  ? -0.134  -2.498  -2.429  1.00 31.95 ? 62   ILE A CD1 1 
ATOM   389  N N   . ALA A 1 63  ? 2.079   1.789   -5.952  1.00 34.73 ? 63   ALA A N   1 
ATOM   390  C CA  . ALA A 1 63  ? 2.761   2.139   -7.201  1.00 36.43 ? 63   ALA A CA  1 
ATOM   391  C C   . ALA A 1 63  ? 4.176   1.634   -7.298  1.00 37.74 ? 63   ALA A C   1 
ATOM   392  O O   . ALA A 1 63  ? 5.001   1.792   -6.387  1.00 37.54 ? 63   ALA A O   1 
ATOM   393  C CB  . ALA A 1 63  ? 2.739   3.644   -7.441  1.00 36.23 ? 63   ALA A CB  1 
ATOM   394  N N   . LEU A 1 64  ? 4.463   1.061   -8.455  1.00 40.15 ? 64   LEU A N   1 
ATOM   395  C CA  . LEU A 1 64  ? 5.754   0.457   -8.714  1.00 43.00 ? 64   LEU A CA  1 
ATOM   396  C C   . LEU A 1 64  ? 6.248   0.935   -10.068 1.00 44.83 ? 64   LEU A C   1 
ATOM   397  O O   . LEU A 1 64  ? 5.461   1.113   -10.997 1.00 45.28 ? 64   LEU A O   1 
ATOM   398  C CB  . LEU A 1 64  ? 5.617   -1.079  -8.738  1.00 42.70 ? 64   LEU A CB  1 
ATOM   399  C CG  . LEU A 1 64  ? 4.864   -1.821  -7.627  1.00 42.22 ? 64   LEU A CG  1 
ATOM   400  C CD1 . LEU A 1 64  ? 4.511   -3.221  -8.083  1.00 42.09 ? 64   LEU A CD1 1 
ATOM   401  C CD2 . LEU A 1 64  ? 5.692   -1.897  -6.377  1.00 40.79 ? 64   LEU A CD2 1 
ATOM   402  N N   . SER A 1 65  ? 7.551   1.132   -10.179 1.00 47.63 ? 65   SER A N   1 
ATOM   403  C CA  . SER A 1 65  ? 8.170   1.391   -11.468 1.00 49.89 ? 65   SER A CA  1 
ATOM   404  C C   . SER A 1 65  ? 9.310   0.403   -11.679 1.00 51.58 ? 65   SER A C   1 
ATOM   405  O O   . SER A 1 65  ? 9.938   -0.043  -10.713 1.00 51.83 ? 65   SER A O   1 
ATOM   406  C CB  . SER A 1 65  ? 8.690   2.818   -11.531 1.00 49.59 ? 65   SER A CB  1 
ATOM   407  O OG  . SER A 1 65  ? 9.822   2.953   -10.694 1.00 50.91 ? 65   SER A OG  1 
ATOM   408  N N   . GLN A 1 66  ? 9.554   0.069   -12.946 1.00 53.97 ? 66   GLN A N   1 
ATOM   409  C CA  . GLN A 1 66  ? 10.592  -0.892  -13.355 1.00 56.18 ? 66   GLN A CA  1 
ATOM   410  C C   . GLN A 1 66  ? 11.930  -0.171  -13.495 1.00 57.13 ? 66   GLN A C   1 
ATOM   411  O O   . GLN A 1 66  ? 12.084  0.705   -14.357 1.00 57.13 ? 66   GLN A O   1 
ATOM   412  C CB  . GLN A 1 66  ? 10.217  -1.545  -14.698 1.00 56.21 ? 66   GLN A CB  1 
ATOM   413  C CG  . GLN A 1 66  ? 8.765   -1.258  -15.162 1.00 57.31 ? 66   GLN A CG  1 
ATOM   414  C CD  . GLN A 1 66  ? 8.501   -1.565  -16.640 1.00 57.41 ? 66   GLN A CD  1 
ATOM   415  O OE1 . GLN A 1 66  ? 8.891   -2.623  -17.153 1.00 59.21 ? 66   GLN A OE1 1 
ATOM   416  N NE2 . GLN A 1 66  ? 7.818   -0.642  -17.325 1.00 57.34 ? 66   GLN A NE2 1 
ATOM   417  N N   . SER A 1 67  ? 12.899  -0.545  -12.661 1.00 58.39 ? 67   SER A N   1 
ATOM   418  C CA  . SER A 1 67  ? 14.205  0.116   -12.653 1.00 59.95 ? 67   SER A CA  1 
ATOM   419  C C   . SER A 1 67  ? 15.000  -0.071  -13.948 1.00 61.17 ? 67   SER A C   1 
ATOM   420  O O   . SER A 1 67  ? 14.618  -0.863  -14.824 1.00 61.76 ? 67   SER A O   1 
ATOM   421  C CB  . SER A 1 67  ? 15.035  -0.352  -11.458 1.00 60.00 ? 67   SER A CB  1 
ATOM   422  O OG  . SER A 1 67  ? 16.334  0.225   -11.462 1.00 60.35 ? 67   SER A OG  1 
ATOM   423  N N   . SER A 1 68  ? 16.098  0.680   -14.055 1.00 62.26 ? 68   SER A N   1 
ATOM   424  C CA  . SER A 1 68  ? 17.051  0.583   -15.166 1.00 63.41 ? 68   SER A CA  1 
ATOM   425  C C   . SER A 1 68  ? 17.790  -0.762  -15.172 1.00 63.89 ? 68   SER A C   1 
ATOM   426  O O   . SER A 1 68  ? 17.903  -1.410  -16.220 1.00 64.01 ? 68   SER A O   1 
ATOM   427  C CB  . SER A 1 68  ? 18.055  1.748   -15.111 1.00 63.57 ? 68   SER A CB  1 
ATOM   428  O OG  . SER A 1 68  ? 18.440  2.048   -13.773 1.00 64.00 ? 68   SER A OG  1 
ATOM   429  N N   . ASP A 1 69  ? 18.271  -1.179  -13.995 1.00 64.30 ? 69   ASP A N   1 
ATOM   430  C CA  . ASP A 1 69  ? 18.966  -2.467  -13.840 1.00 64.31 ? 69   ASP A CA  1 
ATOM   431  C C   . ASP A 1 69  ? 18.051  -3.710  -13.929 1.00 63.87 ? 69   ASP A C   1 
ATOM   432  O O   . ASP A 1 69  ? 18.548  -4.834  -13.992 1.00 64.25 ? 69   ASP A O   1 
ATOM   433  C CB  . ASP A 1 69  ? 19.828  -2.486  -12.561 1.00 64.67 ? 69   ASP A CB  1 
ATOM   434  C CG  . ASP A 1 69  ? 19.018  -2.247  -11.279 1.00 66.02 ? 69   ASP A CG  1 
ATOM   435  O OD1 . ASP A 1 69  ? 18.560  -1.105  -11.042 1.00 67.17 ? 69   ASP A OD1 1 
ATOM   436  O OD2 . ASP A 1 69  ? 18.872  -3.199  -10.488 1.00 67.03 ? 69   ASP A OD2 1 
ATOM   437  N N   . GLY A 1 70  ? 16.732  -3.515  -13.940 1.00 63.25 ? 70   GLY A N   1 
ATOM   438  C CA  . GLY A 1 70  ? 15.786  -4.631  -14.106 1.00 61.87 ? 70   GLY A CA  1 
ATOM   439  C C   . GLY A 1 70  ? 14.787  -4.862  -12.977 1.00 61.10 ? 70   GLY A C   1 
ATOM   440  O O   . GLY A 1 70  ? 13.645  -5.261  -13.232 1.00 60.91 ? 70   GLY A O   1 
ATOM   441  N N   . GLN A 1 71  ? 15.210  -4.611  -11.734 1.00 60.20 ? 71   GLN A N   1 
ATOM   442  C CA  . GLN A 1 71  ? 14.384  -4.895  -10.544 1.00 59.53 ? 71   GLN A CA  1 
ATOM   443  C C   . GLN A 1 71  ? 13.418  -3.764  -10.161 1.00 58.17 ? 71   GLN A C   1 
ATOM   444  O O   . GLN A 1 71  ? 13.758  -2.590  -10.299 1.00 57.95 ? 71   GLN A O   1 
ATOM   445  C CB  . GLN A 1 71  ? 15.263  -5.284  -9.344  1.00 59.53 ? 71   GLN A CB  1 
ATOM   446  C CG  . GLN A 1 71  ? 15.984  -4.138  -8.646  1.00 60.30 ? 71   GLN A CG  1 
ATOM   447  C CD  . GLN A 1 71  ? 16.649  -4.574  -7.343  1.00 60.78 ? 71   GLN A CD  1 
ATOM   448  O OE1 . GLN A 1 71  ? 17.098  -5.716  -7.202  1.00 61.91 ? 71   GLN A OE1 1 
ATOM   449  N NE2 . GLN A 1 71  ? 16.716  -3.658  -6.382  1.00 61.82 ? 71   GLN A NE2 1 
ATOM   450  N N   . TRP A 1 72  ? 12.236  -4.141  -9.654  1.00 56.62 ? 72   TRP A N   1 
ATOM   451  C CA  . TRP A 1 72  ? 11.127  -3.210  -9.394  1.00 54.70 ? 72   TRP A CA  1 
ATOM   452  C C   . TRP A 1 72  ? 11.298  -2.397  -8.114  1.00 53.09 ? 72   TRP A C   1 
ATOM   453  O O   . TRP A 1 72  ? 11.931  -2.844  -7.160  1.00 52.98 ? 72   TRP A O   1 
ATOM   454  C CB  . TRP A 1 72  ? 9.795   -3.951  -9.353  1.00 55.27 ? 72   TRP A CB  1 
ATOM   455  C CG  . TRP A 1 72  ? 9.334   -4.468  -10.691 1.00 56.16 ? 72   TRP A CG  1 
ATOM   456  C CD1 . TRP A 1 72  ? 9.748   -5.615  -11.308 1.00 56.95 ? 72   TRP A CD1 1 
ATOM   457  C CD2 . TRP A 1 72  ? 8.365   -3.869  -11.569 1.00 56.62 ? 72   TRP A CD2 1 
ATOM   458  N NE1 . TRP A 1 72  ? 9.104   -5.766  -12.515 1.00 57.37 ? 72   TRP A NE1 1 
ATOM   459  C CE2 . TRP A 1 72  ? 8.252   -4.709  -12.702 1.00 56.93 ? 72   TRP A CE2 1 
ATOM   460  C CE3 . TRP A 1 72  ? 7.584   -2.703  -11.512 1.00 57.36 ? 72   TRP A CE3 1 
ATOM   461  C CZ2 . TRP A 1 72  ? 7.387   -4.424  -13.771 1.00 56.50 ? 72   TRP A CZ2 1 
ATOM   462  C CZ3 . TRP A 1 72  ? 6.718   -2.417  -12.583 1.00 56.43 ? 72   TRP A CZ3 1 
ATOM   463  C CH2 . TRP A 1 72  ? 6.629   -3.278  -13.692 1.00 56.66 ? 72   TRP A CH2 1 
ATOM   464  N N   . CYS A 1 73  ? 10.731  -1.195  -8.109  1.00 50.76 ? 73   CYS A N   1 
ATOM   465  C CA  . CYS A 1 73  ? 10.809  -0.302  -6.953  1.00 48.68 ? 73   CYS A CA  1 
ATOM   466  C C   . CYS A 1 73  ? 9.407   0.064   -6.481  1.00 45.88 ? 73   CYS A C   1 
ATOM   467  O O   . CYS A 1 73  ? 8.558   0.422   -7.294  1.00 45.34 ? 73   CYS A O   1 
ATOM   468  C CB  . CYS A 1 73  ? 11.564  0.966   -7.332  1.00 49.09 ? 73   CYS A CB  1 
ATOM   469  S SG  . CYS A 1 73  ? 13.147  0.624   -8.167  1.00 54.20 ? 73   CYS A SG  1 
ATOM   470  N N   . ILE A 1 74  ? 9.162   -0.048  -5.179  1.00 42.84 ? 74   ILE A N   1 
ATOM   471  C CA  . ILE A 1 74  ? 7.880   0.388   -4.614  1.00 39.92 ? 74   ILE A CA  1 
ATOM   472  C C   . ILE A 1 74  ? 7.911   1.902   -4.435  1.00 38.05 ? 74   ILE A C   1 
ATOM   473  O O   . ILE A 1 74  ? 8.755   2.432   -3.720  1.00 36.96 ? 74   ILE A O   1 
ATOM   474  C CB  . ILE A 1 74  ? 7.526   -0.340  -3.291  1.00 40.28 ? 74   ILE A CB  1 
ATOM   475  C CG1 . ILE A 1 74  ? 6.146   0.078   -2.785  1.00 38.58 ? 74   ILE A CG1 1 
ATOM   476  C CG2 . ILE A 1 74  ? 8.545   -0.047  -2.209  1.00 41.31 ? 74   ILE A CG2 1 
ATOM   477  C CD1 . ILE A 1 74  ? 5.525   -0.968  -1.951  1.00 41.88 ? 74   ILE A CD1 1 
ATOM   478  N N   . GLU A 1 75  ? 6.997   2.582   -5.127  1.00 36.39 ? 75   GLU A N   1 
ATOM   479  C CA  . GLU A 1 75  ? 6.953   4.053   -5.148  1.00 35.36 ? 75   GLU A CA  1 
ATOM   480  C C   . GLU A 1 75  ? 6.223   4.636   -3.946  1.00 32.71 ? 75   GLU A C   1 
ATOM   481  O O   . GLU A 1 75  ? 6.760   5.460   -3.225  1.00 32.99 ? 75   GLU A O   1 
ATOM   482  C CB  . GLU A 1 75  ? 6.289   4.538   -6.435  1.00 35.83 ? 75   GLU A CB  1 
ATOM   483  C CG  . GLU A 1 75  ? 6.934   3.981   -7.681  1.00 40.46 ? 75   GLU A CG  1 
ATOM   484  C CD  . GLU A 1 75  ? 8.221   4.686   -8.039  1.00 44.67 ? 75   GLU A CD  1 
ATOM   485  O OE1 . GLU A 1 75  ? 9.179   4.666   -7.229  1.00 46.04 ? 75   GLU A OE1 1 
ATOM   486  O OE2 . GLU A 1 75  ? 8.261   5.260   -9.151  1.00 48.23 ? 75   GLU A OE2 1 
ATOM   487  N N   . TYR A 1 76  ? 4.983   4.214   -3.755  1.00 30.32 ? 76   TYR A N   1 
ATOM   488  C CA  . TYR A 1 76  ? 4.239   4.589   -2.587  1.00 28.42 ? 76   TYR A CA  1 
ATOM   489  C C   . TYR A 1 76  ? 3.169   3.555   -2.274  1.00 26.96 ? 76   TYR A C   1 
ATOM   490  O O   . TYR A 1 76  ? 2.785   2.772   -3.138  1.00 27.23 ? 76   TYR A O   1 
ATOM   491  C CB  . TYR A 1 76  ? 3.588   5.969   -2.794  1.00 28.89 ? 76   TYR A CB  1 
ATOM   492  C CG  . TYR A 1 76  ? 2.622   6.037   -3.960  1.00 27.49 ? 76   TYR A CG  1 
ATOM   493  C CD1 . TYR A 1 76  ? 3.009   6.620   -5.167  1.00 28.61 ? 76   TYR A CD1 1 
ATOM   494  C CD2 . TYR A 1 76  ? 1.327   5.532   -3.853  1.00 29.58 ? 76   TYR A CD2 1 
ATOM   495  C CE1 . TYR A 1 76  ? 2.136   6.701   -6.248  1.00 28.05 ? 76   TYR A CE1 1 
ATOM   496  C CE2 . TYR A 1 76  ? 0.427   5.612   -4.931  1.00 30.35 ? 76   TYR A CE2 1 
ATOM   497  C CZ  . TYR A 1 76  ? 0.852   6.201   -6.126  1.00 29.97 ? 76   TYR A CZ  1 
ATOM   498  O OH  . TYR A 1 76  ? -0.001  6.270   -7.200  1.00 29.69 ? 76   TYR A OH  1 
ATOM   499  N N   . ILE A 1 77  ? 2.673   3.587   -1.044  1.00 25.03 ? 77   ILE A N   1 
ATOM   500  C CA  . ILE A 1 77  ? 1.509   2.796   -0.651  1.00 23.90 ? 77   ILE A CA  1 
ATOM   501  C C   . ILE A 1 77  ? 0.524   3.744   0.006   1.00 23.35 ? 77   ILE A C   1 
ATOM   502  O O   . ILE A 1 77  ? 0.897   4.428   0.948   1.00 22.36 ? 77   ILE A O   1 
ATOM   503  C CB  . ILE A 1 77  ? 1.894   1.672   0.375   1.00 23.19 ? 77   ILE A CB  1 
ATOM   504  C CG1 . ILE A 1 77  ? 2.914   0.719   -0.230  1.00 24.07 ? 77   ILE A CG1 1 
ATOM   505  C CG2 . ILE A 1 77  ? 0.642   0.894   0.830   1.00 21.79 ? 77   ILE A CG2 1 
ATOM   506  C CD1 . ILE A 1 77  ? 3.477   -0.301  0.776   1.00 24.19 ? 77   ILE A CD1 1 
ATOM   507  N N   . THR A 1 78  ? -0.720  3.773   -0.484  1.00 23.08 ? 78   THR A N   1 
ATOM   508  C CA  . THR A 1 78  ? -1.774  4.596   0.082   1.00 22.01 ? 78   THR A CA  1 
ATOM   509  C C   . THR A 1 78  ? -3.020  3.793   0.413   1.00 22.99 ? 78   THR A C   1 
ATOM   510  O O   . THR A 1 78  ? -3.513  3.013   -0.415  1.00 22.78 ? 78   THR A O   1 
ATOM   511  C CB  . THR A 1 78  ? -2.169  5.743   -0.889  1.00 22.81 ? 78   THR A CB  1 
ATOM   512  O OG1 . THR A 1 78  ? -0.981  6.413   -1.329  1.00 21.33 ? 78   THR A OG1 1 
ATOM   513  C CG2 . THR A 1 78  ? -3.061  6.783   -0.197  1.00 22.79 ? 78   THR A CG2 1 
ATOM   514  N N   . ASP A 1 79  ? -3.522  4.032   1.626   1.00 22.18 ? 79   ASP A N   1 
ATOM   515  C CA  . ASP A 1 79  ? -4.764  3.512   2.177   1.00 23.89 ? 79   ASP A CA  1 
ATOM   516  C C   . ASP A 1 79  ? -5.710  4.719   2.267   1.00 24.87 ? 79   ASP A C   1 
ATOM   517  O O   . ASP A 1 79  ? -5.323  5.779   2.796   1.00 24.79 ? 79   ASP A O   1 
ATOM   518  C CB  . ASP A 1 79  ? -4.462  2.939   3.582   1.00 23.86 ? 79   ASP A CB  1 
ATOM   519  C CG  . ASP A 1 79  ? -5.691  2.560   4.358   1.00 23.77 ? 79   ASP A CG  1 
ATOM   520  O OD1 . ASP A 1 79  ? -6.603  3.380   4.521   1.00 24.91 ? 79   ASP A OD1 1 
ATOM   521  O OD2 . ASP A 1 79  ? -5.738  1.425   4.844   1.00 26.21 ? 79   ASP A OD2 1 
ATOM   522  N N   . PHE A 1 80  ? -6.915  4.577   1.724   1.00 25.29 ? 80   PHE A N   1 
ATOM   523  C CA  . PHE A 1 80  ? -7.874  5.691   1.678   1.00 26.41 ? 80   PHE A CA  1 
ATOM   524  C C   . PHE A 1 80  ? -9.055  5.349   2.545   1.00 27.98 ? 80   PHE A C   1 
ATOM   525  O O   . PHE A 1 80  ? -9.371  4.174   2.712   1.00 27.43 ? 80   PHE A O   1 
ATOM   526  C CB  . PHE A 1 80  ? -8.416  5.930   0.273   1.00 25.67 ? 80   PHE A CB  1 
ATOM   527  C CG  . PHE A 1 80  ? -7.365  6.160   -0.771  1.00 26.66 ? 80   PHE A CG  1 
ATOM   528  C CD1 . PHE A 1 80  ? -7.032  7.445   -1.163  1.00 26.05 ? 80   PHE A CD1 1 
ATOM   529  C CD2 . PHE A 1 80  ? -6.739  5.072   -1.409  1.00 25.92 ? 80   PHE A CD2 1 
ATOM   530  C CE1 . PHE A 1 80  ? -6.086  7.644   -2.150  1.00 26.24 ? 80   PHE A CE1 1 
ATOM   531  C CE2 . PHE A 1 80  ? -5.808  5.262   -2.387  1.00 24.60 ? 80   PHE A CE2 1 
ATOM   532  C CZ  . PHE A 1 80  ? -5.465  6.540   -2.760  1.00 26.00 ? 80   PHE A CZ  1 
ATOM   533  N N   . ALA A 1 81  ? -9.708  6.376   3.086   1.00 29.15 ? 81   ALA A N   1 
ATOM   534  C CA  . ALA A 1 81  ? -10.915 6.204   3.863   1.00 31.08 ? 81   ALA A CA  1 
ATOM   535  C C   . ALA A 1 81  ? -11.817 7.427   3.722   1.00 32.32 ? 81   ALA A C   1 
ATOM   536  O O   . ALA A 1 81  ? -11.361 8.509   3.378   1.00 30.63 ? 81   ALA A O   1 
ATOM   537  C CB  . ALA A 1 81  ? -10.581 5.950   5.339   1.00 30.69 ? 81   ALA A CB  1 
ATOM   538  N N   . TYR A 1 82  ? -13.102 7.225   4.000   1.00 34.67 ? 82   TYR A N   1 
ATOM   539  C CA  . TYR A 1 82  ? -14.080 8.311   4.045   1.00 36.95 ? 82   TYR A CA  1 
ATOM   540  C C   . TYR A 1 82  ? -13.904 9.113   5.316   1.00 38.67 ? 82   TYR A C   1 
ATOM   541  O O   . TYR A 1 82  ? -13.757 8.544   6.404   1.00 39.74 ? 82   TYR A O   1 
ATOM   542  C CB  . TYR A 1 82  ? -15.508 7.764   3.963   1.00 36.86 ? 82   TYR A CB  1 
ATOM   543  C CG  . TYR A 1 82  ? -15.850 7.288   2.589   1.00 36.20 ? 82   TYR A CG  1 
ATOM   544  C CD1 . TYR A 1 82  ? -16.027 8.197   1.548   1.00 37.19 ? 82   TYR A CD1 1 
ATOM   545  C CD2 . TYR A 1 82  ? -15.985 5.931   2.315   1.00 35.70 ? 82   TYR A CD2 1 
ATOM   546  C CE1 . TYR A 1 82  ? -16.331 7.776   0.264   1.00 35.76 ? 82   TYR A CE1 1 
ATOM   547  C CE2 . TYR A 1 82  ? -16.284 5.489   1.033   1.00 36.43 ? 82   TYR A CE2 1 
ATOM   548  C CZ  . TYR A 1 82  ? -16.458 6.421   0.010   1.00 37.46 ? 82   TYR A CZ  1 
ATOM   549  O OH  . TYR A 1 82  ? -16.753 5.999   -1.267  1.00 38.05 ? 82   TYR A OH  1 
ATOM   550  N N   . VAL A 1 83  ? -13.925 10.436  5.165   1.00 40.62 ? 83   VAL A N   1 
ATOM   551  C CA  . VAL A 1 83  ? -13.716 11.372  6.264   1.00 41.82 ? 83   VAL A CA  1 
ATOM   552  C C   . VAL A 1 83  ? -14.922 12.306  6.422   1.00 42.44 ? 83   VAL A C   1 
ATOM   553  O O   . VAL A 1 83  ? -15.574 12.677  5.433   1.00 43.23 ? 83   VAL A O   1 
ATOM   554  C CB  . VAL A 1 83  ? -12.416 12.185  6.021   1.00 42.71 ? 83   VAL A CB  1 
ATOM   555  C CG1 . VAL A 1 83  ? -12.414 13.508  6.796   1.00 43.21 ? 83   VAL A CG1 1 
ATOM   556  C CG2 . VAL A 1 83  ? -11.167 11.319  6.339   1.00 42.10 ? 83   VAL A CG2 1 
ATOM   557  N N   . PHE A 1 87  ? -21.418 15.190  4.197   1.00 56.16 ? 87   PHE A N   1 
ATOM   558  C CA  . PHE A 1 87  ? -20.850 14.961  2.865   1.00 56.28 ? 87   PHE A CA  1 
ATOM   559  C C   . PHE A 1 87  ? -19.457 14.318  2.940   1.00 55.39 ? 87   PHE A C   1 
ATOM   560  O O   . PHE A 1 87  ? -18.487 14.991  3.293   1.00 55.83 ? 87   PHE A O   1 
ATOM   561  C CB  . PHE A 1 87  ? -20.868 16.235  1.972   1.00 56.97 ? 87   PHE A CB  1 
ATOM   562  C CG  . PHE A 1 87  ? -20.442 17.537  2.671   1.00 58.47 ? 87   PHE A CG  1 
ATOM   563  C CD1 . PHE A 1 87  ? -21.330 18.250  3.488   1.00 60.04 ? 87   PHE A CD1 1 
ATOM   564  C CD2 . PHE A 1 87  ? -19.180 18.088  2.446   1.00 59.52 ? 87   PHE A CD2 1 
ATOM   565  C CE1 . PHE A 1 87  ? -20.942 19.452  4.107   1.00 59.13 ? 87   PHE A CE1 1 
ATOM   566  C CE2 . PHE A 1 87  ? -18.786 19.290  3.060   1.00 59.01 ? 87   PHE A CE2 1 
ATOM   567  C CZ  . PHE A 1 87  ? -19.669 19.966  3.887   1.00 58.63 ? 87   PHE A CZ  1 
ATOM   568  N N   . PRO A 1 88  ? -19.373 12.994  2.666   1.00 54.26 ? 88   PRO A N   1 
ATOM   569  C CA  . PRO A 1 88  ? -18.131 12.215  2.760   1.00 53.02 ? 88   PRO A CA  1 
ATOM   570  C C   . PRO A 1 88  ? -17.437 11.898  1.420   1.00 51.56 ? 88   PRO A C   1 
ATOM   571  O O   . PRO A 1 88  ? -18.087 11.464  0.460   1.00 51.24 ? 88   PRO A O   1 
ATOM   572  C CB  . PRO A 1 88  ? -18.616 10.914  3.412   1.00 53.44 ? 88   PRO A CB  1 
ATOM   573  C CG  . PRO A 1 88  ? -20.097 10.775  2.911   1.00 53.78 ? 88   PRO A CG  1 
ATOM   574  C CD  . PRO A 1 88  ? -20.513 12.118  2.328   1.00 54.15 ? 88   PRO A CD  1 
ATOM   575  N N   . GLU A 1 89  ? -16.120 12.107  1.377   1.00 49.90 ? 89   GLU A N   1 
ATOM   576  C CA  . GLU A 1 89  ? -15.296 11.678  0.231   1.00 48.74 ? 89   GLU A CA  1 
ATOM   577  C C   . GLU A 1 89  ? -14.088 10.880  0.698   1.00 46.12 ? 89   GLU A C   1 
ATOM   578  O O   . GLU A 1 89  ? -13.759 10.891  1.881   1.00 45.46 ? 89   GLU A O   1 
ATOM   579  C CB  . GLU A 1 89  ? -14.851 12.884  -0.618  1.00 49.03 ? 89   GLU A CB  1 
ATOM   580  C CG  . GLU A 1 89  ? -15.923 13.393  -1.585  1.00 50.46 ? 89   GLU A CG  1 
ATOM   581  C CD  . GLU A 1 89  ? -15.714 14.852  -2.004  1.00 51.14 ? 89   GLU A CD  1 
ATOM   582  O OE1 . GLU A 1 89  ? -14.556 15.227  -2.335  1.00 53.16 ? 89   GLU A OE1 1 
ATOM   583  O OE2 . GLU A 1 89  ? -16.717 15.620  -2.006  1.00 53.32 ? 89   GLU A OE2 1 
ATOM   584  N N   . LEU A 1 90  ? -13.451 10.181  -0.239  1.00 44.24 ? 90   LEU A N   1 
ATOM   585  C CA  . LEU A 1 90  ? -12.236 9.400   0.025   1.00 42.45 ? 90   LEU A CA  1 
ATOM   586  C C   . LEU A 1 90  ? -11.018 10.308  0.153   1.00 41.03 ? 90   LEU A C   1 
ATOM   587  O O   . LEU A 1 90  ? -10.715 11.079  -0.748  1.00 41.02 ? 90   LEU A O   1 
ATOM   588  C CB  . LEU A 1 90  ? -11.996 8.355   -1.077  1.00 42.86 ? 90   LEU A CB  1 
ATOM   589  C CG  . LEU A 1 90  ? -12.862 7.088   -1.058  1.00 42.64 ? 90   LEU A CG  1 
ATOM   590  C CD1 . LEU A 1 90  ? -12.775 6.357   -2.389  1.00 42.99 ? 90   LEU A CD1 1 
ATOM   591  C CD2 . LEU A 1 90  ? -12.489 6.158   0.079   1.00 40.62 ? 90   LEU A CD2 1 
ATOM   592  N N   . GLU A 1 91  ? -10.362 10.229  1.303   1.00 39.30 ? 91   GLU A N   1 
ATOM   593  C CA  . GLU A 1 91  ? -9.138  10.966  1.591   1.00 37.60 ? 91   GLU A CA  1 
ATOM   594  C C   . GLU A 1 91  ? -8.040  9.950   1.837   1.00 35.36 ? 91   GLU A C   1 
ATOM   595  O O   . GLU A 1 91  ? -8.336  8.838   2.265   1.00 33.62 ? 91   GLU A O   1 
ATOM   596  C CB  . GLU A 1 91  ? -9.314  11.787  2.871   1.00 38.04 ? 91   GLU A CB  1 
ATOM   597  C CG  . GLU A 1 91  ? -10.328 12.922  2.762   1.00 43.50 ? 91   GLU A CG  1 
ATOM   598  C CD  . GLU A 1 91  ? -10.116 14.014  3.809   1.00 48.23 ? 91   GLU A CD  1 
ATOM   599  O OE1 . GLU A 1 91  ? -8.995  14.133  4.357   1.00 50.72 ? 91   GLU A OE1 1 
ATOM   600  O OE2 . GLU A 1 91  ? -11.074 14.764  4.080   1.00 51.91 ? 91   GLU A OE2 1 
ATOM   601  N N   . ARG A 1 92  ? -6.784  10.334  1.578   1.00 32.77 ? 92   ARG A N   1 
ATOM   602  C CA  . ARG A 1 92  ? -5.633  9.527   1.977   1.00 31.20 ? 92   ARG A CA  1 
ATOM   603  C C   . ARG A 1 92  ? -5.747  9.363   3.480   1.00 30.12 ? 92   ARG A C   1 
ATOM   604  O O   . ARG A 1 92  ? -6.051  10.319  4.188   1.00 30.43 ? 92   ARG A O   1 
ATOM   605  C CB  . ARG A 1 92  ? -4.294  10.208  1.647   1.00 30.63 ? 92   ARG A CB  1 
ATOM   606  C CG  . ARG A 1 92  ? -4.033  10.416  0.146   1.00 30.29 ? 92   ARG A CG  1 
ATOM   607  C CD  . ARG A 1 92  ? -2.567  10.792  -0.064  1.00 31.07 ? 92   ARG A CD  1 
ATOM   608  N NE  . ARG A 1 92  ? -2.309  11.265  -1.419  1.00 34.00 ? 92   ARG A NE  1 
ATOM   609  C CZ  . ARG A 1 92  ? -1.162  11.809  -1.820  1.00 34.64 ? 92   ARG A CZ  1 
ATOM   610  N NH1 . ARG A 1 92  ? -0.156  11.977  -0.970  1.00 33.18 ? 92   ARG A NH1 1 
ATOM   611  N NH2 . ARG A 1 92  ? -1.028  12.202  -3.078  1.00 36.56 ? 92   ARG A NH2 1 
ATOM   612  N N   . CYS A 1 93  ? -5.521  8.155   3.965   1.00 28.57 ? 93   CYS A N   1 
ATOM   613  C CA  . CYS A 1 93  ? -5.711  7.845   5.376   1.00 26.59 ? 93   CYS A CA  1 
ATOM   614  C C   . CYS A 1 93  ? -4.359  7.530   6.007   1.00 25.56 ? 93   CYS A C   1 
ATOM   615  O O   . CYS A 1 93  ? -4.005  8.072   7.054   1.00 24.25 ? 93   CYS A O   1 
ATOM   616  C CB  . CYS A 1 93  ? -6.638  6.639   5.490   1.00 27.65 ? 93   CYS A CB  1 
ATOM   617  S SG  . CYS A 1 93  ? -6.901  6.108   7.171   1.00 29.80 ? 93   CYS A SG  1 
ATOM   618  N N   . LEU A 1 94  ? -3.626  6.633   5.342   1.00 23.53 ? 94   LEU A N   1 
ATOM   619  C CA  . LEU A 1 94  ? -2.236  6.339   5.612   1.00 23.32 ? 94   LEU A CA  1 
ATOM   620  C C   . LEU A 1 94  ? -1.548  6.388   4.264   1.00 22.41 ? 94   LEU A C   1 
ATOM   621  O O   . LEU A 1 94  ? -2.091  5.894   3.276   1.00 22.62 ? 94   LEU A O   1 
ATOM   622  C CB  . LEU A 1 94  ? -2.072  4.916   6.127   1.00 23.60 ? 94   LEU A CB  1 
ATOM   623  C CG  . LEU A 1 94  ? -2.492  4.542   7.552   1.00 26.85 ? 94   LEU A CG  1 
ATOM   624  C CD1 . LEU A 1 94  ? -3.743  3.734   7.532   1.00 27.47 ? 94   LEU A CD1 1 
ATOM   625  C CD2 . LEU A 1 94  ? -1.362  3.675   8.149   1.00 30.25 ? 94   LEU A CD2 1 
ATOM   626  N N   . ASP A 1 95  ? -0.357  6.935   4.232   1.00 21.11 ? 95   ASP A N   1 
ATOM   627  C CA  . ASP A 1 95  ? 0.406   7.029   2.981   1.00 22.05 ? 95   ASP A CA  1 
ATOM   628  C C   . ASP A 1 95  ? 1.874   6.771   3.311   1.00 21.74 ? 95   ASP A C   1 
ATOM   629  O O   . ASP A 1 95  ? 2.402   7.346   4.264   1.00 21.57 ? 95   ASP A O   1 
ATOM   630  C CB  . ASP A 1 95  ? 0.226   8.415   2.344   1.00 22.22 ? 95   ASP A CB  1 
ATOM   631  C CG  . ASP A 1 95  ? 0.910   8.530   0.989   1.00 26.38 ? 95   ASP A CG  1 
ATOM   632  O OD1 . ASP A 1 95  ? 0.523   7.820   0.028   1.00 29.62 ? 95   ASP A OD1 1 
ATOM   633  O OD2 . ASP A 1 95  ? 1.843   9.338   0.893   1.00 29.75 ? 95   ASP A OD2 1 
ATOM   634  N N   . PHE A 1 96  ? 2.516   5.876   2.569   1.00 20.70 ? 96   PHE A N   1 
ATOM   635  C CA  . PHE A 1 96  ? 3.944   5.638   2.739   1.00 22.31 ? 96   PHE A CA  1 
ATOM   636  C C   . PHE A 1 96  ? 4.567   5.991   1.411   1.00 23.44 ? 96   PHE A C   1 
ATOM   637  O O   . PHE A 1 96  ? 4.350   5.306   0.450   1.00 23.68 ? 96   PHE A O   1 
ATOM   638  C CB  . PHE A 1 96  ? 4.237   4.171   3.124   1.00 21.92 ? 96   PHE A CB  1 
ATOM   639  C CG  . PHE A 1 96  ? 3.546   3.737   4.395   1.00 22.80 ? 96   PHE A CG  1 
ATOM   640  C CD1 . PHE A 1 96  ? 4.066   4.097   5.641   1.00 22.17 ? 96   PHE A CD1 1 
ATOM   641  C CD2 . PHE A 1 96  ? 2.349   3.010   4.343   1.00 22.95 ? 96   PHE A CD2 1 
ATOM   642  C CE1 . PHE A 1 96  ? 3.393   3.713   6.842   1.00 21.81 ? 96   PHE A CE1 1 
ATOM   643  C CE2 . PHE A 1 96  ? 1.685   2.609   5.525   1.00 22.40 ? 96   PHE A CE2 1 
ATOM   644  C CZ  . PHE A 1 96  ? 2.207   2.985   6.768   1.00 21.91 ? 96   PHE A CZ  1 
ATOM   645  N N   . ASP A 1 97  ? 5.300   7.091   1.353   1.00 25.16 ? 97   ASP A N   1 
ATOM   646  C CA  . ASP A 1 97  ? 5.800   7.585   0.065   1.00 27.35 ? 97   ASP A CA  1 
ATOM   647  C C   . ASP A 1 97  ? 7.307   7.320   -0.015  1.00 27.99 ? 97   ASP A C   1 
ATOM   648  O O   . ASP A 1 97  ? 8.105   8.005   0.617   1.00 27.30 ? 97   ASP A O   1 
ATOM   649  C CB  . ASP A 1 97  ? 5.466   9.080   -0.097  1.00 27.80 ? 97   ASP A CB  1 
ATOM   650  C CG  . ASP A 1 97  ? 5.765   9.611   -1.510  1.00 31.00 ? 97   ASP A CG  1 
ATOM   651  O OD1 . ASP A 1 97  ? 6.727   9.147   -2.161  1.00 32.42 ? 97   ASP A OD1 1 
ATOM   652  O OD2 . ASP A 1 97  ? 5.031   10.505  -1.970  1.00 33.44 ? 97   ASP A OD2 1 
ATOM   653  N N   . PHE A 1 98  ? 7.689   6.286   -0.763  1.00 30.02 ? 98   PHE A N   1 
ATOM   654  C CA  . PHE A 1 98  ? 9.088   5.854   -0.771  1.00 31.76 ? 98   PHE A CA  1 
ATOM   655  C C   . PHE A 1 98  ? 9.962   6.747   -1.687  1.00 33.08 ? 98   PHE A C   1 
ATOM   656  O O   . PHE A 1 98  ? 11.100  7.044   -1.345  1.00 34.04 ? 98   PHE A O   1 
ATOM   657  C CB  . PHE A 1 98  ? 9.196   4.336   -1.083  1.00 31.38 ? 98   PHE A CB  1 
ATOM   658  C CG  . PHE A 1 98  ? 8.441   3.471   -0.091  1.00 31.12 ? 98   PHE A CG  1 
ATOM   659  C CD1 . PHE A 1 98  ? 8.918   3.294   1.193   1.00 31.93 ? 98   PHE A CD1 1 
ATOM   660  C CD2 . PHE A 1 98  ? 7.233   2.892   -0.434  1.00 30.12 ? 98   PHE A CD2 1 
ATOM   661  C CE1 . PHE A 1 98  ? 8.218   2.538   2.112   1.00 32.63 ? 98   PHE A CE1 1 
ATOM   662  C CE2 . PHE A 1 98  ? 6.529   2.131   0.475   1.00 31.02 ? 98   PHE A CE2 1 
ATOM   663  C CZ  . PHE A 1 98  ? 7.019   1.956   1.752   1.00 30.48 ? 98   PHE A CZ  1 
ATOM   664  N N   . GLN A 1 99  ? 9.407   7.176   -2.819  1.00 34.39 ? 99   GLN A N   1 
ATOM   665  C CA  . GLN A 1 99  ? 10.021  8.178   -3.699  1.00 36.23 ? 99   GLN A CA  1 
ATOM   666  C C   . GLN A 1 99  ? 10.537  9.378   -2.912  1.00 36.38 ? 99   GLN A C   1 
ATOM   667  O O   . GLN A 1 99  ? 11.650  9.855   -3.127  1.00 37.27 ? 99   GLN A O   1 
ATOM   668  C CB  . GLN A 1 99  ? 8.994   8.694   -4.714  1.00 35.89 ? 99   GLN A CB  1 
ATOM   669  C CG  . GLN A 1 99  ? 8.627   7.749   -5.828  1.00 37.56 ? 99   GLN A CG  1 
ATOM   670  C CD  . GLN A 1 99  ? 7.492   8.270   -6.749  1.00 37.86 ? 99   GLN A CD  1 
ATOM   671  O OE1 . GLN A 1 99  ? 6.487   8.850   -6.292  1.00 41.89 ? 99   GLN A OE1 1 
ATOM   672  N NE2 . GLN A 1 99  ? 7.650   8.042   -8.046  1.00 39.02 ? 99   GLN A NE2 1 
ATOM   673  N N   . ARG A 1 100 ? 9.721   9.861   -1.983  1.00 36.43 ? 100  ARG A N   1 
ATOM   674  C CA  . ARG A 1 100 ? 9.991   11.110  -1.291  1.00 35.27 ? 100  ARG A CA  1 
ATOM   675  C C   . ARG A 1 100 ? 10.568  10.910  0.103   1.00 35.08 ? 100  ARG A C   1 
ATOM   676  O O   . ARG A 1 100 ? 11.140  11.844  0.701   1.00 35.51 ? 100  ARG A O   1 
ATOM   677  C CB  . ARG A 1 100 ? 8.678   11.857  -1.172  1.00 35.76 ? 100  ARG A CB  1 
ATOM   678  C CG  . ARG A 1 100 ? 8.810   13.298  -1.323  1.00 34.99 ? 100  ARG A CG  1 
ATOM   679  C CD  . ARG A 1 100 ? 7.469   13.915  -1.575  1.00 33.68 ? 100  ARG A CD  1 
ATOM   680  N NE  . ARG A 1 100 ? 7.558   15.279  -1.146  1.00 30.65 ? 100  ARG A NE  1 
ATOM   681  C CZ  . ARG A 1 100 ? 6.725   16.246  -1.494  1.00 29.53 ? 100  ARG A CZ  1 
ATOM   682  N NH1 . ARG A 1 100 ? 5.687   16.019  -2.299  1.00 27.44 ? 100  ARG A NH1 1 
ATOM   683  N NH2 . ARG A 1 100 ? 6.964   17.444  -1.022  1.00 25.22 ? 100  ARG A NH2 1 
ATOM   684  N N   . GLY A 1 101 ? 10.422  9.700   0.638   1.00 33.67 ? 101  GLY A N   1 
ATOM   685  C CA  . GLY A 1 101 ? 10.902  9.407   1.985   1.00 31.95 ? 101  GLY A CA  1 
ATOM   686  C C   . GLY A 1 101 ? 10.020  9.912   3.120   1.00 30.45 ? 101  GLY A C   1 
ATOM   687  O O   . GLY A 1 101 ? 10.503  10.117  4.221   1.00 30.90 ? 101  GLY A O   1 
ATOM   688  N N   . ASP A 1 102 ? 8.730   10.094  2.864   1.00 29.76 ? 102  ASP A N   1 
ATOM   689  C CA  . ASP A 1 102 ? 7.785   10.576  3.899   1.00 29.00 ? 102  ASP A CA  1 
ATOM   690  C C   . ASP A 1 102 ? 6.617   9.621   4.121   1.00 26.89 ? 102  ASP A C   1 
ATOM   691  O O   . ASP A 1 102 ? 6.231   8.894   3.214   1.00 25.36 ? 102  ASP A O   1 
ATOM   692  C CB  . ASP A 1 102 ? 7.170   11.917  3.500   1.00 29.74 ? 102  ASP A CB  1 
ATOM   693  C CG  . ASP A 1 102 ? 8.160   13.074  3.554   1.00 33.70 ? 102  ASP A CG  1 
ATOM   694  O OD1 . ASP A 1 102 ? 8.949   13.199  4.517   1.00 36.58 ? 102  ASP A OD1 1 
ATOM   695  O OD2 . ASP A 1 102 ? 8.112   13.876  2.610   1.00 38.60 ? 102  ASP A OD2 1 
ATOM   696  N N   . PHE A 1 103 ? 6.041   9.669   5.319   1.00 26.45 ? 103  PHE A N   1 
ATOM   697  C CA  . PHE A 1 103 ? 4.776   8.979   5.592   1.00 26.99 ? 103  PHE A CA  1 
ATOM   698  C C   . PHE A 1 103 ? 3.754   9.989   6.079   1.00 26.69 ? 103  PHE A C   1 
ATOM   699  O O   . PHE A 1 103 ? 4.117   11.043  6.617   1.00 26.83 ? 103  PHE A O   1 
ATOM   700  C CB  . PHE A 1 103 ? 4.935   7.776   6.568   1.00 27.23 ? 103  PHE A CB  1 
ATOM   701  C CG  . PHE A 1 103 ? 5.112   8.160   8.009   1.00 27.93 ? 103  PHE A CG  1 
ATOM   702  C CD1 . PHE A 1 103 ? 6.376   8.535   8.504   1.00 30.81 ? 103  PHE A CD1 1 
ATOM   703  C CD2 . PHE A 1 103 ? 4.021   8.176   8.885   1.00 28.77 ? 103  PHE A CD2 1 
ATOM   704  C CE1 . PHE A 1 103 ? 6.546   8.897   9.854   1.00 27.37 ? 103  PHE A CE1 1 
ATOM   705  C CE2 . PHE A 1 103 ? 4.179   8.554   10.238  1.00 28.37 ? 103  PHE A CE2 1 
ATOM   706  C CZ  . PHE A 1 103 ? 5.447   8.913   10.714  1.00 28.58 ? 103  PHE A CZ  1 
ATOM   707  N N   . PHE A 1 104 ? 2.484   9.662   5.887   1.00 25.23 ? 104  PHE A N   1 
ATOM   708  C CA  . PHE A 1 104 ? 1.390   10.474  6.353   1.00 24.89 ? 104  PHE A CA  1 
ATOM   709  C C   . PHE A 1 104 ? 0.334   9.678   7.124   1.00 25.27 ? 104  PHE A C   1 
ATOM   710  O O   . PHE A 1 104 ? -0.052  8.570   6.732   1.00 24.35 ? 104  PHE A O   1 
ATOM   711  C CB  . PHE A 1 104 ? 0.701   11.121  5.154   1.00 24.64 ? 104  PHE A CB  1 
ATOM   712  C CG  . PHE A 1 104 ? -0.485  11.927  5.508   1.00 25.13 ? 104  PHE A CG  1 
ATOM   713  C CD1 . PHE A 1 104 ? -0.346  13.268  5.858   1.00 25.86 ? 104  PHE A CD1 1 
ATOM   714  C CD2 . PHE A 1 104 ? -1.745  11.378  5.465   1.00 23.86 ? 104  PHE A CD2 1 
ATOM   715  C CE1 . PHE A 1 104 ? -1.461  14.024  6.170   1.00 25.58 ? 104  PHE A CE1 1 
ATOM   716  C CE2 . PHE A 1 104 ? -2.855  12.121  5.803   1.00 24.88 ? 104  PHE A CE2 1 
ATOM   717  C CZ  . PHE A 1 104 ? -2.719  13.452  6.145   1.00 24.87 ? 104  PHE A CZ  1 
ATOM   718  N N   . THR A 1 105 ? -0.166  10.307  8.176   1.00 24.58 ? 105  THR A N   1 
ATOM   719  C CA  . THR A 1 105 ? -1.375  9.904   8.828   1.00 25.93 ? 105  THR A CA  1 
ATOM   720  C C   . THR A 1 105 ? -2.185  11.170  9.128   1.00 26.42 ? 105  THR A C   1 
ATOM   721  O O   . THR A 1 105 ? -1.604  12.237  9.243   1.00 25.30 ? 105  THR A O   1 
ATOM   722  C CB  . THR A 1 105 ? -0.977  9.155   10.115  1.00 27.26 ? 105  THR A CB  1 
ATOM   723  O OG1 . THR A 1 105 ? -0.931  7.748   9.837   1.00 28.51 ? 105  THR A OG1 1 
ATOM   724  C CG2 . THR A 1 105 ? -1.862  9.460   11.247  1.00 23.22 ? 105  THR A CG2 1 
ATOM   725  N N   . ALA A 1 106 ? -3.506  11.054  9.278   1.00 27.81 ? 106  ALA A N   1 
ATOM   726  C CA  . ALA A 1 106 ? -4.316  12.227  9.589   1.00 30.15 ? 106  ALA A CA  1 
ATOM   727  C C   . ALA A 1 106 ? -3.917  12.864  10.927  1.00 31.78 ? 106  ALA A C   1 
ATOM   728  O O   . ALA A 1 106 ? -3.999  14.083  11.078  1.00 33.18 ? 106  ALA A O   1 
ATOM   729  C CB  . ALA A 1 106 ? -5.812  11.900  9.538   1.00 29.46 ? 106  ALA A CB  1 
ATOM   730  N N   . TYR A 1 107 ? -3.410  12.042  11.860  1.00 32.67 ? 107  TYR A N   1 
ATOM   731  C CA  . TYR A 1 107 ? -2.871  12.517  13.128  1.00 33.45 ? 107  TYR A CA  1 
ATOM   732  C C   . TYR A 1 107 ? -1.419  12.957  13.134  1.00 33.36 ? 107  TYR A C   1 
ATOM   733  O O   . TYR A 1 107 ? -1.097  13.968  13.750  1.00 33.39 ? 107  TYR A O   1 
ATOM   734  C CB  . TYR A 1 107 ? -3.035  11.446  14.207  1.00 35.02 ? 107  TYR A CB  1 
ATOM   735  C CG  . TYR A 1 107 ? -4.413  10.848  14.237  1.00 36.75 ? 107  TYR A CG  1 
ATOM   736  C CD1 . TYR A 1 107 ? -5.524  11.626  14.564  1.00 38.04 ? 107  TYR A CD1 1 
ATOM   737  C CD2 . TYR A 1 107 ? -4.603  9.515   13.924  1.00 38.31 ? 107  TYR A CD2 1 
ATOM   738  C CE1 . TYR A 1 107 ? -6.799  11.063  14.587  1.00 39.97 ? 107  TYR A CE1 1 
ATOM   739  C CE2 . TYR A 1 107 ? -5.865  8.947   13.949  1.00 39.72 ? 107  TYR A CE2 1 
ATOM   740  C CZ  . TYR A 1 107 ? -6.949  9.718   14.279  1.00 38.69 ? 107  TYR A CZ  1 
ATOM   741  O OH  . TYR A 1 107 ? -8.193  9.132   14.299  1.00 40.70 ? 107  TYR A OH  1 
ATOM   742  N N   . HIS A 1 108 ? -0.542  12.173  12.504  1.00 33.19 ? 108  HIS A N   1 
ATOM   743  C CA  . HIS A 1 108 ? 0.901   12.428  12.507  1.00 32.78 ? 108  HIS A CA  1 
ATOM   744  C C   . HIS A 1 108 ? 1.293   13.533  11.555  1.00 32.99 ? 108  HIS A C   1 
ATOM   745  O O   . HIS A 1 108 ? 2.398   14.062  11.671  1.00 33.34 ? 108  HIS A O   1 
ATOM   746  C CB  . HIS A 1 108 ? 1.703   11.196  12.088  1.00 32.70 ? 108  HIS A CB  1 
ATOM   747  C CG  . HIS A 1 108 ? 1.548   10.010  12.990  1.00 33.09 ? 108  HIS A CG  1 
ATOM   748  N ND1 . HIS A 1 108 ? 2.500   9.659   13.926  1.00 33.98 ? 108  HIS A ND1 1 
ATOM   749  C CD2 . HIS A 1 108 ? 0.575   9.073   13.073  1.00 31.51 ? 108  HIS A CD2 1 
ATOM   750  C CE1 . HIS A 1 108 ? 2.109   8.567   14.558  1.00 33.31 ? 108  HIS A CE1 1 
ATOM   751  N NE2 . HIS A 1 108 ? 0.948   8.186   14.056  1.00 34.54 ? 108  HIS A NE2 1 
ATOM   752  N N   . GLY A 1 109 ? 0.420   13.862  10.601  1.00 33.18 ? 109  GLY A N   1 
ATOM   753  C CA  . GLY A 1 109 ? 0.820   14.679  9.442   1.00 33.07 ? 109  GLY A CA  1 
ATOM   754  C C   . GLY A 1 109 ? 1.952   13.999  8.659   1.00 33.70 ? 109  GLY A C   1 
ATOM   755  O O   . GLY A 1 109 ? 2.054   12.762  8.655   1.00 31.79 ? 109  GLY A O   1 
ATOM   756  N N   . TRP A 1 110 ? 2.794   14.809  8.004   1.00 35.11 ? 110  TRP A N   1 
ATOM   757  C CA  . TRP A 1 110 ? 3.995   14.371  7.259   1.00 36.87 ? 110  TRP A CA  1 
ATOM   758  C C   . TRP A 1 110 ? 5.231   14.316  8.122   1.00 38.04 ? 110  TRP A C   1 
ATOM   759  O O   . TRP A 1 110 ? 5.576   15.310  8.780   1.00 37.32 ? 110  TRP A O   1 
ATOM   760  C CB  . TRP A 1 110 ? 4.338   15.383  6.187   1.00 37.55 ? 110  TRP A CB  1 
ATOM   761  C CG  . TRP A 1 110 ? 3.226   15.654  5.350   1.00 39.19 ? 110  TRP A CG  1 
ATOM   762  C CD1 . TRP A 1 110 ? 2.346   16.705  5.428   1.00 40.12 ? 110  TRP A CD1 1 
ATOM   763  C CD2 . TRP A 1 110 ? 2.795   14.838  4.301   1.00 37.21 ? 110  TRP A CD2 1 
ATOM   764  N NE1 . TRP A 1 110 ? 1.397   16.572  4.460   1.00 40.85 ? 110  TRP A NE1 1 
ATOM   765  C CE2 . TRP A 1 110 ? 1.661   15.424  3.760   1.00 37.96 ? 110  TRP A CE2 1 
ATOM   766  C CE3 . TRP A 1 110 ? 3.268   13.649  3.761   1.00 38.83 ? 110  TRP A CE3 1 
ATOM   767  C CZ2 . TRP A 1 110 ? 1.012   14.879  2.706   1.00 40.04 ? 110  TRP A CZ2 1 
ATOM   768  C CZ3 . TRP A 1 110 ? 2.631   13.112  2.724   1.00 39.11 ? 110  TRP A CZ3 1 
ATOM   769  C CH2 . TRP A 1 110 ? 1.510   13.701  2.203   1.00 40.43 ? 110  TRP A CH2 1 
ATOM   770  N N   . ASN A 1 111 ? 5.925   13.182  8.062   1.00 39.29 ? 111  ASN A N   1 
ATOM   771  C CA  . ASN A 1 111 ? 7.192   12.983  8.762   1.00 40.91 ? 111  ASN A CA  1 
ATOM   772  C C   . ASN A 1 111 ? 8.107   12.061  7.951   1.00 41.57 ? 111  ASN A C   1 
ATOM   773  O O   . ASN A 1 111 ? 7.635   11.235  7.178   1.00 41.66 ? 111  ASN A O   1 
ATOM   774  C CB  . ASN A 1 111 ? 6.978   12.450  10.178  1.00 41.28 ? 111  ASN A CB  1 
ATOM   775  C CG  . ASN A 1 111 ? 6.525   13.536  11.150  1.00 42.97 ? 111  ASN A CG  1 
ATOM   776  O OD1 . ASN A 1 111 ? 7.276   14.476  11.455  1.00 46.08 ? 111  ASN A OD1 1 
ATOM   777  N ND2 . ASN A 1 111 ? 5.294   13.418  11.632  1.00 43.38 ? 111  ASN A ND2 1 
ATOM   778  N N   . PRO A 1 112 ? 9.421   12.252  8.072   1.00 42.30 ? 112  PRO A N   1 
ATOM   779  C CA  . PRO A 1 112 ? 10.294  11.407  7.281   1.00 42.07 ? 112  PRO A CA  1 
ATOM   780  C C   . PRO A 1 112 ? 10.337  9.990   7.820   1.00 42.15 ? 112  PRO A C   1 
ATOM   781  O O   . PRO A 1 112 ? 10.106  9.756   9.011   1.00 42.08 ? 112  PRO A O   1 
ATOM   782  C CB  . PRO A 1 112 ? 11.666  12.101  7.397   1.00 42.65 ? 112  PRO A CB  1 
ATOM   783  C CG  . PRO A 1 112 ? 11.378  13.483  8.004   1.00 42.64 ? 112  PRO A CG  1 
ATOM   784  C CD  . PRO A 1 112 ? 10.177  13.241  8.866   1.00 42.41 ? 112  PRO A CD  1 
ATOM   785  N N   . ILE A 1 113 ? 10.629  9.047   6.936   1.00 41.95 ? 113  ILE A N   1 
ATOM   786  C CA  . ILE A 1 113 ? 10.601  7.630   7.276   1.00 41.49 ? 113  ILE A CA  1 
ATOM   787  C C   . ILE A 1 113 ? 11.919  7.111   7.921   1.00 42.75 ? 113  ILE A C   1 
ATOM   788  O O   . ILE A 1 113 ? 11.889  6.398   8.929   1.00 42.08 ? 113  ILE A O   1 
ATOM   789  C CB  . ILE A 1 113 ? 10.258  6.833   6.009   1.00 40.77 ? 113  ILE A CB  1 
ATOM   790  C CG1 . ILE A 1 113 ? 8.766   6.969   5.669   1.00 38.51 ? 113  ILE A CG1 1 
ATOM   791  C CG2 . ILE A 1 113 ? 10.704  5.386   6.130   1.00 40.59 ? 113  ILE A CG2 1 
ATOM   792  C CD1 . ILE A 1 113 ? 8.427   6.614   4.207   1.00 34.76 ? 113  ILE A CD1 1 
ATOM   793  N N   . VAL A 1 114 ? 13.058  7.503   7.346   1.00 43.95 ? 114  VAL A N   1 
ATOM   794  C CA  . VAL A 1 114 ? 14.377  6.867   7.584   1.00 45.37 ? 114  VAL A CA  1 
ATOM   795  C C   . VAL A 1 114 ? 14.630  6.193   8.953   1.00 45.98 ? 114  VAL A C   1 
ATOM   796  O O   . VAL A 1 114 ? 14.480  4.956   9.076   1.00 47.57 ? 114  VAL A O   1 
ATOM   797  C CB  . VAL A 1 114 ? 15.548  7.789   7.137   1.00 45.41 ? 114  VAL A CB  1 
ATOM   798  C CG1 . VAL A 1 114 ? 16.883  7.374   7.774   1.00 46.93 ? 114  VAL A CG1 1 
ATOM   799  C CG2 . VAL A 1 114 ? 15.672  7.751   5.627   1.00 45.73 ? 114  VAL A CG2 1 
ATOM   800  N N   . GLY A 1 115 ? 14.999  6.972   9.968   1.00 45.99 ? 115  GLY A N   1 
ATOM   801  C CA  . GLY A 1 115 ? 15.339  6.400   11.289  1.00 45.28 ? 115  GLY A CA  1 
ATOM   802  C C   . GLY A 1 115 ? 14.208  6.651   12.268  1.00 45.10 ? 115  GLY A C   1 
ATOM   803  O O   . GLY A 1 115 ? 14.429  6.819   13.471  1.00 45.14 ? 115  GLY A O   1 
ATOM   804  N N   . ASN A 1 116 ? 12.989  6.659   11.732  1.00 44.32 ? 116  ASN A N   1 
ATOM   805  C CA  . ASN A 1 116 ? 11.808  7.086   12.460  1.00 43.60 ? 116  ASN A CA  1 
ATOM   806  C C   . ASN A 1 116 ? 10.968  5.895   12.941  1.00 43.44 ? 116  ASN A C   1 
ATOM   807  O O   . ASN A 1 116 ? 10.599  5.015   12.158  1.00 42.74 ? 116  ASN A O   1 
ATOM   808  C CB  . ASN A 1 116 ? 11.003  8.064   11.586  1.00 43.53 ? 116  ASN A CB  1 
ATOM   809  C CG  . ASN A 1 116 ? 9.796   8.628   12.289  1.00 42.56 ? 116  ASN A CG  1 
ATOM   810  O OD1 . ASN A 1 116 ? 9.160   7.949   13.079  1.00 41.04 ? 116  ASN A OD1 1 
ATOM   811  N ND2 . ASN A 1 116 ? 9.453   9.871   11.974  1.00 41.18 ? 116  ASN A ND2 1 
ATOM   812  N N   . ARG A 1 117 ? 10.663  5.907   14.236  1.00 43.19 ? 117  ARG A N   1 
ATOM   813  C CA  . ARG A 1 117 ? 10.106  4.766   14.952  1.00 43.30 ? 117  ARG A CA  1 
ATOM   814  C C   . ARG A 1 117 ? 8.572   4.688   14.895  1.00 41.70 ? 117  ARG A C   1 
ATOM   815  O O   . ARG A 1 117 ? 8.010   3.591   14.952  1.00 41.55 ? 117  ARG A O   1 
ATOM   816  C CB  . ARG A 1 117 ? 10.591  4.804   16.408  1.00 43.43 ? 117  ARG A CB  1 
ATOM   817  C CG  . ARG A 1 117 ? 10.197  3.627   17.268  1.00 44.43 ? 117  ARG A CG  1 
ATOM   818  C CD  . ARG A 1 117 ? 10.959  3.635   18.599  1.00 46.42 ? 117  ARG A CD  1 
ATOM   819  N NE  . ARG A 1 117 ? 10.867  4.907   19.341  1.00 51.41 ? 117  ARG A NE  1 
ATOM   820  C CZ  . ARG A 1 117 ? 9.746   5.383   19.893  1.00 52.26 ? 117  ARG A CZ  1 
ATOM   821  N NH1 . ARG A 1 117 ? 8.607   4.720   19.756  1.00 52.29 ? 117  ARG A NH1 1 
ATOM   822  N NH2 . ARG A 1 117 ? 9.759   6.530   20.564  1.00 53.50 ? 117  ARG A NH2 1 
ATOM   823  N N   . ASP A 1 118 ? 7.903   5.842   14.812  1.00 39.91 ? 118  ASP A N   1 
ATOM   824  C CA  . ASP A 1 118 ? 6.463   5.866   14.562  1.00 38.22 ? 118  ASP A CA  1 
ATOM   825  C C   . ASP A 1 118 ? 6.139   5.277   13.190  1.00 36.86 ? 118  ASP A C   1 
ATOM   826  O O   . ASP A 1 118 ? 5.169   4.517   13.054  1.00 36.54 ? 118  ASP A O   1 
ATOM   827  C CB  . ASP A 1 118 ? 5.871   7.275   14.745  1.00 38.74 ? 118  ASP A CB  1 
ATOM   828  C CG  . ASP A 1 118 ? 5.670   7.647   16.225  1.00 40.64 ? 118  ASP A CG  1 
ATOM   829  O OD1 . ASP A 1 118 ? 6.547   7.290   17.032  1.00 41.44 ? 118  ASP A OD1 1 
ATOM   830  O OD2 . ASP A 1 118 ? 4.633   8.274   16.596  1.00 43.54 ? 118  ASP A OD2 1 
ATOM   831  N N   . ALA A 1 119 ? 6.984   5.585   12.199  1.00 34.49 ? 119  ALA A N   1 
ATOM   832  C CA  . ALA A 1 119 ? 6.847   5.075   10.841  1.00 32.85 ? 119  ALA A CA  1 
ATOM   833  C C   . ALA A 1 119 ? 6.910   3.558   10.808  1.00 32.23 ? 119  ALA A C   1 
ATOM   834  O O   . ALA A 1 119 ? 6.099   2.910   10.134  1.00 30.89 ? 119  ALA A O   1 
ATOM   835  C CB  . ALA A 1 119 ? 7.927   5.657   9.918   1.00 32.73 ? 119  ALA A CB  1 
ATOM   836  N N   . ARG A 1 120 ? 7.873   3.008   11.538  1.00 30.61 ? 120  ARG A N   1 
ATOM   837  C CA  . ARG A 1 120 ? 8.167   1.583   11.497  1.00 30.89 ? 120  ARG A CA  1 
ATOM   838  C C   . ARG A 1 120 ? 6.991   0.771   12.059  1.00 29.87 ? 120  ARG A C   1 
ATOM   839  O O   . ARG A 1 120 ? 6.508   -0.139  11.391  1.00 30.36 ? 120  ARG A O   1 
ATOM   840  C CB  . ARG A 1 120 ? 9.479   1.286   12.245  1.00 31.31 ? 120  ARG A CB  1 
ATOM   841  C CG  . ARG A 1 120 ? 9.950   -0.141  12.124  1.00 34.48 ? 120  ARG A CG  1 
ATOM   842  C CD  . ARG A 1 120 ? 11.189  -0.391  12.971  1.00 40.57 ? 120  ARG A CD  1 
ATOM   843  N NE  . ARG A 1 120 ? 11.800  -1.670  12.610  1.00 41.95 ? 120  ARG A NE  1 
ATOM   844  C CZ  . ARG A 1 120 ? 11.606  -2.805  13.265  1.00 42.47 ? 120  ARG A CZ  1 
ATOM   845  N NH1 . ARG A 1 120 ? 10.828  -2.830  14.340  1.00 44.49 ? 120  ARG A NH1 1 
ATOM   846  N NH2 . ARG A 1 120 ? 12.196  -3.915  12.846  1.00 43.47 ? 120  ARG A NH2 1 
ATOM   847  N N   . GLU A 1 121 ? 6.524   1.139   13.253  1.00 28.63 ? 121  GLU A N   1 
ATOM   848  C CA  . GLU A 1 121 ? 5.437   0.444   13.948  1.00 28.23 ? 121  GLU A CA  1 
ATOM   849  C C   . GLU A 1 121 ? 4.112   0.593   13.196  1.00 26.55 ? 121  GLU A C   1 
ATOM   850  O O   . GLU A 1 121 ? 3.366   -0.377  13.016  1.00 24.98 ? 121  GLU A O   1 
ATOM   851  C CB  . GLU A 1 121 ? 5.302   0.971   15.378  1.00 28.31 ? 121  GLU A CB  1 
ATOM   852  C CG  . GLU A 1 121 ? 4.119   0.359   16.190  1.00 33.65 ? 121  GLU A CG  1 
ATOM   853  C CD  . GLU A 1 121 ? 4.378   -1.087  16.688  1.00 41.20 ? 121  GLU A CD  1 
ATOM   854  O OE1 . GLU A 1 121 ? 5.569   -1.484  16.802  1.00 42.40 ? 121  GLU A OE1 1 
ATOM   855  O OE2 . GLU A 1 121 ? 3.388   -1.823  16.955  1.00 41.91 ? 121  GLU A OE2 1 
ATOM   856  N N   . LEU A 1 122 ? 3.848   1.811   12.721  1.00 24.08 ? 122  LEU A N   1 
ATOM   857  C CA  . LEU A 1 122 ? 2.678   2.073   11.919  1.00 22.96 ? 122  LEU A CA  1 
ATOM   858  C C   . LEU A 1 122 ? 2.696   1.187   10.655  1.00 21.04 ? 122  LEU A C   1 
ATOM   859  O O   . LEU A 1 122 ? 1.694   0.581   10.300  1.00 19.94 ? 122  LEU A O   1 
ATOM   860  C CB  . LEU A 1 122 ? 2.689   3.550   11.559  1.00 22.74 ? 122  LEU A CB  1 
ATOM   861  C CG  . LEU A 1 122 ? 1.535   4.311   10.988  1.00 25.97 ? 122  LEU A CG  1 
ATOM   862  C CD1 . LEU A 1 122 ? 0.382   4.385   11.984  1.00 25.68 ? 122  LEU A CD1 1 
ATOM   863  C CD2 . LEU A 1 122 ? 2.073   5.712   10.645  1.00 25.41 ? 122  LEU A CD2 1 
ATOM   864  N N   . TYR A 1 123 ? 3.830   1.126   9.967   1.00 20.37 ? 123  TYR A N   1 
ATOM   865  C CA  . TYR A 1 123 ? 3.920   0.330   8.740   1.00 19.80 ? 123  TYR A CA  1 
ATOM   866  C C   . TYR A 1 123 ? 3.720   -1.190  9.004   1.00 19.97 ? 123  TYR A C   1 
ATOM   867  O O   . TYR A 1 123 ? 3.019   -1.899  8.266   1.00 19.03 ? 123  TYR A O   1 
ATOM   868  C CB  . TYR A 1 123 ? 5.248   0.546   8.013   1.00 20.20 ? 123  TYR A CB  1 
ATOM   869  C CG  . TYR A 1 123 ? 5.268   -0.338  6.791   1.00 19.91 ? 123  TYR A CG  1 
ATOM   870  C CD1 . TYR A 1 123 ? 4.622   0.057   5.633   1.00 20.24 ? 123  TYR A CD1 1 
ATOM   871  C CD2 . TYR A 1 123 ? 5.817   -1.630  6.837   1.00 20.69 ? 123  TYR A CD2 1 
ATOM   872  C CE1 . TYR A 1 123 ? 4.558   -0.795  4.525   1.00 17.81 ? 123  TYR A CE1 1 
ATOM   873  C CE2 . TYR A 1 123 ? 5.776   -2.457  5.721   1.00 17.86 ? 123  TYR A CE2 1 
ATOM   874  C CZ  . TYR A 1 123 ? 5.132   -2.031  4.600   1.00 16.49 ? 123  TYR A CZ  1 
ATOM   875  O OH  . TYR A 1 123 ? 5.048   -2.843  3.494   1.00 23.55 ? 123  TYR A OH  1 
ATOM   876  N N   . GLN A 1 124 ? 4.335   -1.684  10.070  1.00 19.84 ? 124  GLN A N   1 
ATOM   877  C CA  . GLN A 1 124 ? 4.253   -3.102  10.393  1.00 20.94 ? 124  GLN A CA  1 
ATOM   878  C C   . GLN A 1 124 ? 2.833   -3.525  10.715  1.00 19.57 ? 124  GLN A C   1 
ATOM   879  O O   . GLN A 1 124 ? 2.421   -4.600  10.329  1.00 19.14 ? 124  GLN A O   1 
ATOM   880  C CB  . GLN A 1 124 ? 5.143   -3.417  11.602  1.00 21.95 ? 124  GLN A CB  1 
ATOM   881  C CG  . GLN A 1 124 ? 6.628   -3.407  11.250  1.00 26.14 ? 124  GLN A CG  1 
ATOM   882  C CD  . GLN A 1 124 ? 7.442   -3.716  12.473  1.00 32.99 ? 124  GLN A CD  1 
ATOM   883  O OE1 . GLN A 1 124 ? 7.088   -3.306  13.589  1.00 31.96 ? 124  GLN A OE1 1 
ATOM   884  N NE2 . GLN A 1 124 ? 8.513   -4.483  12.289  1.00 34.75 ? 124  GLN A NE2 1 
ATOM   885  N N   . LEU A 1 125 ? 2.132   -2.694  11.461  1.00 18.53 ? 125  LEU A N   1 
ATOM   886  C CA  . LEU A 1 125 ? 0.735   -2.925  11.754  1.00 20.04 ? 125  LEU A CA  1 
ATOM   887  C C   . LEU A 1 125 ? -0.125  -2.829  10.526  1.00 19.07 ? 125  LEU A C   1 
ATOM   888  O O   . LEU A 1 125 ? -0.931  -3.700  10.304  1.00 18.79 ? 125  LEU A O   1 
ATOM   889  C CB  . LEU A 1 125 ? 0.213   -1.973  12.837  1.00 20.09 ? 125  LEU A CB  1 
ATOM   890  C CG  . LEU A 1 125 ? 0.766   -2.226  14.232  1.00 22.60 ? 125  LEU A CG  1 
ATOM   891  C CD1 . LEU A 1 125 ? 0.706   -0.916  15.054  1.00 26.53 ? 125  LEU A CD1 1 
ATOM   892  C CD2 . LEU A 1 125 ? 0.005   -3.321  14.958  1.00 25.02 ? 125  LEU A CD2 1 
ATOM   893  N N   . TRP A 1 126 ? 0.024   -1.751  9.750   1.00 20.25 ? 126  TRP A N   1 
ATOM   894  C CA  . TRP A 1 126 ? -0.700  -1.623  8.482   1.00 20.04 ? 126  TRP A CA  1 
ATOM   895  C C   . TRP A 1 126 ? -0.504  -2.866  7.592   1.00 20.42 ? 126  TRP A C   1 
ATOM   896  O O   . TRP A 1 126 ? -1.483  -3.405  7.022   1.00 20.32 ? 126  TRP A O   1 
ATOM   897  C CB  . TRP A 1 126 ? -0.241  -0.383  7.676   1.00 20.38 ? 126  TRP A CB  1 
ATOM   898  C CG  . TRP A 1 126 ? -0.958  -0.369  6.373   1.00 19.78 ? 126  TRP A CG  1 
ATOM   899  C CD1 . TRP A 1 126 ? -2.224  0.063   6.161   1.00 20.05 ? 126  TRP A CD1 1 
ATOM   900  C CD2 . TRP A 1 126 ? -0.502  -0.927  5.129   1.00 18.90 ? 126  TRP A CD2 1 
ATOM   901  N NE1 . TRP A 1 126 ? -2.578  -0.148  4.850   1.00 20.24 ? 126  TRP A NE1 1 
ATOM   902  C CE2 . TRP A 1 126 ? -1.538  -0.754  4.195   1.00 20.83 ? 126  TRP A CE2 1 
ATOM   903  C CE3 . TRP A 1 126 ? 0.692   -1.518  4.708   1.00 20.28 ? 126  TRP A CE3 1 
ATOM   904  C CZ2 . TRP A 1 126 ? -1.418  -1.155  2.865   1.00 20.11 ? 126  TRP A CZ2 1 
ATOM   905  C CZ3 . TRP A 1 126 ? 0.805   -1.947  3.385   1.00 20.08 ? 126  TRP A CZ3 1 
ATOM   906  C CH2 . TRP A 1 126 ? -0.247  -1.759  2.484   1.00 20.71 ? 126  TRP A CH2 1 
ATOM   907  N N   . GLU A 1 127 ? 0.748   -3.289  7.429   1.00 19.73 ? 127  GLU A N   1 
ATOM   908  C CA  . GLU A 1 127 ? 1.054   -4.378  6.488   1.00 20.91 ? 127  GLU A CA  1 
ATOM   909  C C   . GLU A 1 127 ? 0.534   -5.751  6.927   1.00 19.82 ? 127  GLU A C   1 
ATOM   910  O O   . GLU A 1 127 ? 0.109   -6.531  6.096   1.00 20.20 ? 127  GLU A O   1 
ATOM   911  C CB  . GLU A 1 127 ? 2.560   -4.478  6.241   1.00 21.65 ? 127  GLU A CB  1 
ATOM   912  C CG  . GLU A 1 127 ? 2.943   -5.395  5.056   1.00 23.95 ? 127  GLU A CG  1 
ATOM   913  C CD  . GLU A 1 127 ? 4.400   -5.856  5.133   1.00 25.02 ? 127  GLU A CD  1 
ATOM   914  O OE1 . GLU A 1 127 ? 5.241   -5.362  4.350   1.00 28.25 ? 127  GLU A OE1 1 
ATOM   915  O OE2 . GLU A 1 127 ? 4.699   -6.706  5.996   1.00 32.47 ? 127  GLU A OE2 1 
ATOM   916  N N   . SER A 1 128 ? 0.619   -6.041  8.220   1.00 19.95 ? 128  SER A N   1 
ATOM   917  C CA  . SER A 1 128 ? 0.036   -7.250  8.849   1.00 21.53 ? 128  SER A CA  1 
ATOM   918  C C   . SER A 1 128 ? -1.506  -7.317  8.647   1.00 20.78 ? 128  SER A C   1 
ATOM   919  O O   . SER A 1 128 ? -2.090  -8.352  8.281   1.00 20.52 ? 128  SER A O   1 
ATOM   920  C CB  . SER A 1 128 ? 0.424   -7.232  10.356  1.00 22.18 ? 128  SER A CB  1 
ATOM   921  O OG  . SER A 1 128 ? -0.449  -8.039  11.141  1.00 27.26 ? 128  SER A OG  1 
ATOM   922  N N   . ASN A 1 129 ? -2.161  -6.182  8.834   1.00 20.27 ? 129  ASN A N   1 
ATOM   923  C CA  . ASN A 1 129 ? -3.590  -6.050  8.535   1.00 19.95 ? 129  ASN A CA  1 
ATOM   924  C C   . ASN A 1 129 ? -3.880  -6.294  7.047   1.00 19.40 ? 129  ASN A C   1 
ATOM   925  O O   . ASN A 1 129 ? -4.685  -7.151  6.682   1.00 19.40 ? 129  ASN A O   1 
ATOM   926  C CB  . ASN A 1 129 ? -4.071  -4.653  8.957   1.00 19.10 ? 129  ASN A CB  1 
ATOM   927  C CG  . ASN A 1 129 ? -4.224  -4.502  10.470  1.00 21.45 ? 129  ASN A CG  1 
ATOM   928  O OD1 . ASN A 1 129 ? -4.498  -3.402  10.967  1.00 22.58 ? 129  ASN A OD1 1 
ATOM   929  N ND2 . ASN A 1 129 ? -4.064  -5.595  11.206  1.00 16.23 ? 129  ASN A ND2 1 
ATOM   930  N N   . PHE A 1 130 ? -3.230  -5.537  6.180   1.00 19.82 ? 130  PHE A N   1 
ATOM   931  C CA  . PHE A 1 130 ? -3.445  -5.652  4.724   1.00 19.89 ? 130  PHE A CA  1 
ATOM   932  C C   . PHE A 1 130 ? -3.242  -7.076  4.205   1.00 20.20 ? 130  PHE A C   1 
ATOM   933  O O   . PHE A 1 130 ? -4.053  -7.582  3.438   1.00 19.64 ? 130  PHE A O   1 
ATOM   934  C CB  . PHE A 1 130 ? -2.534  -4.686  3.978   1.00 19.67 ? 130  PHE A CB  1 
ATOM   935  C CG  . PHE A 1 130 ? -2.638  -4.776  2.473   1.00 19.68 ? 130  PHE A CG  1 
ATOM   936  C CD1 . PHE A 1 130 ? -3.763  -4.303  1.809   1.00 16.35 ? 130  PHE A CD1 1 
ATOM   937  C CD2 . PHE A 1 130 ? -1.575  -5.280  1.727   1.00 20.30 ? 130  PHE A CD2 1 
ATOM   938  C CE1 . PHE A 1 130 ? -3.846  -4.371  0.392   1.00 20.20 ? 130  PHE A CE1 1 
ATOM   939  C CE2 . PHE A 1 130 ? -1.641  -5.333  0.313   1.00 19.90 ? 130  PHE A CE2 1 
ATOM   940  C CZ  . PHE A 1 130 ? -2.779  -4.873  -0.345  1.00 19.24 ? 130  PHE A CZ  1 
ATOM   941  N N   . LEU A 1 131 ? -2.160  -7.713  4.626   1.00 19.39 ? 131  LEU A N   1 
ATOM   942  C CA  . LEU A 1 131 ? -1.909  -9.122  4.264   1.00 20.23 ? 131  LEU A CA  1 
ATOM   943  C C   . LEU A 1 131 ? -2.987  -10.103 4.756   1.00 19.81 ? 131  LEU A C   1 
ATOM   944  O O   . LEU A 1 131 ? -3.374  -11.004 4.009   1.00 19.52 ? 131  LEU A O   1 
ATOM   945  C CB  . LEU A 1 131 ? -0.492  -9.589  4.683   1.00 20.40 ? 131  LEU A CB  1 
ATOM   946  C CG  . LEU A 1 131 ? 0.625   -8.899  3.885   1.00 21.98 ? 131  LEU A CG  1 
ATOM   947  C CD1 . LEU A 1 131 ? 2.008   -9.252  4.422   1.00 22.93 ? 131  LEU A CD1 1 
ATOM   948  C CD2 . LEU A 1 131 ? 0.514   -9.189  2.357   1.00 24.82 ? 131  LEU A CD2 1 
ATOM   949  N N   . ALA A 1 132 ? -3.505  -9.892  5.966   1.00 19.78 ? 132  ALA A N   1 
ATOM   950  C CA  . ALA A 1 132 ? -4.675  -10.651 6.429   1.00 20.48 ? 132  ALA A CA  1 
ATOM   951  C C   . ALA A 1 132 ? -5.903  -10.471 5.527   1.00 20.82 ? 132  ALA A C   1 
ATOM   952  O O   . ALA A 1 132 ? -6.595  -11.451 5.197   1.00 21.46 ? 132  ALA A O   1 
ATOM   953  C CB  . ALA A 1 132 ? -5.013  -10.339 7.877   1.00 19.32 ? 132  ALA A CB  1 
ATOM   954  N N   . TYR A 1 133 ? -6.172  -9.231  5.142   1.00 20.53 ? 133  TYR A N   1 
ATOM   955  C CA  . TYR A 1 133 ? -7.317  -8.875  4.293   1.00 21.34 ? 133  TYR A CA  1 
ATOM   956  C C   . TYR A 1 133 ? -7.214  -9.542  2.936   1.00 22.10 ? 133  TYR A C   1 
ATOM   957  O O   . TYR A 1 133 ? -8.162  -10.141 2.472   1.00 23.13 ? 133  TYR A O   1 
ATOM   958  C CB  . TYR A 1 133 ? -7.359  -7.355  4.038   1.00 20.93 ? 133  TYR A CB  1 
ATOM   959  C CG  . TYR A 1 133 ? -7.501  -6.504  5.281   1.00 22.83 ? 133  TYR A CG  1 
ATOM   960  C CD1 . TYR A 1 133 ? -7.961  -7.042  6.472   1.00 22.04 ? 133  TYR A CD1 1 
ATOM   961  C CD2 . TYR A 1 133 ? -7.151  -5.127  5.254   1.00 24.46 ? 133  TYR A CD2 1 
ATOM   962  C CE1 . TYR A 1 133 ? -8.090  -6.259  7.619   1.00 24.94 ? 133  TYR A CE1 1 
ATOM   963  C CE2 . TYR A 1 133 ? -7.279  -4.331  6.394   1.00 22.12 ? 133  TYR A CE2 1 
ATOM   964  C CZ  . TYR A 1 133 ? -7.741  -4.902  7.556   1.00 24.28 ? 133  TYR A CZ  1 
ATOM   965  O OH  . TYR A 1 133 ? -7.844  -4.129  8.679   1.00 26.16 ? 133  TYR A OH  1 
ATOM   966  N N   . VAL A 1 134 ? -6.065  -9.389  2.285   1.00 22.81 ? 134  VAL A N   1 
ATOM   967  C CA  . VAL A 1 134 ? -5.799  -10.037 1.010   1.00 23.57 ? 134  VAL A CA  1 
ATOM   968  C C   . VAL A 1 134 ? -5.917  -11.568 1.051   1.00 23.48 ? 134  VAL A C   1 
ATOM   969  O O   . VAL A 1 134 ? -6.582  -12.159 0.211   1.00 23.45 ? 134  VAL A O   1 
ATOM   970  C CB  . VAL A 1 134 ? -4.429  -9.671  0.479   1.00 23.80 ? 134  VAL A CB  1 
ATOM   971  C CG1 . VAL A 1 134 ? -4.173  -10.434 -0.810  1.00 25.94 ? 134  VAL A CG1 1 
ATOM   972  C CG2 . VAL A 1 134 ? -4.349  -8.154  0.209   1.00 23.47 ? 134  VAL A CG2 1 
ATOM   973  N N   . ALA A 1 135 ? -5.288  -12.199 2.032   1.00 23.81 ? 135  ALA A N   1 
ATOM   974  C CA  . ALA A 1 135 ? -5.297  -13.665 2.122   1.00 24.97 ? 135  ALA A CA  1 
ATOM   975  C C   . ALA A 1 135 ? -6.690  -14.250 2.379   1.00 25.67 ? 135  ALA A C   1 
ATOM   976  O O   . ALA A 1 135 ? -6.919  -15.420 2.081   1.00 25.67 ? 135  ALA A O   1 
ATOM   977  C CB  . ALA A 1 135 ? -4.319  -14.138 3.186   1.00 24.81 ? 135  ALA A CB  1 
ATOM   978  N N   . THR A 1 136 ? -7.593  -13.437 2.957   1.00 26.31 ? 136  THR A N   1 
ATOM   979  C CA  . THR A 1 136 ? -8.992  -13.813 3.182   1.00 26.14 ? 136  THR A CA  1 
ATOM   980  C C   . THR A 1 136 ? -9.928  -13.197 2.122   1.00 27.83 ? 136  THR A C   1 
ATOM   981  O O   . THR A 1 136 ? -11.130 -13.209 2.276   1.00 28.38 ? 136  THR A O   1 
ATOM   982  C CB  . THR A 1 136 ? -9.493  -13.509 4.647   1.00 26.22 ? 136  THR A CB  1 
ATOM   983  O OG1 . THR A 1 136 ? -9.403  -12.108 4.967   1.00 22.94 ? 136  THR A OG1 1 
ATOM   984  C CG2 . THR A 1 136 ? -8.704  -14.310 5.656   1.00 24.06 ? 136  THR A CG2 1 
ATOM   985  N N   . GLU A 1 137 ? -9.363  -12.664 1.045   1.00 29.48 ? 137  GLU A N   1 
ATOM   986  C CA  . GLU A 1 137 ? -10.156 -12.120 -0.074  1.00 31.72 ? 137  GLU A CA  1 
ATOM   987  C C   . GLU A 1 137 ? -11.144 -11.019 0.337   1.00 31.60 ? 137  GLU A C   1 
ATOM   988  O O   . GLU A 1 137 ? -12.330 -11.045 -0.040  1.00 31.60 ? 137  GLU A O   1 
ATOM   989  C CB  . GLU A 1 137 ? -10.828 -13.278 -0.866  1.00 32.18 ? 137  GLU A CB  1 
ATOM   990  C CG  . GLU A 1 137 ? -9.791  -14.047 -1.715  1.00 33.98 ? 137  GLU A CG  1 
ATOM   991  C CD  . GLU A 1 137 ? -10.190 -15.464 -2.083  1.00 35.74 ? 137  GLU A CD  1 
ATOM   992  O OE1 . GLU A 1 137 ? -11.348 -15.688 -2.532  1.00 40.08 ? 137  GLU A OE1 1 
ATOM   993  O OE2 . GLU A 1 137 ? -9.319  -16.364 -1.947  1.00 41.74 ? 137  GLU A OE2 1 
ATOM   994  N N   . ALA A 1 138 ? -10.654 -10.049 1.118   1.00 30.80 ? 138  ALA A N   1 
ATOM   995  C CA  . ALA A 1 138 ? -11.476 -8.928  1.535   1.00 30.96 ? 138  ALA A CA  1 
ATOM   996  C C   . ALA A 1 138 ? -11.822 -8.017  0.356   1.00 31.29 ? 138  ALA A C   1 
ATOM   997  O O   . ALA A 1 138 ? -12.817 -7.307  0.385   1.00 31.11 ? 138  ALA A O   1 
ATOM   998  C CB  . ALA A 1 138 ? -10.769 -8.139  2.611   1.00 30.88 ? 138  ALA A CB  1 
ATOM   999  N N   . PHE A 1 139 ? -10.991 -8.035  -0.669  1.00 32.39 ? 139  PHE A N   1 
ATOM   1000 C CA  . PHE A 1 139 ? -11.175 -7.154  -1.810  1.00 34.08 ? 139  PHE A CA  1 
ATOM   1001 C C   . PHE A 1 139 ? -11.740 -7.912  -3.018  1.00 35.57 ? 139  PHE A C   1 
ATOM   1002 O O   . PHE A 1 139 ? -11.006 -8.642  -3.674  1.00 35.85 ? 139  PHE A O   1 
ATOM   1003 C CB  . PHE A 1 139 ? -9.834  -6.504  -2.194  1.00 32.89 ? 139  PHE A CB  1 
ATOM   1004 C CG  . PHE A 1 139 ? -9.138  -5.793  -1.053  1.00 32.47 ? 139  PHE A CG  1 
ATOM   1005 C CD1 . PHE A 1 139 ? -9.615  -4.577  -0.575  1.00 30.17 ? 139  PHE A CD1 1 
ATOM   1006 C CD2 . PHE A 1 139 ? -7.989  -6.347  -0.465  1.00 31.59 ? 139  PHE A CD2 1 
ATOM   1007 C CE1 . PHE A 1 139 ? -8.968  -3.912  0.498   1.00 30.76 ? 139  PHE A CE1 1 
ATOM   1008 C CE2 . PHE A 1 139 ? -7.327  -5.682  0.593   1.00 30.69 ? 139  PHE A CE2 1 
ATOM   1009 C CZ  . PHE A 1 139 ? -7.818  -4.473  1.070   1.00 29.98 ? 139  PHE A CZ  1 
ATOM   1010 N N   . ASP A 1 140 ? -13.022 -7.698  -3.324  1.00 37.94 ? 140  ASP A N   1 
ATOM   1011 C CA  . ASP A 1 140 ? -13.653 -8.243  -4.549  1.00 40.45 ? 140  ASP A CA  1 
ATOM   1012 C C   . ASP A 1 140 ? -13.222 -7.598  -5.882  1.00 41.98 ? 140  ASP A C   1 
ATOM   1013 O O   . ASP A 1 140 ? -13.740 -7.970  -6.937  1.00 43.03 ? 140  ASP A O   1 
ATOM   1014 C CB  . ASP A 1 140 ? -15.188 -8.235  -4.432  1.00 40.61 ? 140  ASP A CB  1 
ATOM   1015 C CG  . ASP A 1 140 ? -15.740 -6.964  -3.783  1.00 42.70 ? 140  ASP A CG  1 
ATOM   1016 O OD1 . ASP A 1 140 ? -15.027 -6.355  -2.969  1.00 46.69 ? 140  ASP A OD1 1 
ATOM   1017 O OD2 . ASP A 1 140 ? -16.902 -6.586  -4.056  1.00 41.78 ? 140  ASP A OD2 1 
ATOM   1018 N N   . ASP A 1 141 ? -12.273 -6.654  -5.842  1.00 42.91 ? 141  ASP A N   1 
ATOM   1019 C CA  . ASP A 1 141 ? -11.899 -5.844  -7.010  1.00 43.73 ? 141  ASP A CA  1 
ATOM   1020 C C   . ASP A 1 141 ? -10.425 -5.462  -6.931  1.00 44.17 ? 141  ASP A C   1 
ATOM   1021 O O   . ASP A 1 141 ? -10.071 -4.475  -6.287  1.00 44.50 ? 141  ASP A O   1 
ATOM   1022 C CB  . ASP A 1 141 ? -12.798 -4.584  -7.045  1.00 44.32 ? 141  ASP A CB  1 
ATOM   1023 C CG  . ASP A 1 141 ? -12.525 -3.636  -8.242  1.00 45.35 ? 141  ASP A CG  1 
ATOM   1024 O OD1 . ASP A 1 141 ? -11.537 -3.806  -9.003  1.00 45.93 ? 141  ASP A OD1 1 
ATOM   1025 O OD2 . ASP A 1 141 ? -13.324 -2.673  -8.385  1.00 46.79 ? 141  ASP A OD2 1 
ATOM   1026 N N   . ILE A 1 142 ? -9.563  -6.243  -7.572  1.00 44.69 ? 142  ILE A N   1 
ATOM   1027 C CA  . ILE A 1 142 ? -8.129  -5.925  -7.635  1.00 45.33 ? 142  ILE A CA  1 
ATOM   1028 C C   . ILE A 1 142 ? -7.705  -5.681  -9.082  1.00 46.36 ? 142  ILE A C   1 
ATOM   1029 O O   . ILE A 1 142 ? -7.767  -6.592  -9.915  1.00 46.84 ? 142  ILE A O   1 
ATOM   1030 C CB  . ILE A 1 142 ? -7.253  -7.049  -7.044  1.00 45.14 ? 142  ILE A CB  1 
ATOM   1031 C CG1 . ILE A 1 142 ? -7.641  -7.346  -5.590  1.00 45.23 ? 142  ILE A CG1 1 
ATOM   1032 C CG2 . ILE A 1 142 ? -5.784  -6.690  -7.157  1.00 45.33 ? 142  ILE A CG2 1 
ATOM   1033 C CD1 . ILE A 1 142 ? -6.812  -8.439  -4.942  1.00 45.21 ? 142  ILE A CD1 1 
ATOM   1034 N N   . SER A 1 143 ? -7.269  -4.463  -9.380  1.00 47.21 ? 143  SER A N   1 
ATOM   1035 C CA  . SER A 1 143 ? -6.944  -4.074  -10.751 1.00 48.06 ? 143  SER A CA  1 
ATOM   1036 C C   . SER A 1 143 ? -5.481  -3.650  -10.888 1.00 48.66 ? 143  SER A C   1 
ATOM   1037 O O   . SER A 1 143 ? -4.866  -3.196  -9.912  1.00 48.91 ? 143  SER A O   1 
ATOM   1038 C CB  . SER A 1 143 ? -7.868  -2.937  -11.200 1.00 48.20 ? 143  SER A CB  1 
ATOM   1039 O OG  . SER A 1 143 ? -7.395  -1.691  -10.718 1.00 48.97 ? 143  SER A OG  1 
ATOM   1040 N N   . LEU A 1 144 ? -4.929  -3.811  -12.092 1.00 48.87 ? 144  LEU A N   1 
ATOM   1041 C CA  . LEU A 1 144 ? -3.575  -3.342  -12.416 1.00 49.70 ? 144  LEU A CA  1 
ATOM   1042 C C   . LEU A 1 144 ? -3.621  -2.411  -13.638 1.00 50.16 ? 144  LEU A C   1 
ATOM   1043 O O   . LEU A 1 144 ? -4.353  -2.673  -14.585 1.00 50.85 ? 144  LEU A O   1 
ATOM   1044 C CB  . LEU A 1 144 ? -2.631  -4.533  -12.640 1.00 49.54 ? 144  LEU A CB  1 
ATOM   1045 C CG  . LEU A 1 144 ? -1.128  -4.243  -12.625 1.00 49.80 ? 144  LEU A CG  1 
ATOM   1046 C CD1 . LEU A 1 144 ? -0.328  -5.322  -11.912 1.00 50.87 ? 144  LEU A CD1 1 
ATOM   1047 C CD2 . LEU A 1 144 ? -0.606  -4.045  -14.036 1.00 51.79 ? 144  LEU A CD2 1 
ATOM   1048 N N   . THR A 1 145 ? -2.864  -1.318  -13.608 1.00 50.47 ? 145  THR A N   1 
ATOM   1049 C CA  . THR A 1 145 ? -2.945  -0.306  -14.660 1.00 50.78 ? 145  THR A CA  1 
ATOM   1050 C C   . THR A 1 145 ? -1.559  0.094   -15.159 1.00 50.68 ? 145  THR A C   1 
ATOM   1051 O O   . THR A 1 145 ? -0.653  0.335   -14.367 1.00 50.90 ? 145  THR A O   1 
ATOM   1052 C CB  . THR A 1 145 ? -3.730  0.955   -14.190 1.00 51.02 ? 145  THR A CB  1 
ATOM   1053 O OG1 . THR A 1 145 ? -5.057  0.583   -13.800 1.00 51.70 ? 145  THR A OG1 1 
ATOM   1054 C CG2 . THR A 1 145 ? -3.833  1.984   -15.302 1.00 51.36 ? 145  THR A CG2 1 
HETATM 1055 O O   . HOH B 2 .   ? 18.148  -8.543  -0.084  1.00 62.45 ? 2001 HOH A O   1 
HETATM 1056 O O   . HOH B 2 .   ? -11.616 -0.960  -10.876 1.00 47.14 ? 2002 HOH A O   1 
HETATM 1057 O O   . HOH B 2 .   ? -12.480 -0.712  -0.819  1.00 35.98 ? 2003 HOH A O   1 
HETATM 1058 O O   . HOH B 2 .   ? -21.278 -3.844  -2.671  1.00 49.36 ? 2004 HOH A O   1 
HETATM 1059 O O   . HOH B 2 .   ? -23.320 -0.439  1.619   1.00 51.77 ? 2005 HOH A O   1 
HETATM 1060 O O   . HOH B 2 .   ? -9.483  -1.540  5.917   1.00 20.74 ? 2006 HOH A O   1 
HETATM 1061 O O   . HOH B 2 .   ? -7.745  -2.239  3.641   1.00 20.87 ? 2007 HOH A O   1 
HETATM 1062 O O   . HOH B 2 .   ? 11.688  -0.753  -3.208  1.00 46.09 ? 2008 HOH A O   1 
HETATM 1063 O O   . HOH B 2 .   ? 5.570   5.348   -9.906  1.00 56.46 ? 2009 HOH A O   1 
HETATM 1064 O O   . HOH B 2 .   ? -5.519  -1.351  4.259   1.00 21.42 ? 2010 HOH A O   1 
HETATM 1065 O O   . HOH B 2 .   ? -14.755 10.178  -3.176  1.00 42.84 ? 2011 HOH A O   1 
HETATM 1066 O O   . HOH B 2 .   ? -12.613 15.261  2.036   1.00 46.27 ? 2012 HOH A O   1 
HETATM 1067 O O   . HOH B 2 .   ? -6.612  12.636  -0.179  1.00 36.52 ? 2013 HOH A O   1 
HETATM 1068 O O   . HOH B 2 .   ? -3.907  11.134  -3.450  1.00 41.31 ? 2014 HOH A O   1 
HETATM 1069 O O   . HOH B 2 .   ? -5.219  8.832   9.242   1.00 35.13 ? 2015 HOH A O   1 
HETATM 1070 O O   . HOH B 2 .   ? 3.342   10.682  2.445   1.00 24.82 ? 2016 HOH A O   1 
HETATM 1071 O O   . HOH B 2 .   ? 12.310  6.227   0.928   1.00 45.57 ? 2017 HOH A O   1 
HETATM 1072 O O   . HOH B 2 .   ? 8.618   18.158  0.667   1.00 34.24 ? 2018 HOH A O   1 
HETATM 1073 O O   . HOH B 2 .   ? 13.457  12.882  -0.778  1.00 46.15 ? 2019 HOH A O   1 
HETATM 1074 O O   . HOH B 2 .   ? -3.050  16.365  9.408   1.00 50.32 ? 2020 HOH A O   1 
HETATM 1075 O O   . HOH B 2 .   ? -7.875  6.690   12.731  1.00 53.15 ? 2021 HOH A O   1 
HETATM 1076 O O   . HOH B 2 .   ? 7.304   10.615  13.646  1.00 45.32 ? 2022 HOH A O   1 
HETATM 1077 O O   . HOH B 2 .   ? 8.737   1.496   18.839  1.00 41.75 ? 2023 HOH A O   1 
HETATM 1078 O O   . HOH B 2 .   ? 10.383  -3.433  16.737  1.00 33.88 ? 2024 HOH A O   1 
HETATM 1079 O O   . HOH B 2 .   ? 3.394   -2.847  19.405  1.00 38.13 ? 2025 HOH A O   1 
HETATM 1080 O O   . HOH B 2 .   ? 3.926   -6.727  9.876   1.00 40.76 ? 2026 HOH A O   1 
HETATM 1081 O O   . HOH B 2 .   ? -4.204  -2.523  6.517   1.00 23.89 ? 2027 HOH A O   1 
HETATM 1082 O O   . HOH B 2 .   ? 3.257   -8.306  7.926   1.00 39.92 ? 2028 HOH A O   1 
HETATM 1083 O O   . HOH B 2 .   ? -5.188  -1.486  8.782   1.00 27.99 ? 2029 HOH A O   1 
HETATM 1084 O O   . HOH B 2 .   ? -7.304  -11.810 -2.994  1.00 44.61 ? 2030 HOH A O   1 
HETATM 1085 O O   . HOH B 2 .   ? -11.814 -10.994 5.035   1.00 30.04 ? 2031 HOH A O   1 
HETATM 1086 O O   . HOH B 2 .   ? -14.788 -8.104  1.298   1.00 37.11 ? 2032 HOH A O   1 
HETATM 1087 O O   . HOH B 2 .   ? -8.399  -9.916  -1.638  1.00 35.14 ? 2033 HOH A O   1 
HETATM 1088 O O   . HOH B 2 .   ? -17.161 -7.879  -1.121  1.00 56.12 ? 2034 HOH A O   1 
HETATM 1089 O O   . HOH B 2 .   ? -15.393 -1.260  -6.906  1.00 51.80 ? 2035 HOH A O   1 
# 
